data_8HW2
#
_entry.id   8HW2
#
_cell.length_a   1.00
_cell.length_b   1.00
_cell.length_c   1.00
_cell.angle_alpha   90.00
_cell.angle_beta   90.00
_cell.angle_gamma   90.00
#
_symmetry.space_group_name_H-M   'P 1'
#
loop_
_entity.id
_entity.type
_entity.pdbx_description
1 polymer 'ATP-binding cassette sub-family C member 3'
2 non-polymer Estradiol-17beta-glucuronide
#
_entity_poly.entity_id   1
_entity_poly.type   'polypeptide(L)'
_entity_poly.pdbx_seq_one_letter_code
;MDALCGSGELGSKFWDSNLSVHTENPDLTPCFQNSLLAWVPCIYLWVALPCYLLYLRHHCRGYIILSHLSKLKMVLGVLL
WCVSWADLFYSFHGLVHGRAPAPVFFVTPLVVGVTMLLATLLIQYERLQGVQSSGVLIIFWFLCVVCAIVPFRSKILLAK
AEGEISDPFRFTTFYIHFALVLSALILACFREKPPFFSAKNVDPNPYPETSAGFLSRLFFWWFTKMAIYGYRHPLEEKDL
WSLKEEDRSQMVVQQLLEAWRKQEKQTARHKASAAPGKNASGEDEVLLGARPRPRKPSFLKALLATFGSSFLISACFKLI
QDLLSFINPQLLSILIRFISNPMAPSWWGFLVAGLMFLCSMMQSLILQHYYHYIFVTGVKFRTGIMGVIYRKALVITNSV
KRASTVGEIVNLMSVDAQRFMDLAPFLNLLWSAPLQIILAIYFLWQNLGPSVLAGVAFMVLLIPLNGAVAVKMRAFQVKQ
MKLKDSRIKLMSEILNGIKVLKLYAWEPSFLKQVEGIRQGELQLLRTAAYLHTTTTFTWMCSPFLVTLITLWVYVYVDPN
NVLDAEKAFVSVSLFNILRLPLNMLPQLISNLTQASVSLKRIQQFLSQEELDPQSVERKTISPGYAITIHSGTFTWAQDL
PPTLHSLDIQVPKGALVAVVGPVGCGKSSLVSALLGEMEKLEGKVHMKGSVAYVPQQAWIQNCTLQENVLFGKALNPKRY
QQTLEACALLADLEMLPGGDQTEIGEKGINLSGGQRQRVSLARAVYSDADIFLLDDPLSAVDSHVAKHIFDHVIGPEGVL
AGKTRVLVTHGISFLPQTDFIIVLADGQVSEMGPYPALLQRNGSFANFLCNYAPDEDQGHLEDSWTALEGAEDKEALLIE
DTLSNHTDLTDNDPVTYVVQKQFMRQLSALSSDGEGQGRPVPRRHLGPSEKVQVTEAKADGALTQEEKAAIGTVELSVFW
DYAKAVGLCTTLAICLLYVGQSAAAIGANVWLSAWTNDAMADSRQNNTSLRLGVYAALGILQGFLVMLAAMAMAAGGIQA
ARVLHQALLHNKIRSPQSFFDTTPSGRILNCFSKDIYVVDEVLAPVILMLLNSFFNAISTLVVIMASTPLFTVVILPLAV
LYTLVQRFYAATSRQLKRLESVSRSPIYSHFSETVTGASVIRAYNRSRDFEIISDTKVDANQRSCYPYIISNRWLSIGVE
FVGNCVVLFAALFAVIGRSSLNPGLVGLSVSYSLQVTFALNWMIRMMSDLESNIVAVERVKEYSKTETEAPWVVEGSRPP
EGWPPRGEVEFRNYSVRYRPGLDLVLRDLSLHVHGGEKVGIVGRTGAGKSSMTLCLFRILEAAKGEIRIDGLNVADIGLH
DLRSQLTIIPQDPILFSGTLRMNLDPFGSYSEEDIWWALELSHLHTFVSSQPAGLDFQCSEGGENLSVGQRQLVCLARAL
LRKSRILVLDEATAAIDLETDNLIQATIRTQFDTCTVLTIAHRLNTIMDYTRVLVLDKGVVAEFDSPANLIAARGIFYGM
ARDAGLA
;
_entity_poly.pdbx_strand_id   A
#
# COMPACT_ATOMS: atom_id res chain seq x y z
N PHE A 32 40.13 -21.37 40.82
CA PHE A 32 39.83 -22.75 41.18
C PHE A 32 40.42 -23.09 42.55
N GLN A 33 40.23 -22.19 43.52
CA GLN A 33 40.72 -22.39 44.87
C GLN A 33 39.70 -23.09 45.77
N ASN A 34 38.51 -22.51 45.93
CA ASN A 34 37.45 -23.10 46.71
C ASN A 34 36.13 -23.17 45.97
N SER A 35 35.87 -22.22 45.06
CA SER A 35 34.63 -22.18 44.30
C SER A 35 34.75 -22.86 42.95
N LEU A 36 35.66 -23.82 42.81
CA LEU A 36 35.76 -24.57 41.56
C LEU A 36 34.54 -25.48 41.37
N LEU A 37 33.79 -25.73 42.43
CA LEU A 37 32.65 -26.63 42.42
C LEU A 37 31.41 -26.03 41.78
N ALA A 38 31.42 -24.73 41.47
CA ALA A 38 30.25 -24.05 40.93
C ALA A 38 29.76 -24.65 39.61
N TRP A 39 30.49 -25.59 39.03
CA TRP A 39 30.07 -26.26 37.81
C TRP A 39 29.14 -27.44 38.05
N VAL A 40 28.74 -27.71 39.29
CA VAL A 40 27.79 -28.79 39.55
C VAL A 40 26.46 -28.58 38.82
N PRO A 41 25.81 -27.41 38.87
CA PRO A 41 24.53 -27.30 38.17
C PRO A 41 24.65 -27.28 36.67
N CYS A 42 25.64 -26.56 36.12
CA CYS A 42 25.67 -26.28 34.69
C CYS A 42 25.65 -27.56 33.86
N ILE A 43 26.69 -28.40 34.03
CA ILE A 43 26.76 -29.64 33.26
C ILE A 43 25.52 -30.48 33.48
N TYR A 44 24.89 -30.35 34.66
CA TYR A 44 23.64 -31.06 34.93
C TYR A 44 22.64 -30.85 33.82
N LEU A 45 22.42 -29.59 33.43
CA LEU A 45 21.46 -29.30 32.37
C LEU A 45 21.84 -30.01 31.08
N TRP A 46 23.13 -30.05 30.76
CA TRP A 46 23.56 -30.65 29.52
C TRP A 46 23.37 -32.16 29.50
N VAL A 47 23.05 -32.76 30.64
CA VAL A 47 22.49 -34.11 30.66
C VAL A 47 21.04 -34.11 31.11
N ALA A 48 20.59 -33.08 31.83
CA ALA A 48 19.20 -33.06 32.29
C ALA A 48 18.23 -32.71 31.15
N LEU A 49 18.62 -31.78 30.29
CA LEU A 49 17.71 -31.32 29.25
C LEU A 49 17.25 -32.42 28.29
N PRO A 50 18.14 -33.17 27.61
CA PRO A 50 17.67 -34.05 26.53
C PRO A 50 16.76 -35.17 27.03
N CYS A 51 17.23 -35.98 27.97
CA CYS A 51 16.47 -37.13 28.42
C CYS A 51 15.11 -36.70 28.97
N TYR A 52 15.09 -35.63 29.77
CA TYR A 52 13.83 -35.11 30.28
C TYR A 52 12.95 -34.59 29.16
N LEU A 53 13.55 -33.95 28.14
CA LEU A 53 12.78 -33.32 27.09
C LEU A 53 11.87 -34.31 26.36
N LEU A 54 12.32 -35.55 26.21
CA LEU A 54 11.50 -36.55 25.53
C LEU A 54 10.16 -36.75 26.23
N TYR A 55 10.14 -36.61 27.56
CA TYR A 55 8.87 -36.75 28.28
C TYR A 55 7.87 -35.68 27.85
N LEU A 56 8.36 -34.50 27.44
CA LEU A 56 7.48 -33.45 26.96
C LEU A 56 7.07 -33.65 25.51
N ARG A 57 7.59 -34.68 24.84
CA ARG A 57 7.23 -35.00 23.47
C ARG A 57 6.34 -36.23 23.35
N HIS A 58 6.63 -37.29 24.11
CA HIS A 58 5.76 -38.46 24.10
C HIS A 58 4.35 -38.09 24.56
N HIS A 59 4.25 -37.28 25.62
CA HIS A 59 3.01 -36.60 25.96
C HIS A 59 3.08 -35.21 25.35
N CYS A 60 2.06 -34.83 24.58
CA CYS A 60 2.22 -33.74 23.63
C CYS A 60 1.66 -32.40 24.10
N ARG A 61 0.37 -32.33 24.44
CA ARG A 61 -0.29 -31.03 24.52
C ARG A 61 -0.01 -30.33 25.85
N GLY A 62 -0.55 -30.88 26.94
CA GLY A 62 -0.27 -30.37 28.28
C GLY A 62 -0.89 -29.03 28.60
N TYR A 63 -0.36 -27.98 27.99
CA TYR A 63 -0.88 -26.60 28.06
C TYR A 63 -1.15 -26.17 29.51
N ILE A 64 -0.06 -26.01 30.26
CA ILE A 64 -0.15 -25.32 31.54
C ILE A 64 -0.68 -23.91 31.32
N ILE A 65 -1.62 -23.51 32.18
CA ILE A 65 -2.14 -22.15 32.15
C ILE A 65 -1.13 -21.21 32.78
N LEU A 66 -1.00 -20.02 32.21
CA LEU A 66 -0.02 -19.05 32.69
C LEU A 66 -0.59 -18.32 33.91
N SER A 67 -0.08 -18.65 35.08
CA SER A 67 -0.26 -17.80 36.24
C SER A 67 0.94 -16.86 36.37
N HIS A 68 0.71 -15.73 37.04
CA HIS A 68 1.76 -14.72 37.15
C HIS A 68 2.97 -15.23 37.93
N LEU A 69 2.82 -16.31 38.69
CA LEU A 69 3.98 -16.97 39.27
C LEU A 69 4.98 -17.39 38.19
N SER A 70 4.47 -17.83 37.04
CA SER A 70 5.35 -18.16 35.92
C SER A 70 6.08 -16.92 35.41
N LYS A 71 5.38 -15.78 35.34
CA LYS A 71 6.01 -14.55 34.89
C LYS A 71 7.13 -14.12 35.83
N LEU A 72 6.89 -14.24 37.13
CA LEU A 72 7.94 -13.92 38.11
C LEU A 72 9.11 -14.89 37.98
N LYS A 73 8.81 -16.19 37.83
CA LYS A 73 9.86 -17.19 37.65
C LYS A 73 10.71 -16.87 36.44
N MET A 74 10.08 -16.36 35.38
CA MET A 74 10.81 -15.88 34.23
C MET A 74 11.69 -14.68 34.56
N VAL A 75 11.09 -13.58 35.02
CA VAL A 75 11.81 -12.31 35.06
C VAL A 75 12.94 -12.35 36.09
N LEU A 76 12.78 -13.13 37.16
CA LEU A 76 13.86 -13.22 38.13
C LEU A 76 15.07 -13.92 37.54
N GLY A 77 14.85 -14.87 36.63
CA GLY A 77 15.96 -15.43 35.89
C GLY A 77 16.72 -14.39 35.10
N VAL A 78 16.00 -13.46 34.45
CA VAL A 78 16.64 -12.40 33.69
C VAL A 78 17.44 -11.49 34.61
N LEU A 79 16.90 -11.17 35.78
CA LEU A 79 17.63 -10.33 36.73
C LEU A 79 18.90 -11.03 37.22
N LEU A 80 18.82 -12.32 37.53
CA LEU A 80 20.03 -13.03 37.90
C LEU A 80 20.99 -13.06 36.72
N TRP A 81 20.47 -13.10 35.50
CA TRP A 81 21.34 -13.05 34.33
C TRP A 81 22.09 -11.73 34.26
N CYS A 82 21.41 -10.61 34.52
CA CYS A 82 22.09 -9.34 34.40
C CYS A 82 23.15 -9.18 35.49
N VAL A 83 22.90 -9.75 36.68
CA VAL A 83 23.99 -9.69 37.67
C VAL A 83 25.14 -10.62 37.27
N SER A 84 24.84 -11.78 36.67
CA SER A 84 25.87 -12.67 36.13
C SER A 84 26.59 -12.07 34.94
N TRP A 85 26.05 -10.99 34.38
CA TRP A 85 26.75 -10.14 33.42
C TRP A 85 27.63 -9.10 34.11
N ALA A 86 27.11 -8.49 35.18
CA ALA A 86 27.85 -7.46 35.89
C ALA A 86 29.15 -8.02 36.46
N ASP A 87 29.09 -9.20 37.06
CA ASP A 87 30.34 -9.77 37.58
C ASP A 87 31.30 -10.12 36.45
N LEU A 88 30.77 -10.57 35.30
CA LEU A 88 31.62 -10.88 34.17
C LEU A 88 32.37 -9.66 33.67
N PHE A 89 31.68 -8.53 33.54
CA PHE A 89 32.42 -7.33 33.14
C PHE A 89 33.27 -6.75 34.25
N TYR A 90 32.99 -7.04 35.52
CA TYR A 90 33.99 -6.70 36.53
C TYR A 90 35.26 -7.52 36.30
N SER A 91 35.11 -8.79 35.93
CA SER A 91 36.28 -9.60 35.60
C SER A 91 37.02 -9.03 34.41
N PHE A 92 36.29 -8.63 33.37
CA PHE A 92 36.91 -7.99 32.21
C PHE A 92 37.50 -6.62 32.52
N HIS A 93 37.06 -5.97 33.59
CA HIS A 93 37.68 -4.71 33.99
C HIS A 93 39.15 -4.90 34.33
N GLY A 94 39.54 -6.12 34.71
CA GLY A 94 40.94 -6.43 34.94
C GLY A 94 41.80 -6.34 33.70
N LEU A 95 41.17 -6.28 32.51
CA LEU A 95 41.93 -6.06 31.27
C LEU A 95 42.81 -4.83 31.38
N VAL A 96 42.23 -3.71 31.84
CA VAL A 96 43.04 -2.55 32.16
C VAL A 96 43.65 -2.72 33.56
N HIS A 97 44.60 -1.86 33.88
CA HIS A 97 45.34 -1.77 35.14
C HIS A 97 46.44 -2.83 35.25
N GLY A 98 46.74 -3.58 34.20
CA GLY A 98 47.98 -4.32 34.19
C GLY A 98 47.97 -5.79 33.81
N ARG A 99 46.95 -6.54 34.21
CA ARG A 99 47.01 -7.99 34.11
C ARG A 99 45.99 -8.52 33.11
N ALA A 100 46.32 -9.66 32.51
CA ALA A 100 45.29 -10.43 31.84
C ALA A 100 44.45 -11.16 32.89
N PRO A 101 43.15 -11.36 32.64
CA PRO A 101 42.31 -12.05 33.63
C PRO A 101 42.81 -13.45 33.92
N ALA A 102 42.65 -13.88 35.17
CA ALA A 102 43.07 -15.19 35.59
C ALA A 102 42.26 -16.27 34.86
N PRO A 103 42.80 -17.50 34.74
CA PRO A 103 42.20 -18.47 33.81
C PRO A 103 40.70 -18.72 34.03
N VAL A 104 40.30 -19.21 35.19
CA VAL A 104 38.86 -19.35 35.43
C VAL A 104 38.33 -18.13 36.19
N PHE A 105 38.17 -17.02 35.47
CA PHE A 105 37.44 -15.81 35.83
C PHE A 105 36.48 -15.39 34.72
N PHE A 106 36.87 -15.57 33.46
CA PHE A 106 36.06 -15.16 32.33
C PHE A 106 35.42 -16.35 31.62
N VAL A 107 35.22 -17.46 32.35
CA VAL A 107 34.58 -18.63 31.77
C VAL A 107 33.38 -19.06 32.61
N THR A 108 33.56 -19.20 33.93
CA THR A 108 32.48 -19.75 34.75
C THR A 108 31.30 -18.80 34.98
N PRO A 109 31.49 -17.49 35.17
CA PRO A 109 30.30 -16.62 35.23
C PRO A 109 29.53 -16.65 33.93
N LEU A 110 30.24 -16.77 32.80
CA LEU A 110 29.62 -16.78 31.49
C LEU A 110 29.01 -18.12 31.13
N VAL A 111 29.26 -19.17 31.91
CA VAL A 111 28.56 -20.44 31.70
C VAL A 111 27.36 -20.47 32.63
N VAL A 112 27.49 -19.85 33.81
CA VAL A 112 26.32 -19.68 34.67
C VAL A 112 25.26 -18.85 33.95
N GLY A 113 25.69 -17.78 33.28
CA GLY A 113 24.83 -16.89 32.54
C GLY A 113 24.37 -17.39 31.19
N VAL A 114 24.67 -18.63 30.83
CA VAL A 114 24.02 -19.22 29.66
C VAL A 114 23.16 -20.38 30.15
N THR A 115 23.57 -21.02 31.25
CA THR A 115 22.74 -22.07 31.82
C THR A 115 21.43 -21.50 32.35
N MET A 116 21.47 -20.35 33.02
CA MET A 116 20.20 -19.83 33.51
C MET A 116 19.42 -19.09 32.42
N LEU A 117 20.08 -18.70 31.33
CA LEU A 117 19.32 -18.35 30.13
C LEU A 117 18.53 -19.55 29.62
N LEU A 118 19.17 -20.72 29.60
CA LEU A 118 18.44 -21.94 29.24
C LEU A 118 17.32 -22.20 30.23
N ALA A 119 17.54 -21.90 31.51
CA ALA A 119 16.48 -22.05 32.50
C ALA A 119 15.29 -21.15 32.18
N THR A 120 15.55 -19.90 31.83
CA THR A 120 14.47 -18.97 31.46
C THR A 120 13.73 -19.48 30.23
N LEU A 121 14.46 -19.92 29.21
CA LEU A 121 13.82 -20.41 28.00
C LEU A 121 13.00 -21.66 28.27
N LEU A 122 13.51 -22.55 29.12
CA LEU A 122 12.75 -23.75 29.48
C LEU A 122 11.51 -23.40 30.27
N ILE A 123 11.57 -22.37 31.11
CA ILE A 123 10.37 -21.89 31.79
C ILE A 123 9.34 -21.41 30.78
N GLN A 124 9.78 -20.60 29.82
CA GLN A 124 8.86 -20.13 28.79
C GLN A 124 8.30 -21.27 27.95
N TYR A 125 9.05 -22.36 27.80
CA TYR A 125 8.58 -23.46 26.97
C TYR A 125 7.61 -24.36 27.72
N GLU A 126 7.90 -24.63 28.99
CA GLU A 126 6.94 -25.39 29.81
C GLU A 126 5.71 -24.56 30.13
N ARG A 127 5.79 -23.24 29.95
CA ARG A 127 4.58 -22.42 29.96
C ARG A 127 3.58 -22.89 28.91
N LEU A 128 4.08 -23.52 27.84
CA LEU A 128 3.24 -24.12 26.80
C LEU A 128 3.41 -25.64 26.80
N GLN A 129 3.45 -26.23 27.99
CA GLN A 129 3.55 -27.68 28.15
C GLN A 129 2.62 -28.09 29.29
N GLY A 130 2.81 -29.28 29.82
CA GLY A 130 1.87 -29.79 30.82
C GLY A 130 2.43 -30.48 32.04
N VAL A 131 3.58 -30.05 32.53
CA VAL A 131 4.19 -30.68 33.69
C VAL A 131 3.54 -30.13 34.96
N GLN A 132 2.97 -31.02 35.78
CA GLN A 132 2.48 -30.61 37.09
C GLN A 132 3.63 -30.21 38.00
N SER A 133 4.80 -30.82 37.80
CA SER A 133 6.02 -30.42 38.47
C SER A 133 7.18 -30.86 37.61
N SER A 134 8.35 -30.27 37.85
CA SER A 134 9.50 -30.56 37.01
C SER A 134 10.11 -31.92 37.35
N GLY A 135 10.57 -32.08 38.59
CA GLY A 135 11.35 -33.23 38.97
C GLY A 135 12.81 -33.13 38.61
N VAL A 136 13.19 -32.16 37.78
CA VAL A 136 14.57 -31.90 37.42
C VAL A 136 14.97 -30.47 37.75
N LEU A 137 14.12 -29.49 37.40
CA LEU A 137 14.35 -28.11 37.81
C LEU A 137 14.36 -27.97 39.32
N ILE A 138 13.63 -28.83 40.03
CA ILE A 138 13.73 -28.87 41.48
C ILE A 138 15.15 -29.23 41.90
N ILE A 139 15.71 -30.27 41.25
CA ILE A 139 17.08 -30.67 41.54
C ILE A 139 18.06 -29.60 41.06
N PHE A 140 17.75 -28.95 39.93
CA PHE A 140 18.47 -27.75 39.51
C PHE A 140 18.67 -26.76 40.65
N TRP A 141 17.56 -26.28 41.21
CA TRP A 141 17.67 -25.27 42.26
C TRP A 141 18.27 -25.84 43.54
N PHE A 142 17.98 -27.10 43.86
CA PHE A 142 18.60 -27.75 45.02
C PHE A 142 20.12 -27.73 44.91
N LEU A 143 20.65 -28.20 43.78
CA LEU A 143 22.09 -28.19 43.58
C LEU A 143 22.66 -26.79 43.47
N CYS A 144 21.86 -25.83 42.97
CA CYS A 144 22.32 -24.44 42.98
C CYS A 144 22.56 -23.95 44.40
N VAL A 145 21.67 -24.30 45.33
CA VAL A 145 21.89 -23.92 46.73
C VAL A 145 23.04 -24.73 47.32
N VAL A 146 23.16 -26.01 46.96
CA VAL A 146 24.19 -26.86 47.53
C VAL A 146 25.58 -26.35 47.13
N CYS A 147 25.76 -26.02 45.85
CA CYS A 147 27.03 -25.52 45.34
C CYS A 147 27.33 -24.10 45.77
N ALA A 148 26.39 -23.43 46.43
CA ALA A 148 26.58 -22.07 46.90
C ALA A 148 26.81 -21.97 48.40
N ILE A 149 26.13 -22.81 49.18
CA ILE A 149 26.24 -22.71 50.65
C ILE A 149 27.66 -23.04 51.11
N VAL A 150 28.26 -24.09 50.54
CA VAL A 150 29.62 -24.46 50.94
C VAL A 150 30.62 -23.35 50.65
N PRO A 151 30.65 -22.74 49.46
CA PRO A 151 31.45 -21.51 49.31
C PRO A 151 30.99 -20.40 50.23
N PHE A 152 29.68 -20.29 50.47
CA PHE A 152 29.17 -19.26 51.37
C PHE A 152 29.66 -19.47 52.80
N ARG A 153 29.63 -20.71 53.28
CA ARG A 153 30.08 -21.00 54.64
C ARG A 153 31.57 -20.73 54.80
N SER A 154 32.34 -20.84 53.72
CA SER A 154 33.77 -20.60 53.77
C SER A 154 34.12 -19.12 53.72
N LYS A 155 33.17 -18.24 53.41
CA LYS A 155 33.43 -16.81 53.37
C LYS A 155 32.44 -15.98 54.17
N ILE A 156 31.42 -16.60 54.77
CA ILE A 156 30.44 -15.84 55.55
C ILE A 156 31.11 -15.14 56.73
N LEU A 157 32.08 -15.79 57.36
CA LEU A 157 32.80 -15.21 58.49
C LEU A 157 34.27 -14.96 58.20
N LEU A 158 34.77 -15.35 57.02
CA LEU A 158 36.17 -15.18 56.69
C LEU A 158 36.48 -13.88 55.95
N ALA A 159 35.48 -13.04 55.70
CA ALA A 159 35.70 -11.82 54.94
C ALA A 159 35.05 -10.56 55.52
N LYS A 160 34.10 -10.68 56.45
CA LYS A 160 33.43 -9.49 56.95
C LYS A 160 34.07 -8.94 58.22
N ALA A 161 34.39 -9.81 59.18
CA ALA A 161 35.03 -9.37 60.42
C ALA A 161 36.51 -9.09 60.24
N GLU A 162 37.10 -9.50 59.12
CA GLU A 162 38.51 -9.27 58.85
C GLU A 162 38.80 -7.85 58.39
N GLY A 163 37.78 -7.11 57.95
CA GLY A 163 37.98 -5.76 57.46
C GLY A 163 36.74 -5.16 56.83
N GLU A 164 36.91 -4.52 55.66
CA GLU A 164 35.79 -3.90 54.98
C GLU A 164 35.68 -4.24 53.51
N ILE A 165 36.76 -4.57 52.82
CA ILE A 165 36.70 -4.70 51.36
C ILE A 165 35.93 -5.93 50.94
N SER A 166 36.43 -7.13 51.29
CA SER A 166 35.77 -8.40 51.01
C SER A 166 35.22 -8.45 49.58
N ASP A 167 36.16 -8.35 48.63
CA ASP A 167 35.96 -8.36 47.17
C ASP A 167 34.61 -7.75 46.79
N PRO A 168 34.43 -6.45 47.03
CA PRO A 168 33.08 -5.84 47.05
C PRO A 168 32.13 -6.27 45.96
N PHE A 169 32.51 -6.12 44.70
CA PHE A 169 31.63 -6.54 43.61
C PHE A 169 31.44 -8.05 43.61
N ARG A 170 32.51 -8.81 43.82
CA ARG A 170 32.41 -10.27 43.85
C ARG A 170 31.55 -10.77 45.01
N PHE A 171 31.47 -10.04 46.11
CA PHE A 171 30.64 -10.42 47.25
C PHE A 171 29.20 -9.97 47.07
N THR A 172 28.98 -8.77 46.54
CA THR A 172 27.63 -8.34 46.22
C THR A 172 27.00 -9.26 45.18
N THR A 173 27.80 -9.77 44.25
CA THR A 173 27.29 -10.74 43.29
C THR A 173 26.81 -11.99 44.00
N PHE A 174 27.59 -12.50 44.96
CA PHE A 174 27.15 -13.67 45.72
C PHE A 174 25.91 -13.38 46.53
N TYR A 175 25.81 -12.18 47.11
CA TYR A 175 24.65 -11.82 47.90
C TYR A 175 23.39 -11.80 47.05
N ILE A 176 23.47 -11.16 45.87
CA ILE A 176 22.32 -11.08 44.98
C ILE A 176 21.96 -12.45 44.45
N HIS A 177 22.97 -13.24 44.07
CA HIS A 177 22.72 -14.60 43.59
C HIS A 177 22.05 -15.44 44.66
N PHE A 178 22.50 -15.29 45.91
CA PHE A 178 21.90 -16.04 47.03
C PHE A 178 20.44 -15.65 47.22
N ALA A 179 20.15 -14.35 47.20
CA ALA A 179 18.77 -13.92 47.36
C ALA A 179 17.89 -14.44 46.23
N LEU A 180 18.38 -14.36 44.99
CA LEU A 180 17.57 -14.78 43.86
C LEU A 180 17.40 -16.30 43.81
N VAL A 181 18.43 -17.05 44.21
CA VAL A 181 18.27 -18.50 44.23
C VAL A 181 17.33 -18.92 45.35
N LEU A 182 17.35 -18.23 46.49
CA LEU A 182 16.37 -18.51 47.53
C LEU A 182 14.96 -18.24 47.04
N SER A 183 14.77 -17.14 46.30
CA SER A 183 13.47 -16.87 45.70
C SER A 183 13.08 -17.96 44.73
N ALA A 184 14.05 -18.46 43.95
CA ALA A 184 13.78 -19.53 42.99
C ALA A 184 13.34 -20.81 43.71
N LEU A 185 14.01 -21.15 44.81
CA LEU A 185 13.62 -22.33 45.57
C LEU A 185 12.21 -22.18 46.14
N ILE A 186 11.92 -21.03 46.76
CA ILE A 186 10.61 -20.87 47.37
C ILE A 186 9.51 -20.82 46.31
N LEU A 187 9.82 -20.34 45.10
CA LEU A 187 8.86 -20.39 44.02
C LEU A 187 8.72 -21.78 43.41
N ALA A 188 9.78 -22.60 43.46
CA ALA A 188 9.73 -23.97 42.97
C ALA A 188 9.09 -24.91 43.97
N CYS A 189 8.92 -24.48 45.22
CA CYS A 189 8.23 -25.30 46.21
C CYS A 189 6.74 -25.47 45.92
N PHE A 190 6.19 -24.71 44.97
CA PHE A 190 4.77 -24.76 44.66
C PHE A 190 4.46 -25.99 43.82
N ARG A 191 3.21 -26.10 43.38
CA ARG A 191 2.77 -27.15 42.47
C ARG A 191 1.87 -26.53 41.41
N GLU A 192 1.80 -27.17 40.25
CA GLU A 192 1.10 -26.64 39.11
C GLU A 192 -0.30 -27.24 38.98
N LYS A 193 -1.19 -26.47 38.33
CA LYS A 193 -2.58 -26.88 38.16
C LYS A 193 -2.68 -28.04 37.16
N PRO A 194 -3.80 -28.75 37.17
CA PRO A 194 -3.97 -29.85 36.21
C PRO A 194 -3.89 -29.33 34.79
N PRO A 195 -3.39 -30.15 33.86
CA PRO A 195 -3.09 -29.64 32.51
C PRO A 195 -4.30 -29.12 31.74
N PHE A 196 -5.50 -29.69 31.95
CA PHE A 196 -6.67 -29.45 31.11
C PHE A 196 -6.27 -29.33 29.64
N PHE A 197 -5.40 -30.23 29.20
CA PHE A 197 -4.50 -30.01 28.08
C PHE A 197 -5.16 -29.38 26.86
N SER A 198 -6.08 -30.09 26.20
CA SER A 198 -6.65 -29.62 24.95
C SER A 198 -7.71 -30.58 24.40
N ALA A 199 -8.35 -30.17 23.31
CA ALA A 199 -9.17 -31.07 22.49
C ALA A 199 -8.72 -30.89 21.05
N LYS A 200 -8.43 -32.01 20.38
CA LYS A 200 -8.00 -31.95 18.99
C LYS A 200 -9.21 -31.60 18.11
N ASN A 201 -9.40 -30.31 17.85
CA ASN A 201 -10.65 -29.84 17.27
C ASN A 201 -10.73 -30.08 15.76
N VAL A 202 -9.82 -29.45 15.01
CA VAL A 202 -9.89 -29.46 13.55
C VAL A 202 -8.48 -29.62 12.99
N ASP A 203 -8.42 -29.94 11.70
CA ASP A 203 -7.14 -30.11 11.00
C ASP A 203 -7.08 -29.27 9.73
N PRO A 204 -7.05 -27.94 9.86
CA PRO A 204 -6.54 -27.11 8.78
C PRO A 204 -5.03 -27.05 8.91
N ASN A 205 -4.40 -26.12 8.18
CA ASN A 205 -2.98 -25.92 8.42
C ASN A 205 -2.82 -25.10 9.70
N PRO A 206 -2.46 -25.74 10.81
CA PRO A 206 -2.32 -24.98 12.06
C PRO A 206 -1.05 -24.18 12.05
N TYR A 207 -1.05 -23.08 12.81
CA TYR A 207 0.10 -22.20 12.86
C TYR A 207 1.19 -22.89 13.67
N PRO A 208 2.25 -23.38 13.02
CA PRO A 208 3.07 -24.42 13.66
C PRO A 208 4.01 -23.88 14.73
N GLU A 209 3.52 -23.03 15.61
CA GLU A 209 4.25 -22.73 16.83
C GLU A 209 3.73 -23.58 17.98
N THR A 210 2.41 -23.70 18.11
CA THR A 210 1.83 -24.78 18.89
C THR A 210 2.17 -26.11 18.23
N SER A 211 2.41 -27.12 19.07
CA SER A 211 2.83 -28.45 18.61
C SER A 211 4.14 -28.36 17.83
N ALA A 212 5.16 -27.83 18.51
CA ALA A 212 6.48 -27.66 17.93
C ALA A 212 7.51 -27.78 19.03
N GLY A 213 8.52 -28.62 18.80
CA GLY A 213 9.51 -28.86 19.84
C GLY A 213 10.28 -27.61 20.21
N PHE A 214 10.73 -27.58 21.46
CA PHE A 214 11.46 -26.41 21.97
C PHE A 214 12.69 -26.14 21.13
N LEU A 215 13.50 -27.16 20.89
CA LEU A 215 14.69 -26.98 20.07
C LEU A 215 14.35 -26.59 18.63
N SER A 216 13.16 -26.94 18.15
CA SER A 216 12.75 -26.60 16.80
C SER A 216 12.01 -25.28 16.71
N ARG A 217 11.65 -24.67 17.84
CA ARG A 217 11.09 -23.34 17.84
C ARG A 217 12.09 -22.29 18.32
N LEU A 218 13.35 -22.67 18.46
CA LEU A 218 14.41 -21.73 18.78
C LEU A 218 15.10 -21.21 17.53
N PHE A 219 15.44 -22.11 16.61
CA PHE A 219 16.04 -21.77 15.34
C PHE A 219 15.01 -21.39 14.28
N PHE A 220 13.76 -21.17 14.68
CA PHE A 220 12.67 -20.91 13.75
C PHE A 220 12.57 -21.99 12.69
N TRP A 221 12.94 -23.22 13.06
CA TRP A 221 13.03 -24.29 12.08
C TRP A 221 11.67 -24.80 11.64
N TRP A 222 10.63 -24.56 12.45
CA TRP A 222 9.29 -25.05 12.09
C TRP A 222 8.74 -24.35 10.86
N PHE A 223 9.32 -23.25 10.42
CA PHE A 223 8.90 -22.62 9.18
C PHE A 223 9.40 -23.34 7.95
N THR A 224 10.39 -24.23 8.11
CA THR A 224 10.98 -24.92 6.97
C THR A 224 9.91 -25.59 6.12
N LYS A 225 8.96 -26.27 6.77
CA LYS A 225 7.98 -27.09 6.07
C LYS A 225 7.05 -26.23 5.22
N MET A 226 7.25 -24.92 5.20
CA MET A 226 6.57 -24.07 4.23
C MET A 226 7.53 -23.39 3.26
N ALA A 227 8.74 -23.03 3.70
CA ALA A 227 9.70 -22.45 2.77
C ALA A 227 10.09 -23.44 1.68
N ILE A 228 10.03 -24.73 1.97
CA ILE A 228 10.20 -25.73 0.92
C ILE A 228 9.09 -25.62 -0.12
N TYR A 229 7.85 -25.55 0.35
CA TYR A 229 6.71 -25.46 -0.56
C TYR A 229 6.58 -24.09 -1.21
N GLY A 230 7.32 -23.09 -0.74
CA GLY A 230 7.31 -21.79 -1.35
C GLY A 230 8.27 -21.64 -2.51
N TYR A 231 8.92 -22.73 -2.91
CA TYR A 231 9.87 -22.72 -4.00
C TYR A 231 9.63 -23.82 -5.03
N ARG A 232 8.91 -24.88 -4.68
CA ARG A 232 8.52 -25.92 -5.62
C ARG A 232 7.09 -25.76 -6.13
N HIS A 233 6.40 -24.70 -5.73
CA HIS A 233 4.99 -24.54 -6.01
C HIS A 233 4.64 -23.07 -5.89
N PRO A 234 3.51 -22.65 -6.45
CA PRO A 234 2.95 -21.34 -6.10
C PRO A 234 2.11 -21.45 -4.83
N LEU A 235 1.93 -20.31 -4.17
CA LEU A 235 1.15 -20.25 -2.95
C LEU A 235 -0.12 -19.46 -3.20
N GLU A 236 -1.25 -20.05 -2.83
CA GLU A 236 -2.54 -19.38 -2.87
C GLU A 236 -3.16 -19.47 -1.49
N GLU A 237 -4.06 -18.52 -1.20
CA GLU A 237 -4.53 -18.23 0.15
C GLU A 237 -4.87 -19.47 0.97
N LYS A 238 -5.39 -20.52 0.33
CA LYS A 238 -5.80 -21.70 1.07
C LYS A 238 -4.62 -22.43 1.72
N ASP A 239 -3.39 -22.14 1.31
CA ASP A 239 -2.22 -22.85 1.81
C ASP A 239 -1.47 -22.09 2.89
N LEU A 240 -2.05 -21.02 3.41
CA LEU A 240 -1.41 -20.27 4.48
C LEU A 240 -1.72 -20.94 5.82
N TRP A 241 -1.07 -20.44 6.88
CA TRP A 241 -1.44 -20.90 8.21
C TRP A 241 -2.89 -20.55 8.52
N SER A 242 -3.58 -21.48 9.14
CA SER A 242 -4.85 -21.17 9.77
C SER A 242 -4.53 -20.48 11.09
N LEU A 243 -4.90 -19.22 11.19
CA LEU A 243 -4.34 -18.34 12.20
C LEU A 243 -4.60 -18.88 13.60
N LYS A 244 -3.68 -18.57 14.52
CA LYS A 244 -3.72 -19.16 15.84
C LYS A 244 -4.90 -18.60 16.65
N GLU A 245 -5.35 -19.41 17.61
CA GLU A 245 -6.60 -19.14 18.31
C GLU A 245 -6.56 -17.88 19.16
N GLU A 246 -5.38 -17.33 19.44
CA GLU A 246 -5.31 -16.11 20.24
C GLU A 246 -5.88 -14.92 19.47
N ASP A 247 -5.46 -14.75 18.22
CA ASP A 247 -5.88 -13.62 17.39
C ASP A 247 -6.75 -14.13 16.26
N ARG A 248 -8.03 -13.81 16.31
CA ARG A 248 -8.94 -13.92 15.17
C ARG A 248 -9.51 -12.55 14.82
N SER A 249 -8.78 -11.49 15.17
CA SER A 249 -9.17 -10.11 14.93
C SER A 249 -10.42 -9.70 15.72
N GLN A 250 -10.96 -10.62 16.52
CA GLN A 250 -12.04 -10.27 17.41
C GLN A 250 -11.79 -10.67 18.86
N MET A 251 -10.76 -11.47 19.12
CA MET A 251 -10.26 -11.65 20.47
C MET A 251 -9.14 -10.68 20.80
N VAL A 252 -8.70 -9.87 19.84
CA VAL A 252 -7.74 -8.80 20.10
C VAL A 252 -8.44 -7.44 20.17
N VAL A 253 -9.41 -7.19 19.27
CA VAL A 253 -10.18 -5.98 19.37
C VAL A 253 -11.11 -6.02 20.56
N GLN A 254 -11.46 -7.20 21.05
CA GLN A 254 -12.27 -7.30 22.26
C GLN A 254 -11.54 -6.69 23.45
N GLN A 255 -10.28 -7.10 23.64
CA GLN A 255 -9.51 -6.59 24.77
C GLN A 255 -9.30 -5.08 24.66
N LEU A 256 -8.92 -4.61 23.47
CA LEU A 256 -8.66 -3.19 23.29
C LEU A 256 -9.93 -2.37 23.48
N LEU A 257 -11.05 -2.85 22.93
CA LEU A 257 -12.31 -2.15 23.09
C LEU A 257 -12.74 -2.12 24.56
N GLU A 258 -12.56 -3.23 25.27
CA GLU A 258 -12.90 -3.25 26.69
C GLU A 258 -12.03 -2.28 27.48
N ALA A 259 -10.74 -2.24 27.16
CA ALA A 259 -9.86 -1.28 27.83
C ALA A 259 -10.30 0.14 27.57
N TRP A 260 -10.68 0.45 26.32
CA TRP A 260 -11.21 1.78 26.02
C TRP A 260 -12.50 2.04 26.78
N ARG A 261 -13.32 1.01 26.98
CA ARG A 261 -14.50 1.14 27.82
C ARG A 261 -14.11 1.53 29.25
N LYS A 262 -13.04 0.94 29.77
CA LYS A 262 -12.56 1.32 31.09
C LYS A 262 -12.22 2.80 31.16
N GLN A 263 -11.95 3.44 30.03
CA GLN A 263 -11.85 4.90 29.98
C GLN A 263 -13.26 5.49 29.84
N GLU A 264 -14.02 5.36 30.92
CA GLU A 264 -15.26 6.09 31.08
C GLU A 264 -14.98 7.34 31.90
N LYS A 265 -16.05 8.01 32.35
CA LYS A 265 -15.86 9.20 33.18
C LYS A 265 -15.17 8.86 34.49
N GLN A 266 -15.10 7.58 34.86
CA GLN A 266 -14.33 7.11 36.01
C GLN A 266 -14.80 7.78 37.31
N THR A 267 -16.05 7.47 37.67
CA THR A 267 -16.63 8.00 38.90
C THR A 267 -15.80 7.62 40.12
N ALA A 268 -15.10 6.50 40.07
CA ALA A 268 -14.25 6.07 41.19
C ALA A 268 -12.87 6.71 41.09
N PRO A 292 -10.61 18.50 37.43
CA PRO A 292 -9.50 19.19 36.77
C PRO A 292 -9.89 19.72 35.40
N ARG A 293 -8.89 19.99 34.57
CA ARG A 293 -9.15 20.31 33.17
C ARG A 293 -9.82 19.11 32.49
N PRO A 294 -10.91 19.33 31.75
CA PRO A 294 -11.52 18.22 31.03
C PRO A 294 -10.53 17.52 30.12
N ARG A 295 -10.14 16.30 30.49
CA ARG A 295 -9.20 15.51 29.70
C ARG A 295 -9.51 14.03 29.78
N LYS A 296 -10.77 13.67 30.05
CA LYS A 296 -11.12 12.27 30.26
C LYS A 296 -10.77 11.37 29.09
N PRO A 297 -11.04 11.73 27.83
CA PRO A 297 -10.61 10.87 26.71
C PRO A 297 -9.10 10.69 26.71
N SER A 298 -8.68 9.43 26.75
CA SER A 298 -7.25 9.10 26.73
C SER A 298 -7.10 7.75 26.04
N PHE A 299 -6.83 7.78 24.72
CA PHE A 299 -6.62 6.54 24.00
C PHE A 299 -5.28 5.90 24.33
N LEU A 300 -4.26 6.73 24.55
CA LEU A 300 -2.92 6.20 24.77
C LEU A 300 -2.86 5.34 26.03
N LYS A 301 -3.52 5.78 27.11
CA LYS A 301 -3.50 5.01 28.35
C LYS A 301 -4.13 3.64 28.16
N ALA A 302 -5.28 3.59 27.48
CA ALA A 302 -5.96 2.32 27.26
C ALA A 302 -5.22 1.43 26.27
N LEU A 303 -4.51 2.03 25.31
CA LEU A 303 -3.70 1.24 24.39
C LEU A 303 -2.49 0.65 25.08
N LEU A 304 -1.89 1.39 26.02
CA LEU A 304 -0.76 0.87 26.78
C LEU A 304 -1.20 -0.20 27.75
N ALA A 305 -2.35 -0.02 28.40
CA ALA A 305 -2.83 -0.97 29.40
C ALA A 305 -3.32 -2.28 28.81
N THR A 306 -3.19 -2.51 27.51
CA THR A 306 -3.59 -3.77 26.91
C THR A 306 -2.47 -4.45 26.14
N PHE A 307 -1.23 -3.97 26.27
CA PHE A 307 -0.10 -4.61 25.61
C PHE A 307 1.14 -4.64 26.49
N GLY A 308 0.98 -4.45 27.80
CA GLY A 308 2.11 -4.61 28.71
C GLY A 308 2.69 -6.01 28.66
N SER A 309 1.84 -7.02 28.57
CA SER A 309 2.31 -8.40 28.49
C SER A 309 2.83 -8.77 27.12
N SER A 310 3.00 -7.80 26.22
CA SER A 310 3.65 -8.04 24.94
C SER A 310 4.64 -6.95 24.58
N PHE A 311 5.01 -6.07 25.52
CA PHE A 311 6.00 -5.04 25.25
C PHE A 311 7.06 -5.02 26.35
N LEU A 312 6.70 -5.46 27.55
CA LEU A 312 7.67 -5.66 28.61
C LEU A 312 8.17 -7.10 28.67
N ILE A 313 7.60 -7.98 27.86
CA ILE A 313 8.27 -9.24 27.51
C ILE A 313 9.21 -9.03 26.34
N SER A 314 9.05 -7.93 25.60
CA SER A 314 9.91 -7.60 24.48
C SER A 314 10.94 -6.54 24.84
N ALA A 315 11.15 -6.32 26.14
CA ALA A 315 12.25 -5.52 26.63
C ALA A 315 13.26 -6.33 27.43
N CYS A 316 12.90 -7.55 27.83
CA CYS A 316 13.83 -8.49 28.44
C CYS A 316 14.57 -9.31 27.39
N PHE A 317 14.41 -8.98 26.11
CA PHE A 317 15.23 -9.52 25.04
C PHE A 317 16.19 -8.50 24.48
N LYS A 318 15.71 -7.30 24.15
CA LYS A 318 16.61 -6.28 23.64
C LYS A 318 17.66 -5.92 24.68
N LEU A 319 17.26 -5.86 25.94
CA LEU A 319 18.22 -5.63 27.01
C LEU A 319 19.28 -6.73 27.05
N ILE A 320 18.84 -7.99 27.10
CA ILE A 320 19.78 -9.11 27.12
C ILE A 320 20.68 -9.06 25.90
N GLN A 321 20.09 -8.78 24.73
CA GLN A 321 20.88 -8.76 23.50
C GLN A 321 21.96 -7.69 23.54
N ASP A 322 21.56 -6.41 23.61
CA ASP A 322 22.54 -5.34 23.47
C ASP A 322 23.53 -5.34 24.63
N LEU A 323 23.05 -5.57 25.85
CA LEU A 323 23.93 -5.73 26.99
C LEU A 323 24.80 -6.99 26.88
N LEU A 324 24.46 -7.90 25.96
CA LEU A 324 25.26 -9.09 25.70
C LEU A 324 26.21 -8.92 24.53
N SER A 325 25.86 -8.07 23.56
CA SER A 325 26.69 -7.93 22.36
C SER A 325 28.04 -7.30 22.64
N PHE A 326 28.25 -6.75 23.83
CA PHE A 326 29.53 -6.16 24.19
C PHE A 326 30.52 -7.19 24.68
N ILE A 327 30.26 -8.48 24.47
CA ILE A 327 31.21 -9.52 24.83
C ILE A 327 32.26 -9.69 23.75
N ASN A 328 31.84 -9.65 22.49
CA ASN A 328 32.79 -9.77 21.38
C ASN A 328 33.86 -8.68 21.38
N PRO A 329 33.54 -7.40 21.55
CA PRO A 329 34.59 -6.38 21.56
C PRO A 329 35.51 -6.44 22.78
N GLN A 330 35.34 -7.42 23.67
CA GLN A 330 36.31 -7.65 24.73
C GLN A 330 37.14 -8.90 24.48
N LEU A 331 36.51 -9.98 24.03
CA LEU A 331 37.26 -11.13 23.58
C LEU A 331 38.17 -10.79 22.41
N LEU A 332 37.81 -9.79 21.60
CA LEU A 332 38.72 -9.37 20.55
C LEU A 332 40.01 -8.81 21.14
N SER A 333 39.89 -7.98 22.18
CA SER A 333 41.08 -7.48 22.85
C SER A 333 41.86 -8.60 23.48
N ILE A 334 41.15 -9.58 24.06
CA ILE A 334 41.82 -10.73 24.68
C ILE A 334 42.62 -11.49 23.64
N LEU A 335 42.03 -11.75 22.47
CA LEU A 335 42.70 -12.49 21.41
C LEU A 335 43.92 -11.73 20.90
N ILE A 336 43.77 -10.42 20.68
CA ILE A 336 44.88 -9.62 20.18
C ILE A 336 46.02 -9.62 21.19
N ARG A 337 45.70 -9.42 22.47
CA ARG A 337 46.72 -9.48 23.51
C ARG A 337 47.37 -10.86 23.58
N PHE A 338 46.59 -11.91 23.33
CA PHE A 338 47.13 -13.27 23.31
C PHE A 338 48.18 -13.43 22.22
N ILE A 339 47.78 -13.21 20.96
CA ILE A 339 48.69 -13.47 19.85
C ILE A 339 49.95 -12.61 19.95
N SER A 340 49.83 -11.42 20.55
CA SER A 340 51.02 -10.60 20.77
C SER A 340 52.04 -11.30 21.66
N ASN A 341 51.61 -12.27 22.47
CA ASN A 341 52.50 -13.03 23.31
C ASN A 341 52.71 -14.42 22.72
N PRO A 342 53.92 -14.78 22.30
CA PRO A 342 54.15 -16.09 21.69
C PRO A 342 54.40 -17.22 22.67
N MET A 343 54.14 -17.02 23.96
CA MET A 343 54.40 -18.04 24.97
C MET A 343 53.16 -18.75 25.46
N ALA A 344 52.00 -18.12 25.37
CA ALA A 344 50.78 -18.72 25.89
C ALA A 344 50.42 -19.97 25.09
N PRO A 345 49.86 -21.00 25.72
CA PRO A 345 49.50 -22.21 24.98
C PRO A 345 48.36 -21.96 24.01
N SER A 346 48.32 -22.78 22.95
CA SER A 346 47.35 -22.55 21.89
C SER A 346 45.93 -22.85 22.31
N TRP A 347 45.74 -23.72 23.32
CA TRP A 347 44.39 -24.04 23.75
C TRP A 347 43.68 -22.81 24.30
N TRP A 348 44.43 -21.87 24.87
CA TRP A 348 43.83 -20.61 25.31
C TRP A 348 43.19 -19.88 24.13
N GLY A 349 43.93 -19.72 23.03
CA GLY A 349 43.37 -19.09 21.86
C GLY A 349 42.20 -19.86 21.27
N PHE A 350 42.32 -21.19 21.24
CA PHE A 350 41.22 -22.00 20.73
C PHE A 350 39.94 -21.79 21.55
N LEU A 351 40.08 -21.77 22.87
CA LEU A 351 38.93 -21.55 23.74
C LEU A 351 38.34 -20.17 23.52
N VAL A 352 39.19 -19.15 23.41
CA VAL A 352 38.68 -17.80 23.21
C VAL A 352 37.92 -17.70 21.89
N ALA A 353 38.44 -18.35 20.84
CA ALA A 353 37.74 -18.30 19.55
C ALA A 353 36.42 -19.06 19.61
N GLY A 354 36.45 -20.29 20.12
CA GLY A 354 35.26 -21.11 20.21
C GLY A 354 34.22 -20.58 21.16
N LEU A 355 34.58 -19.66 22.04
CA LEU A 355 33.61 -18.99 22.89
C LEU A 355 33.17 -17.65 22.30
N MET A 356 34.03 -17.00 21.54
CA MET A 356 33.61 -15.87 20.71
C MET A 356 32.46 -16.27 19.80
N PHE A 357 32.61 -17.41 19.12
CA PHE A 357 31.54 -17.85 18.23
C PHE A 357 30.24 -18.09 18.98
N LEU A 358 30.33 -18.78 20.12
CA LEU A 358 29.13 -19.10 20.89
C LEU A 358 28.45 -17.85 21.41
N CYS A 359 29.23 -16.91 21.94
CA CYS A 359 28.62 -15.71 22.52
C CYS A 359 28.25 -14.67 21.45
N SER A 360 28.70 -14.85 20.22
CA SER A 360 28.23 -14.03 19.11
C SER A 360 27.13 -14.72 18.30
N MET A 361 26.80 -15.96 18.65
CA MET A 361 25.63 -16.62 18.10
C MET A 361 24.42 -16.55 19.02
N MET A 362 24.61 -16.79 20.31
CA MET A 362 23.52 -16.72 21.26
C MET A 362 23.03 -15.29 21.49
N GLN A 363 23.79 -14.29 21.09
CA GLN A 363 23.26 -12.93 21.03
C GLN A 363 22.58 -12.65 19.71
N SER A 364 22.85 -13.46 18.69
CA SER A 364 22.18 -13.39 17.41
C SER A 364 20.98 -14.33 17.35
N LEU A 365 20.62 -14.92 18.49
CA LEU A 365 19.46 -15.78 18.59
C LEU A 365 18.50 -15.29 19.66
N ILE A 366 18.91 -14.36 20.51
CA ILE A 366 17.99 -13.60 21.33
C ILE A 366 17.78 -12.20 20.75
N LEU A 367 18.12 -12.03 19.48
CA LEU A 367 17.73 -10.85 18.72
C LEU A 367 16.77 -11.23 17.59
N GLN A 368 17.14 -12.20 16.75
CA GLN A 368 16.27 -12.65 15.67
C GLN A 368 15.15 -13.51 16.25
N HIS A 369 15.06 -13.55 17.57
CA HIS A 369 13.91 -14.07 18.29
C HIS A 369 13.18 -12.97 19.03
N TYR A 370 13.66 -11.74 18.91
CA TYR A 370 13.04 -10.52 19.41
C TYR A 370 12.28 -9.76 18.34
N TYR A 371 12.83 -9.70 17.13
CA TYR A 371 12.08 -9.08 16.04
C TYR A 371 10.75 -9.78 15.82
N HIS A 372 10.68 -11.08 16.11
CA HIS A 372 9.41 -11.79 15.99
C HIS A 372 8.38 -11.24 16.98
N TYR A 373 8.78 -11.08 18.24
CA TYR A 373 7.84 -10.59 19.26
C TYR A 373 7.57 -9.10 19.14
N ILE A 374 8.39 -8.36 18.39
CA ILE A 374 8.14 -6.93 18.23
C ILE A 374 7.56 -6.60 16.87
N PHE A 375 7.40 -7.58 15.98
CA PHE A 375 6.61 -7.40 14.79
C PHE A 375 5.21 -7.99 14.92
N VAL A 376 5.06 -9.08 15.68
CA VAL A 376 3.71 -9.57 15.96
C VAL A 376 2.92 -8.51 16.72
N THR A 377 3.58 -7.77 17.61
CA THR A 377 2.90 -6.69 18.31
C THR A 377 2.55 -5.54 17.38
N GLY A 378 3.41 -5.24 16.40
CA GLY A 378 3.05 -4.24 15.41
C GLY A 378 1.80 -4.63 14.63
N VAL A 379 1.74 -5.89 14.20
CA VAL A 379 0.55 -6.37 13.52
C VAL A 379 -0.66 -6.32 14.43
N LYS A 380 -0.47 -6.61 15.71
CA LYS A 380 -1.60 -6.54 16.64
C LYS A 380 -2.09 -5.11 16.83
N PHE A 381 -1.20 -4.12 16.79
CA PHE A 381 -1.65 -2.73 16.71
C PHE A 381 -2.48 -2.49 15.46
N ARG A 382 -1.91 -2.86 14.31
CA ARG A 382 -2.57 -2.62 13.02
C ARG A 382 -3.92 -3.31 12.93
N THR A 383 -4.15 -4.34 13.74
CA THR A 383 -5.46 -4.99 13.76
C THR A 383 -6.38 -4.39 14.82
N GLY A 384 -5.89 -4.26 16.07
CA GLY A 384 -6.70 -3.73 17.14
C GLY A 384 -7.25 -2.36 16.88
N ILE A 385 -6.53 -1.53 16.13
CA ILE A 385 -7.07 -0.22 15.76
C ILE A 385 -8.01 -0.36 14.56
N MET A 386 -7.61 -1.15 13.57
CA MET A 386 -8.47 -1.47 12.43
C MET A 386 -9.55 -2.46 12.83
N GLY A 387 -10.57 -1.96 13.52
CA GLY A 387 -11.55 -2.83 14.14
C GLY A 387 -12.10 -2.22 15.41
N VAL A 388 -11.39 -1.24 15.97
CA VAL A 388 -11.99 -0.32 16.93
C VAL A 388 -12.26 1.03 16.28
N ILE A 389 -11.58 1.37 15.18
CA ILE A 389 -12.01 2.49 14.36
C ILE A 389 -13.33 2.16 13.68
N TYR A 390 -13.68 0.87 13.62
CA TYR A 390 -14.86 0.41 12.89
C TYR A 390 -16.09 0.46 13.78
N ARG A 391 -16.00 -0.10 14.98
CA ARG A 391 -17.13 -0.08 15.91
C ARG A 391 -17.61 1.33 16.19
N LYS A 392 -16.74 2.32 16.06
CA LYS A 392 -17.18 3.71 16.20
C LYS A 392 -17.74 4.23 14.88
N ALA A 393 -17.15 3.84 13.76
CA ALA A 393 -17.62 4.31 12.46
C ALA A 393 -19.02 3.82 12.14
N LEU A 394 -19.45 2.72 12.74
CA LEU A 394 -20.83 2.28 12.55
C LEU A 394 -21.84 3.07 13.36
N VAL A 395 -21.42 3.72 14.44
CA VAL A 395 -22.38 4.29 15.39
C VAL A 395 -22.11 5.78 15.55
N ILE A 396 -21.54 6.39 14.51
CA ILE A 396 -21.40 7.84 14.49
C ILE A 396 -22.76 8.48 14.30
N THR A 397 -22.85 9.79 14.52
CA THR A 397 -24.04 10.56 14.21
C THR A 397 -23.79 11.32 12.92
N ASN A 398 -24.72 11.21 11.97
CA ASN A 398 -24.45 11.57 10.58
C ASN A 398 -24.06 13.03 10.41
N SER A 399 -24.37 13.89 11.39
CA SER A 399 -23.83 15.25 11.36
C SER A 399 -22.31 15.22 11.34
N VAL A 400 -21.71 14.33 12.13
CA VAL A 400 -20.26 14.17 12.12
C VAL A 400 -19.79 13.72 10.75
N LYS A 401 -20.55 12.83 10.10
CA LYS A 401 -20.21 12.43 8.74
C LYS A 401 -20.26 13.60 7.78
N ARG A 402 -21.24 14.50 7.97
CA ARG A 402 -21.29 15.73 7.19
C ARG A 402 -20.05 16.57 7.44
N ALA A 403 -19.56 16.59 8.68
CA ALA A 403 -18.45 17.47 9.04
C ALA A 403 -17.17 17.16 8.28
N SER A 404 -17.03 15.96 7.73
CA SER A 404 -15.81 15.58 7.03
C SER A 404 -16.18 14.82 5.76
N THR A 405 -15.17 14.27 5.09
CA THR A 405 -15.35 13.49 3.88
C THR A 405 -15.02 12.03 4.17
N VAL A 406 -15.70 11.13 3.46
CA VAL A 406 -15.49 9.69 3.69
C VAL A 406 -14.09 9.28 3.29
N GLY A 407 -13.44 10.03 2.39
CA GLY A 407 -12.07 9.74 2.03
C GLY A 407 -11.12 9.84 3.20
N GLU A 408 -11.30 10.86 4.05
CA GLU A 408 -10.47 10.99 5.25
C GLU A 408 -10.87 10.00 6.34
N ILE A 409 -12.16 9.67 6.43
CA ILE A 409 -12.58 8.60 7.33
C ILE A 409 -11.88 7.31 6.95
N VAL A 410 -11.66 7.09 5.65
CA VAL A 410 -10.77 6.02 5.23
C VAL A 410 -9.35 6.31 5.66
N ASN A 411 -8.90 7.56 5.49
CA ASN A 411 -7.52 7.93 5.75
C ASN A 411 -7.14 7.71 7.20
N LEU A 412 -8.14 7.53 8.07
CA LEU A 412 -7.87 6.97 9.39
C LEU A 412 -7.43 5.51 9.31
N MET A 413 -7.39 4.93 8.12
CA MET A 413 -6.75 3.66 7.85
C MET A 413 -5.97 3.78 6.54
N SER A 414 -5.04 2.86 6.33
CA SER A 414 -4.03 2.90 5.27
C SER A 414 -3.03 4.00 5.61
N VAL A 415 -3.40 4.81 6.59
CA VAL A 415 -2.62 5.92 7.11
C VAL A 415 -3.14 6.15 8.51
N ASP A 416 -2.25 6.54 9.42
CA ASP A 416 -2.61 6.93 10.78
C ASP A 416 -3.00 5.72 11.61
N ALA A 417 -3.18 4.57 10.96
CA ALA A 417 -3.44 3.31 11.64
C ALA A 417 -2.53 2.24 11.07
N GLN A 418 -2.11 2.44 9.81
CA GLN A 418 -0.95 1.73 9.29
C GLN A 418 0.34 2.48 9.58
N ARG A 419 0.23 3.69 10.14
CA ARG A 419 1.42 4.37 10.64
C ARG A 419 2.04 3.57 11.77
N PHE A 420 1.21 2.98 12.62
CA PHE A 420 1.69 1.96 13.54
C PHE A 420 1.96 0.67 12.76
N MET A 421 2.75 -0.20 13.39
CA MET A 421 3.49 -1.37 12.89
C MET A 421 4.67 -0.89 12.07
N ASP A 422 4.73 0.42 11.81
CA ASP A 422 5.93 1.08 11.34
C ASP A 422 6.60 1.86 12.45
N LEU A 423 6.01 1.85 13.64
CA LEU A 423 6.53 2.49 14.83
C LEU A 423 6.99 1.49 15.89
N ALA A 424 6.30 0.34 15.97
CA ALA A 424 6.65 -0.69 16.95
C ALA A 424 8.10 -1.15 16.87
N PRO A 425 8.66 -1.46 15.70
CA PRO A 425 10.08 -1.87 15.67
C PRO A 425 11.01 -0.81 16.22
N PHE A 426 10.67 0.46 16.05
CA PHE A 426 11.51 1.56 16.50
C PHE A 426 11.15 2.01 17.91
N LEU A 427 9.93 1.74 18.38
CA LEU A 427 9.48 2.27 19.65
C LEU A 427 10.35 1.78 20.80
N ASN A 428 10.75 0.51 20.75
CA ASN A 428 11.56 -0.07 21.81
C ASN A 428 12.95 0.57 21.88
N LEU A 429 13.36 1.28 20.83
CA LEU A 429 14.68 1.87 20.77
C LEU A 429 14.83 3.11 21.65
N LEU A 430 13.73 3.61 22.23
CA LEU A 430 13.79 4.83 23.03
C LEU A 430 14.83 4.74 24.14
N TRP A 431 14.78 3.69 24.95
CA TRP A 431 15.77 3.53 26.01
C TRP A 431 16.99 2.76 25.54
N SER A 432 16.91 2.06 24.41
CA SER A 432 18.09 1.36 23.90
C SER A 432 19.13 2.34 23.39
N ALA A 433 18.71 3.43 22.74
CA ALA A 433 19.66 4.38 22.19
C ALA A 433 20.61 4.95 23.24
N PRO A 434 20.15 5.38 24.43
CA PRO A 434 21.12 5.81 25.45
C PRO A 434 21.96 4.65 25.94
N LEU A 435 21.30 3.55 26.33
CA LEU A 435 22.01 2.41 26.89
C LEU A 435 22.98 1.78 25.91
N GLN A 436 22.71 1.87 24.60
CA GLN A 436 23.65 1.43 23.60
C GLN A 436 24.69 2.50 23.27
N ILE A 437 24.58 3.68 23.86
CA ILE A 437 25.57 4.75 23.69
C ILE A 437 26.33 5.02 24.97
N ILE A 438 25.61 5.36 26.05
CA ILE A 438 26.28 5.71 27.30
C ILE A 438 27.01 4.53 27.91
N LEU A 439 26.69 3.30 27.50
CA LEU A 439 27.41 2.12 27.92
C LEU A 439 28.39 1.65 26.85
N ALA A 440 28.36 2.26 25.66
CA ALA A 440 29.37 2.04 24.65
C ALA A 440 30.36 3.18 24.53
N ILE A 441 30.00 4.38 24.97
CA ILE A 441 30.97 5.44 25.11
C ILE A 441 31.93 5.13 26.24
N TYR A 442 31.46 4.39 27.24
CA TYR A 442 32.29 4.07 28.40
C TYR A 442 33.46 3.19 28.00
N PHE A 443 33.23 2.20 27.14
CA PHE A 443 34.30 1.29 26.75
C PHE A 443 35.40 2.03 26.01
N LEU A 444 35.02 2.83 25.01
CA LEU A 444 36.01 3.59 24.26
C LEU A 444 36.74 4.59 25.15
N TRP A 445 35.99 5.34 25.96
CA TRP A 445 36.63 6.24 26.90
C TRP A 445 37.48 5.49 27.92
N GLN A 446 37.21 4.21 28.11
CA GLN A 446 38.04 3.32 28.91
C GLN A 446 39.19 2.71 28.11
N ASN A 447 39.18 2.85 26.79
CA ASN A 447 40.15 2.13 25.96
C ASN A 447 40.83 3.03 24.92
N LEU A 448 40.42 4.28 24.77
CA LEU A 448 41.10 5.22 23.89
C LEU A 448 41.25 6.61 24.50
N GLY A 449 41.04 6.77 25.81
CA GLY A 449 41.14 8.06 26.43
C GLY A 449 40.05 8.99 25.97
N PRO A 450 40.05 10.22 26.46
CA PRO A 450 38.99 11.17 26.09
C PRO A 450 39.20 11.75 24.70
N SER A 451 39.53 10.90 23.74
CA SER A 451 39.57 11.27 22.33
C SER A 451 38.38 10.74 21.57
N VAL A 452 37.44 10.09 22.25
CA VAL A 452 36.25 9.56 21.60
C VAL A 452 35.12 10.58 21.64
N LEU A 453 35.30 11.68 22.39
CA LEU A 453 34.40 12.83 22.31
C LEU A 453 34.06 13.14 20.86
N ALA A 454 35.10 13.34 20.04
CA ALA A 454 34.88 13.59 18.62
C ALA A 454 34.23 12.39 17.93
N GLY A 455 34.56 11.18 18.38
CA GLY A 455 34.00 9.99 17.79
C GLY A 455 32.49 9.96 17.78
N VAL A 456 31.87 9.86 18.96
CA VAL A 456 30.41 9.87 19.02
C VAL A 456 29.86 11.25 18.68
N ALA A 457 30.66 12.31 18.85
CA ALA A 457 30.20 13.65 18.50
C ALA A 457 29.93 13.77 17.01
N PHE A 458 30.73 13.10 16.18
CA PHE A 458 30.48 13.15 14.75
C PHE A 458 29.18 12.46 14.39
N MET A 459 28.88 11.32 15.00
CA MET A 459 27.60 10.66 14.76
C MET A 459 26.44 11.55 15.19
N VAL A 460 26.56 12.15 16.38
CA VAL A 460 25.51 13.02 16.89
C VAL A 460 25.32 14.22 15.98
N LEU A 461 26.41 14.79 15.48
CA LEU A 461 26.31 15.88 14.50
C LEU A 461 25.70 15.41 13.19
N LEU A 462 26.00 14.18 12.78
CA LEU A 462 25.47 13.65 11.53
C LEU A 462 23.96 13.54 11.58
N ILE A 463 23.41 13.13 12.72
CA ILE A 463 21.97 12.87 12.80
C ILE A 463 21.13 14.08 12.38
N PRO A 464 21.34 15.29 12.90
CA PRO A 464 20.63 16.45 12.32
C PRO A 464 20.97 16.71 10.88
N LEU A 465 22.21 16.46 10.45
CA LEU A 465 22.56 16.64 9.05
C LEU A 465 22.19 15.43 8.20
N ASN A 466 21.55 14.44 8.80
CA ASN A 466 20.87 13.37 8.06
C ASN A 466 19.37 13.48 8.20
N GLY A 467 18.88 14.44 8.99
CA GLY A 467 17.46 14.69 9.10
C GLY A 467 17.04 15.93 8.32
N ALA A 468 17.92 16.93 8.27
CA ALA A 468 17.62 18.13 7.49
C ALA A 468 17.51 17.82 6.01
N VAL A 469 18.42 17.01 5.48
CA VAL A 469 18.44 16.73 4.05
C VAL A 469 17.65 15.46 3.80
N ALA A 470 16.83 15.08 4.78
CA ALA A 470 15.75 14.14 4.58
C ALA A 470 14.37 14.77 4.73
N VAL A 471 14.29 15.91 5.40
CA VAL A 471 13.06 16.68 5.43
C VAL A 471 12.99 17.69 4.29
N LYS A 472 14.13 18.09 3.74
CA LYS A 472 14.12 18.90 2.52
C LYS A 472 13.44 18.16 1.38
N MET A 473 13.54 16.83 1.36
CA MET A 473 12.83 16.05 0.34
C MET A 473 11.34 15.98 0.64
N ARG A 474 10.96 16.08 1.92
CA ARG A 474 9.54 16.07 2.27
C ARG A 474 8.78 17.28 1.75
N ALA A 475 9.46 18.25 1.13
CA ALA A 475 8.81 19.35 0.45
C ALA A 475 9.30 19.53 -0.98
N PHE A 476 10.58 19.27 -1.24
CA PHE A 476 11.18 19.45 -2.54
C PHE A 476 11.07 18.21 -3.42
N GLN A 477 10.51 17.11 -2.91
CA GLN A 477 10.41 15.88 -3.67
C GLN A 477 9.03 15.24 -3.65
N VAL A 478 8.15 15.59 -2.70
CA VAL A 478 6.79 15.09 -2.68
C VAL A 478 5.77 16.20 -2.79
N LYS A 479 6.02 17.36 -2.18
CA LYS A 479 5.11 18.49 -2.29
C LYS A 479 5.34 19.30 -3.55
N GLN A 480 6.33 18.95 -4.35
CA GLN A 480 6.48 19.50 -5.69
C GLN A 480 6.02 18.51 -6.76
N MET A 481 5.41 17.40 -6.34
CA MET A 481 4.87 16.41 -7.27
C MET A 481 3.43 16.71 -7.67
N LYS A 482 2.98 17.96 -7.49
CA LYS A 482 1.75 18.37 -8.15
C LYS A 482 1.91 18.41 -9.65
N LEU A 483 3.16 18.54 -10.13
CA LEU A 483 3.42 18.38 -11.55
C LEU A 483 3.06 16.99 -12.02
N LYS A 484 3.35 15.98 -11.20
CA LYS A 484 2.94 14.61 -11.55
C LYS A 484 1.42 14.50 -11.62
N ASP A 485 0.71 15.17 -10.71
CA ASP A 485 -0.75 15.12 -10.75
C ASP A 485 -1.29 15.80 -12.00
N SER A 486 -0.73 16.96 -12.36
CA SER A 486 -1.14 17.62 -13.60
C SER A 486 -0.85 16.74 -14.81
N ARG A 487 0.32 16.11 -14.83
CA ARG A 487 0.68 15.25 -15.96
C ARG A 487 -0.25 14.05 -16.06
N ILE A 488 -0.62 13.44 -14.93
CA ILE A 488 -1.49 12.27 -14.98
C ILE A 488 -2.91 12.69 -15.35
N LYS A 489 -3.35 13.87 -14.93
CA LYS A 489 -4.65 14.35 -15.35
C LYS A 489 -4.65 14.59 -16.86
N LEU A 490 -3.58 15.17 -17.39
CA LEU A 490 -3.46 15.33 -18.83
C LEU A 490 -3.40 13.99 -19.54
N MET A 491 -2.74 13.00 -18.93
CA MET A 491 -2.67 11.67 -19.52
C MET A 491 -4.04 11.03 -19.60
N SER A 492 -4.84 11.15 -18.54
CA SER A 492 -6.22 10.68 -18.59
C SER A 492 -7.04 11.48 -19.59
N GLU A 493 -6.72 12.75 -19.75
CA GLU A 493 -7.42 13.59 -20.71
C GLU A 493 -7.17 13.14 -22.14
N ILE A 494 -5.91 12.83 -22.47
CA ILE A 494 -5.59 12.41 -23.83
C ILE A 494 -5.81 10.92 -24.05
N LEU A 495 -6.04 10.15 -22.98
CA LEU A 495 -6.42 8.75 -23.14
C LEU A 495 -7.90 8.62 -23.46
N ASN A 496 -8.74 9.11 -22.55
CA ASN A 496 -10.17 9.20 -22.84
C ASN A 496 -10.40 10.27 -23.89
N GLY A 497 -10.79 9.86 -25.08
CA GLY A 497 -10.86 10.76 -26.21
C GLY A 497 -9.70 10.67 -27.18
N ILE A 498 -8.88 9.62 -27.09
CA ILE A 498 -7.81 9.42 -28.06
C ILE A 498 -8.39 9.25 -29.45
N LYS A 499 -9.59 8.67 -29.55
CA LYS A 499 -10.22 8.43 -30.85
C LYS A 499 -10.28 9.69 -31.69
N VAL A 500 -10.98 10.71 -31.19
CA VAL A 500 -11.15 11.94 -31.96
C VAL A 500 -9.81 12.59 -32.25
N LEU A 501 -8.88 12.53 -31.29
CA LEU A 501 -7.56 13.09 -31.51
C LEU A 501 -6.85 12.41 -32.68
N LYS A 502 -7.04 11.10 -32.84
CA LYS A 502 -6.45 10.39 -33.96
C LYS A 502 -7.24 10.54 -35.26
N LEU A 503 -8.53 10.84 -35.17
CA LEU A 503 -9.36 10.95 -36.37
C LEU A 503 -8.89 12.09 -37.27
N TYR A 504 -8.09 13.00 -36.72
CA TYR A 504 -7.49 14.08 -37.49
C TYR A 504 -6.17 14.44 -36.82
N ALA A 505 -5.68 15.65 -37.07
CA ALA A 505 -4.38 16.08 -36.60
C ALA A 505 -4.41 16.41 -35.11
N TRP A 506 -3.39 17.15 -34.66
CA TRP A 506 -3.25 17.71 -33.32
C TRP A 506 -2.67 16.72 -32.32
N GLU A 507 -2.18 15.56 -32.77
CA GLU A 507 -1.48 14.75 -31.78
C GLU A 507 -0.11 15.31 -31.43
N PRO A 508 0.72 15.77 -32.39
CA PRO A 508 2.06 16.23 -31.99
C PRO A 508 2.03 17.42 -31.05
N SER A 509 1.00 18.25 -31.16
CA SER A 509 0.84 19.35 -30.23
C SER A 509 0.71 18.84 -28.80
N PHE A 510 -0.07 17.78 -28.59
CA PHE A 510 -0.22 17.24 -27.25
C PHE A 510 1.01 16.44 -26.82
N LEU A 511 1.70 15.81 -27.77
CA LEU A 511 3.01 15.24 -27.49
C LEU A 511 3.93 16.30 -26.88
N LYS A 512 4.05 17.45 -27.54
CA LYS A 512 4.89 18.53 -27.01
C LYS A 512 4.33 19.08 -25.70
N GLN A 513 3.01 19.15 -25.58
CA GLN A 513 2.40 19.76 -24.41
C GLN A 513 2.50 18.88 -23.16
N VAL A 514 2.68 17.58 -23.33
CA VAL A 514 3.03 16.74 -22.19
C VAL A 514 4.53 16.64 -22.01
N GLU A 515 5.31 16.73 -23.10
CA GLU A 515 6.75 16.76 -22.99
C GLU A 515 7.23 17.96 -22.20
N GLY A 516 6.51 19.08 -22.28
CA GLY A 516 6.90 20.25 -21.50
C GLY A 516 6.88 19.97 -20.00
N ILE A 517 5.78 19.41 -19.51
CA ILE A 517 5.69 19.13 -18.08
C ILE A 517 6.64 18.01 -17.69
N ARG A 518 6.84 17.02 -18.57
CA ARG A 518 7.81 15.96 -18.27
C ARG A 518 9.21 16.55 -18.12
N GLN A 519 9.59 17.43 -19.04
CA GLN A 519 10.91 18.05 -18.98
C GLN A 519 11.05 18.90 -17.74
N GLY A 520 10.02 19.67 -17.39
CA GLY A 520 10.09 20.47 -16.17
C GLY A 520 10.27 19.61 -14.93
N GLU A 521 9.50 18.53 -14.82
CA GLU A 521 9.54 17.73 -13.61
C GLU A 521 10.83 16.90 -13.54
N LEU A 522 11.40 16.54 -14.69
CA LEU A 522 12.69 15.87 -14.68
C LEU A 522 13.84 16.82 -14.38
N GLN A 523 13.76 18.06 -14.87
CA GLN A 523 14.72 19.07 -14.45
C GLN A 523 14.65 19.29 -12.96
N LEU A 524 13.44 19.22 -12.39
CA LEU A 524 13.32 19.25 -10.93
C LEU A 524 14.03 18.05 -10.30
N LEU A 525 13.71 16.84 -10.75
CA LEU A 525 14.31 15.64 -10.15
C LEU A 525 15.82 15.62 -10.28
N ARG A 526 16.38 16.34 -11.26
CA ARG A 526 17.83 16.46 -11.32
C ARG A 526 18.38 17.09 -10.05
N THR A 527 17.57 17.89 -9.36
CA THR A 527 17.93 18.49 -8.09
C THR A 527 17.32 17.73 -6.91
N ALA A 528 16.58 16.66 -7.17
CA ALA A 528 15.90 15.92 -6.13
C ALA A 528 16.50 14.54 -5.85
N ALA A 529 17.39 14.05 -6.71
CA ALA A 529 18.14 12.84 -6.43
C ALA A 529 19.61 13.11 -6.18
N TYR A 530 20.13 14.25 -6.65
CA TYR A 530 21.49 14.65 -6.32
C TYR A 530 21.65 14.78 -4.80
N LEU A 531 20.65 15.34 -4.13
CA LEU A 531 20.65 15.44 -2.69
C LEU A 531 20.03 14.21 -2.02
N HIS A 532 19.93 13.10 -2.74
CA HIS A 532 19.62 11.80 -2.16
C HIS A 532 20.84 10.95 -1.99
N THR A 533 22.03 11.51 -2.21
CA THR A 533 23.30 10.84 -1.99
C THR A 533 23.89 11.16 -0.64
N THR A 534 23.04 11.46 0.34
CA THR A 534 23.45 11.62 1.73
C THR A 534 23.02 10.41 2.55
N THR A 535 22.32 9.47 1.94
CA THR A 535 22.03 8.19 2.59
C THR A 535 23.04 7.11 2.24
N THR A 536 23.78 7.27 1.16
CA THR A 536 24.95 6.43 0.93
C THR A 536 26.19 6.99 1.62
N PHE A 537 26.24 8.31 1.78
CA PHE A 537 27.36 8.93 2.49
C PHE A 537 27.48 8.38 3.90
N THR A 538 26.37 8.32 4.62
CA THR A 538 26.40 7.74 5.96
C THR A 538 26.94 6.32 5.92
N TRP A 539 26.22 5.42 5.24
CA TRP A 539 26.48 3.99 5.34
C TRP A 539 27.81 3.57 4.73
N MET A 540 28.49 4.41 3.94
CA MET A 540 29.82 4.02 3.48
C MET A 540 30.87 5.12 3.64
N CYS A 541 30.65 6.10 4.50
CA CYS A 541 31.74 6.96 4.92
C CYS A 541 31.78 7.26 6.40
N SER A 542 30.67 7.13 7.14
CA SER A 542 30.72 7.42 8.56
C SER A 542 31.69 6.53 9.33
N PRO A 543 31.74 5.20 9.11
CA PRO A 543 32.74 4.41 9.86
C PRO A 543 34.16 4.87 9.62
N PHE A 544 34.56 4.96 8.36
CA PHE A 544 35.93 5.37 8.06
C PHE A 544 36.22 6.78 8.56
N LEU A 545 35.30 7.72 8.33
CA LEU A 545 35.60 9.09 8.68
C LEU A 545 35.66 9.27 10.20
N VAL A 546 34.78 8.58 10.94
CA VAL A 546 34.83 8.70 12.39
C VAL A 546 36.11 8.05 12.92
N THR A 547 36.54 6.94 12.32
CA THR A 547 37.81 6.35 12.72
C THR A 547 38.97 7.30 12.45
N LEU A 548 38.95 7.95 11.28
CA LEU A 548 40.00 8.91 10.95
C LEU A 548 40.03 10.05 11.96
N ILE A 549 38.86 10.61 12.28
CA ILE A 549 38.81 11.75 13.18
C ILE A 549 39.30 11.36 14.57
N THR A 550 38.80 10.22 15.08
CA THR A 550 39.18 9.84 16.44
C THR A 550 40.67 9.50 16.53
N LEU A 551 41.21 8.82 15.52
CA LEU A 551 42.64 8.53 15.52
C LEU A 551 43.46 9.81 15.44
N TRP A 552 43.04 10.74 14.58
CA TRP A 552 43.78 11.99 14.45
C TRP A 552 43.80 12.75 15.77
N VAL A 553 42.65 12.85 16.43
CA VAL A 553 42.59 13.59 17.69
C VAL A 553 43.40 12.88 18.77
N TYR A 554 43.26 11.55 18.85
CA TYR A 554 44.00 10.79 19.86
C TYR A 554 45.50 10.95 19.66
N VAL A 555 45.96 10.94 18.42
CA VAL A 555 47.39 11.11 18.16
C VAL A 555 47.83 12.52 18.54
N TYR A 556 47.09 13.53 18.09
CA TYR A 556 47.54 14.91 18.27
C TYR A 556 46.98 15.57 19.53
N VAL A 557 46.57 14.80 20.53
CA VAL A 557 46.31 15.39 21.84
C VAL A 557 47.55 15.34 22.71
N ASP A 558 48.27 14.23 22.72
CA ASP A 558 49.55 14.09 23.39
C ASP A 558 50.46 13.23 22.52
N PRO A 559 51.77 13.46 22.58
CA PRO A 559 52.71 12.64 21.79
C PRO A 559 53.21 11.40 22.50
N ASN A 560 52.86 11.19 23.77
CA ASN A 560 53.32 10.04 24.53
C ASN A 560 52.20 9.05 24.84
N ASN A 561 51.25 8.92 23.90
CA ASN A 561 50.23 7.87 23.95
C ASN A 561 50.22 7.16 22.59
N VAL A 562 51.11 6.19 22.44
CA VAL A 562 51.36 5.57 21.15
C VAL A 562 50.23 4.61 20.79
N LEU A 563 50.02 4.45 19.50
CA LEU A 563 48.98 3.55 18.99
C LEU A 563 49.44 2.10 19.10
N ASP A 564 48.46 1.20 19.20
CA ASP A 564 48.70 -0.23 19.10
C ASP A 564 47.38 -0.92 18.77
N ALA A 565 47.49 -2.18 18.34
CA ALA A 565 46.33 -2.87 17.77
C ALA A 565 45.20 -3.01 18.78
N GLU A 566 45.52 -3.38 20.01
CA GLU A 566 44.47 -3.74 20.99
C GLU A 566 43.66 -2.55 21.43
N LYS A 567 43.85 -1.37 20.90
CA LYS A 567 42.87 -0.31 21.09
C LYS A 567 42.29 0.18 19.77
N ALA A 568 43.12 0.34 18.74
CA ALA A 568 42.62 0.82 17.46
C ALA A 568 41.59 -0.13 16.87
N PHE A 569 41.91 -1.43 16.85
CA PHE A 569 40.99 -2.36 16.19
C PHE A 569 39.77 -2.66 17.03
N VAL A 570 39.91 -2.74 18.36
CA VAL A 570 38.72 -2.89 19.18
C VAL A 570 37.81 -1.69 19.03
N SER A 571 38.38 -0.49 18.89
CA SER A 571 37.55 0.69 18.67
C SER A 571 36.85 0.63 17.32
N VAL A 572 37.57 0.27 16.25
CA VAL A 572 36.95 0.25 14.94
C VAL A 572 35.91 -0.87 14.84
N SER A 573 35.99 -1.87 15.73
CA SER A 573 34.95 -2.89 15.77
C SER A 573 33.81 -2.54 16.71
N LEU A 574 34.05 -1.68 17.69
CA LEU A 574 33.00 -1.31 18.62
C LEU A 574 32.13 -0.19 18.06
N PHE A 575 32.72 0.69 17.24
CA PHE A 575 31.92 1.69 16.55
C PHE A 575 30.86 1.02 15.68
N ASN A 576 31.21 -0.07 15.01
CA ASN A 576 30.25 -0.82 14.22
C ASN A 576 29.04 -1.23 15.06
N ILE A 577 29.28 -1.66 16.30
CA ILE A 577 28.19 -1.98 17.20
C ILE A 577 27.41 -0.71 17.56
N LEU A 578 28.12 0.41 17.71
CA LEU A 578 27.48 1.65 18.12
C LEU A 578 26.55 2.20 17.05
N ARG A 579 26.92 2.13 15.77
CA ARG A 579 26.27 2.93 14.74
C ARG A 579 25.14 2.21 14.03
N LEU A 580 24.78 1.00 14.43
CA LEU A 580 23.53 0.46 13.90
C LEU A 580 22.33 1.08 14.61
N PRO A 581 22.25 1.04 15.98
CA PRO A 581 21.14 1.71 16.67
C PRO A 581 21.43 3.19 16.93
N LEU A 582 22.05 3.84 15.96
CA LEU A 582 22.22 5.30 15.97
C LEU A 582 21.93 5.94 14.62
N ASN A 583 22.04 5.22 13.51
CA ASN A 583 21.59 5.73 12.23
C ASN A 583 20.13 5.40 11.95
N MET A 584 19.55 4.47 12.70
CA MET A 584 18.10 4.25 12.68
C MET A 584 17.39 5.12 13.70
N LEU A 585 18.06 6.14 14.22
CA LEU A 585 17.49 7.13 15.12
C LEU A 585 16.71 8.21 14.39
N PRO A 586 17.20 8.74 13.25
CA PRO A 586 16.38 9.71 12.50
C PRO A 586 15.04 9.15 12.07
N GLN A 587 14.99 7.88 11.66
CA GLN A 587 13.71 7.28 11.32
C GLN A 587 12.78 7.25 12.53
N LEU A 588 13.34 6.97 13.71
CA LEU A 588 12.57 7.02 14.95
C LEU A 588 12.02 8.42 15.19
N ILE A 589 12.87 9.45 15.07
CA ILE A 589 12.45 10.79 15.41
C ILE A 589 11.48 11.35 14.38
N SER A 590 11.45 10.79 13.17
CA SER A 590 10.44 11.17 12.20
C SER A 590 9.12 10.43 12.42
N ASN A 591 9.20 9.12 12.70
CA ASN A 591 7.99 8.34 12.89
C ASN A 591 7.26 8.73 14.17
N LEU A 592 7.98 9.11 15.22
CA LEU A 592 7.31 9.61 16.41
C LEU A 592 6.47 10.85 16.09
N THR A 593 7.03 11.77 15.32
CA THR A 593 6.26 12.96 14.95
C THR A 593 5.05 12.60 14.10
N GLN A 594 5.27 11.84 13.03
CA GLN A 594 4.18 11.57 12.12
C GLN A 594 3.25 10.46 12.59
N ALA A 595 3.48 9.93 13.80
CA ALA A 595 2.52 9.06 14.44
C ALA A 595 1.84 9.70 15.64
N SER A 596 2.49 10.65 16.31
CA SER A 596 1.80 11.47 17.29
C SER A 596 0.83 12.43 16.63
N VAL A 597 1.09 12.84 15.38
CA VAL A 597 0.07 13.58 14.64
C VAL A 597 -1.11 12.70 14.27
N SER A 598 -0.92 11.38 14.23
CA SER A 598 -1.95 10.42 13.82
C SER A 598 -2.81 9.95 14.98
N LEU A 599 -2.17 9.56 16.08
CA LEU A 599 -2.91 9.14 17.26
C LEU A 599 -3.77 10.27 17.80
N LYS A 600 -3.33 11.52 17.63
CA LYS A 600 -4.16 12.65 18.01
C LYS A 600 -5.47 12.64 17.22
N ARG A 601 -5.39 12.42 15.91
CA ARG A 601 -6.60 12.44 15.10
C ARG A 601 -7.48 11.23 15.39
N ILE A 602 -6.87 10.07 15.65
CA ILE A 602 -7.66 8.89 16.00
C ILE A 602 -8.39 9.11 17.31
N GLN A 603 -7.70 9.66 18.31
CA GLN A 603 -8.36 9.97 19.58
C GLN A 603 -9.48 10.98 19.38
N GLN A 604 -9.26 11.98 18.53
CA GLN A 604 -10.30 12.97 18.25
C GLN A 604 -11.53 12.30 17.65
N PHE A 605 -11.34 11.46 16.64
CA PHE A 605 -12.47 10.85 15.95
C PHE A 605 -13.21 9.84 16.83
N LEU A 606 -12.60 9.37 17.90
CA LEU A 606 -13.24 8.40 18.78
C LEU A 606 -14.05 9.05 19.89
N SER A 607 -13.99 10.37 20.03
CA SER A 607 -14.78 11.11 21.01
C SER A 607 -15.81 11.92 20.23
N GLN A 608 -16.95 11.29 19.94
CA GLN A 608 -18.00 11.90 19.13
C GLN A 608 -19.35 11.54 19.74
N GLU A 609 -20.42 11.78 18.98
CA GLU A 609 -21.79 11.69 19.49
C GLU A 609 -22.45 10.44 18.94
N GLU A 610 -23.11 9.69 19.83
CA GLU A 610 -23.88 8.51 19.46
C GLU A 610 -25.29 8.65 20.02
N LEU A 611 -26.29 8.51 19.15
CA LEU A 611 -27.69 8.57 19.56
C LEU A 611 -28.37 7.22 19.51
N ASP A 612 -27.60 6.14 19.39
CA ASP A 612 -28.17 4.79 19.35
C ASP A 612 -28.96 4.40 20.59
N PRO A 613 -28.50 4.65 21.83
CA PRO A 613 -29.10 3.96 22.99
C PRO A 613 -30.62 3.96 23.03
N GLN A 614 -31.26 5.12 22.88
CA GLN A 614 -32.72 5.14 22.81
C GLN A 614 -33.16 6.46 22.16
N SER A 615 -33.79 6.35 20.99
CA SER A 615 -34.53 7.46 20.39
C SER A 615 -35.88 7.04 19.85
N VAL A 616 -36.04 5.79 19.41
CA VAL A 616 -37.32 5.25 18.98
C VAL A 616 -37.53 3.89 19.63
N GLU A 617 -38.24 3.88 20.76
CA GLU A 617 -38.43 2.63 21.49
C GLU A 617 -39.32 1.68 20.70
N ARG A 618 -39.18 0.39 21.02
CA ARG A 618 -39.84 -0.65 20.23
C ARG A 618 -40.57 -1.67 21.09
N LYS A 619 -41.09 -1.24 22.25
CA LYS A 619 -41.80 -2.14 23.14
C LYS A 619 -43.26 -1.78 23.29
N THR A 620 -43.57 -0.55 23.68
CA THR A 620 -44.95 -0.13 23.95
C THR A 620 -45.46 0.66 22.75
N ILE A 621 -46.49 0.13 22.09
CA ILE A 621 -47.10 0.76 20.93
C ILE A 621 -48.61 0.71 21.11
N SER A 622 -49.29 1.80 20.76
CA SER A 622 -50.73 1.87 20.89
C SER A 622 -51.40 0.80 20.02
N PRO A 623 -52.30 -0.01 20.56
CA PRO A 623 -52.92 -1.06 19.76
C PRO A 623 -53.71 -0.48 18.59
N GLY A 624 -53.66 -1.19 17.46
CA GLY A 624 -54.30 -0.76 16.23
C GLY A 624 -53.47 0.20 15.41
N TYR A 625 -52.40 0.74 15.97
CA TYR A 625 -51.50 1.66 15.28
C TYR A 625 -50.11 1.05 15.24
N ALA A 626 -49.42 1.20 14.12
CA ALA A 626 -48.08 0.66 13.98
C ALA A 626 -47.00 1.73 14.08
N ILE A 627 -47.24 2.90 13.48
CA ILE A 627 -46.27 3.99 13.45
C ILE A 627 -46.89 5.17 14.19
N THR A 628 -46.26 5.57 15.30
CA THR A 628 -46.80 6.62 16.15
C THR A 628 -45.68 7.52 16.65
N ILE A 629 -45.88 8.83 16.50
CA ILE A 629 -45.00 9.86 17.06
C ILE A 629 -45.87 10.90 17.76
N HIS A 630 -45.43 11.35 18.93
CA HIS A 630 -46.12 12.37 19.68
C HIS A 630 -45.16 13.50 20.02
N SER A 631 -45.55 14.73 19.67
CA SER A 631 -44.75 15.93 19.92
C SER A 631 -43.37 15.82 19.28
N GLY A 632 -43.32 15.23 18.09
CA GLY A 632 -42.05 14.96 17.44
C GLY A 632 -41.33 16.19 16.94
N THR A 633 -40.24 16.55 17.62
CA THR A 633 -39.35 17.61 17.18
C THR A 633 -38.00 16.99 16.83
N PHE A 634 -37.53 17.26 15.62
CA PHE A 634 -36.31 16.63 15.12
C PHE A 634 -35.43 17.69 14.47
N THR A 635 -34.16 17.68 14.81
CA THR A 635 -33.20 18.65 14.30
C THR A 635 -32.00 17.89 13.76
N TRP A 636 -31.40 18.39 12.68
CA TRP A 636 -30.28 17.69 12.08
C TRP A 636 -29.01 17.86 12.91
N ALA A 637 -28.74 19.08 13.38
CA ALA A 637 -27.59 19.35 14.23
C ALA A 637 -27.98 20.37 15.29
N GLN A 638 -27.35 20.25 16.46
CA GLN A 638 -27.71 21.10 17.59
C GLN A 638 -27.52 22.57 17.28
N ASP A 639 -26.68 22.92 16.31
CA ASP A 639 -26.52 24.30 15.87
C ASP A 639 -27.36 24.62 14.63
N LEU A 640 -28.25 23.73 14.24
CA LEU A 640 -29.12 23.92 13.08
C LEU A 640 -30.55 24.18 13.51
N PRO A 641 -31.34 24.87 12.67
CA PRO A 641 -32.75 25.08 13.02
C PRO A 641 -33.51 23.77 13.03
N PRO A 642 -34.51 23.64 13.89
CA PRO A 642 -35.31 22.39 13.94
C PRO A 642 -36.08 22.19 12.64
N THR A 643 -35.76 21.12 11.92
CA THR A 643 -36.47 20.82 10.68
C THR A 643 -37.93 20.52 10.95
N LEU A 644 -38.22 19.73 11.97
CA LEU A 644 -39.57 19.33 12.32
C LEU A 644 -39.88 19.82 13.73
N HIS A 645 -41.10 20.32 13.93
CA HIS A 645 -41.46 21.04 15.15
C HIS A 645 -42.70 20.41 15.79
N SER A 646 -42.48 19.63 16.85
CA SER A 646 -43.56 19.08 17.68
C SER A 646 -44.57 18.30 16.84
N LEU A 647 -44.06 17.55 15.87
CA LEU A 647 -44.94 16.80 14.98
C LEU A 647 -45.70 15.71 15.74
N ASP A 648 -46.94 15.47 15.30
CA ASP A 648 -47.82 14.48 15.91
C ASP A 648 -48.40 13.65 14.77
N ILE A 649 -47.71 12.57 14.41
CA ILE A 649 -48.13 11.68 13.33
C ILE A 649 -48.46 10.32 13.92
N GLN A 650 -49.65 9.82 13.59
CA GLN A 650 -50.10 8.50 14.02
C GLN A 650 -50.53 7.71 12.80
N VAL A 651 -50.02 6.47 12.68
CA VAL A 651 -50.29 5.65 11.51
C VAL A 651 -50.83 4.28 11.96
N PRO A 652 -51.90 3.79 11.34
CA PRO A 652 -52.42 2.46 11.71
C PRO A 652 -51.54 1.34 11.20
N LYS A 653 -51.98 0.09 11.39
CA LYS A 653 -51.21 -1.09 11.04
C LYS A 653 -51.60 -1.60 9.67
N GLY A 654 -50.58 -1.85 8.83
CA GLY A 654 -50.78 -2.56 7.58
C GLY A 654 -51.29 -1.72 6.42
N ALA A 655 -51.54 -0.43 6.62
CA ALA A 655 -52.08 0.40 5.57
C ALA A 655 -50.94 1.06 4.78
N LEU A 656 -51.32 1.83 3.77
CA LEU A 656 -50.38 2.61 2.96
C LEU A 656 -50.47 4.08 3.35
N VAL A 657 -49.32 4.71 3.55
CA VAL A 657 -49.25 6.11 3.91
C VAL A 657 -48.14 6.77 3.08
N ALA A 658 -48.43 7.96 2.55
CA ALA A 658 -47.47 8.72 1.78
C ALA A 658 -47.39 10.14 2.32
N VAL A 659 -46.29 10.81 1.99
CA VAL A 659 -46.02 12.17 2.43
C VAL A 659 -45.76 13.03 1.21
N VAL A 660 -46.50 14.12 1.08
CA VAL A 660 -46.44 14.97 -0.10
C VAL A 660 -46.02 16.38 0.32
N GLY A 661 -45.65 17.18 -0.66
CA GLY A 661 -45.23 18.55 -0.43
C GLY A 661 -44.12 19.00 -1.36
N PRO A 662 -43.68 20.24 -1.21
CA PRO A 662 -42.57 20.73 -2.03
C PRO A 662 -41.28 19.99 -1.72
N VAL A 663 -40.30 20.16 -2.61
CA VAL A 663 -39.02 19.47 -2.48
C VAL A 663 -38.31 19.91 -1.21
N GLY A 664 -37.89 18.95 -0.40
CA GLY A 664 -37.10 19.23 0.78
C GLY A 664 -37.85 19.83 1.95
N CYS A 665 -39.18 19.89 1.90
CA CYS A 665 -39.98 20.51 2.95
C CYS A 665 -40.15 19.61 4.17
N GLY A 666 -39.41 18.51 4.27
CA GLY A 666 -39.55 17.61 5.40
C GLY A 666 -39.70 16.16 4.98
N LYS A 667 -40.01 15.95 3.70
CA LYS A 667 -40.12 14.59 3.19
C LYS A 667 -38.79 13.85 3.27
N SER A 668 -37.69 14.53 2.93
CA SER A 668 -36.36 13.92 3.00
C SER A 668 -35.78 13.96 4.39
N SER A 669 -36.59 14.23 5.42
CA SER A 669 -36.09 14.29 6.78
C SER A 669 -36.92 13.41 7.71
N LEU A 670 -38.20 13.23 7.38
CA LEU A 670 -39.06 12.38 8.20
C LEU A 670 -38.55 10.95 8.23
N VAL A 671 -38.15 10.42 7.08
CA VAL A 671 -37.65 9.06 7.01
C VAL A 671 -36.36 8.92 7.83
N SER A 672 -35.49 9.92 7.77
CA SER A 672 -34.28 9.90 8.59
C SER A 672 -34.62 9.90 10.07
N ALA A 673 -35.60 10.73 10.46
CA ALA A 673 -35.99 10.81 11.87
C ALA A 673 -36.55 9.49 12.36
N LEU A 674 -37.38 8.82 11.55
CA LEU A 674 -38.00 7.58 11.99
C LEU A 674 -36.95 6.51 12.33
N LEU A 675 -35.89 6.43 11.53
CA LEU A 675 -34.86 5.42 11.76
C LEU A 675 -34.06 5.66 13.03
N GLY A 676 -34.35 6.73 13.77
CA GLY A 676 -33.57 7.07 14.94
C GLY A 676 -32.22 7.69 14.65
N GLU A 677 -31.88 7.87 13.36
CA GLU A 677 -30.63 8.53 13.01
C GLU A 677 -30.64 10.00 13.41
N MET A 678 -31.73 10.69 13.15
CA MET A 678 -31.80 12.13 13.40
C MET A 678 -32.19 12.39 14.85
N GLU A 679 -31.49 13.32 15.50
CA GLU A 679 -31.68 13.53 16.92
C GLU A 679 -32.99 14.26 17.20
N LYS A 680 -33.51 14.03 18.41
CA LYS A 680 -34.82 14.51 18.81
C LYS A 680 -34.70 15.37 20.06
N LEU A 681 -35.42 16.48 20.09
CA LEU A 681 -35.42 17.34 21.27
C LEU A 681 -36.52 16.96 22.25
N GLU A 682 -37.71 16.65 21.74
CA GLU A 682 -38.80 16.19 22.58
C GLU A 682 -39.75 15.35 21.73
N GLY A 683 -40.58 14.57 22.41
CA GLY A 683 -41.53 13.69 21.77
C GLY A 683 -41.20 12.23 22.00
N LYS A 684 -42.24 11.40 21.87
CA LYS A 684 -42.12 9.96 22.05
C LYS A 684 -42.50 9.26 20.77
N VAL A 685 -41.67 8.31 20.34
CA VAL A 685 -41.87 7.56 19.11
C VAL A 685 -41.97 6.08 19.46
N HIS A 686 -42.88 5.38 18.78
CA HIS A 686 -43.13 3.97 19.07
C HIS A 686 -43.17 3.18 17.77
N MET A 687 -42.07 2.52 17.45
CA MET A 687 -41.97 1.64 16.28
C MET A 687 -42.14 0.20 16.72
N LYS A 688 -42.92 -0.56 15.97
CA LYS A 688 -43.26 -1.93 16.36
C LYS A 688 -42.74 -2.91 15.32
N GLY A 689 -41.67 -3.62 15.65
CA GLY A 689 -41.20 -4.70 14.81
C GLY A 689 -40.07 -4.34 13.88
N SER A 690 -39.83 -5.24 12.93
CA SER A 690 -38.73 -5.08 11.99
C SER A 690 -38.94 -3.86 11.11
N VAL A 691 -37.84 -3.42 10.49
CA VAL A 691 -37.83 -2.20 9.68
C VAL A 691 -37.13 -2.49 8.36
N ALA A 692 -37.58 -1.79 7.32
CA ALA A 692 -36.89 -1.76 6.04
C ALA A 692 -36.84 -0.32 5.56
N TYR A 693 -35.79 0.01 4.82
CA TYR A 693 -35.55 1.39 4.43
C TYR A 693 -34.85 1.45 3.09
N VAL A 694 -35.39 2.23 2.17
CA VAL A 694 -34.81 2.40 0.84
C VAL A 694 -34.32 3.84 0.67
N PRO A 695 -33.01 4.08 0.75
CA PRO A 695 -32.50 5.44 0.60
C PRO A 695 -32.71 5.97 -0.81
N GLN A 696 -32.82 7.30 -0.91
CA GLN A 696 -32.88 7.92 -2.23
C GLN A 696 -31.62 7.64 -3.03
N GLN A 697 -30.46 7.74 -2.39
CA GLN A 697 -29.20 7.30 -2.98
C GLN A 697 -29.01 5.84 -2.64
N ALA A 698 -29.20 4.97 -3.63
CA ALA A 698 -29.14 3.54 -3.38
C ALA A 698 -27.76 3.13 -2.89
N TRP A 699 -27.73 2.16 -1.97
CA TRP A 699 -26.50 1.63 -1.43
C TRP A 699 -26.32 0.21 -1.93
N ILE A 700 -25.16 -0.06 -2.52
CA ILE A 700 -24.87 -1.33 -3.18
C ILE A 700 -23.55 -1.87 -2.64
N GLN A 701 -23.56 -3.13 -2.22
CA GLN A 701 -22.36 -3.74 -1.66
C GLN A 701 -21.45 -4.26 -2.76
N ASN A 702 -20.14 -4.07 -2.60
CA ASN A 702 -19.15 -4.47 -3.60
C ASN A 702 -18.98 -5.98 -3.54
N CYS A 703 -19.98 -6.68 -4.04
CA CYS A 703 -19.98 -8.14 -4.08
C CYS A 703 -21.01 -8.58 -5.11
N THR A 704 -21.32 -9.87 -5.11
CA THR A 704 -22.30 -10.41 -6.04
C THR A 704 -23.70 -9.86 -5.74
N LEU A 705 -24.52 -9.78 -6.80
CA LEU A 705 -25.84 -9.21 -6.66
C LEU A 705 -26.74 -10.05 -5.77
N GLN A 706 -26.57 -11.38 -5.81
CA GLN A 706 -27.46 -12.25 -5.05
C GLN A 706 -27.43 -11.92 -3.57
N GLU A 707 -26.24 -11.78 -3.00
CA GLU A 707 -26.15 -11.38 -1.60
C GLU A 707 -26.28 -9.87 -1.42
N ASN A 708 -26.13 -9.09 -2.49
CA ASN A 708 -26.54 -7.70 -2.43
C ASN A 708 -28.05 -7.56 -2.28
N VAL A 709 -28.78 -8.64 -2.56
CA VAL A 709 -30.22 -8.68 -2.34
C VAL A 709 -30.59 -9.64 -1.22
N LEU A 710 -29.92 -10.80 -1.16
CA LEU A 710 -30.08 -11.68 -0.01
C LEU A 710 -29.72 -10.93 1.27
N PHE A 711 -28.53 -10.32 1.29
CA PHE A 711 -28.12 -9.37 2.31
C PHE A 711 -28.14 -10.00 3.70
N GLY A 712 -27.70 -11.26 3.75
CA GLY A 712 -27.49 -11.95 5.01
C GLY A 712 -28.62 -12.84 5.50
N LYS A 713 -29.58 -13.18 4.66
CA LYS A 713 -30.68 -14.04 5.06
C LYS A 713 -30.65 -15.34 4.26
N ALA A 714 -31.27 -16.37 4.83
CA ALA A 714 -31.29 -17.69 4.20
C ALA A 714 -31.99 -17.61 2.84
N LEU A 715 -31.38 -18.24 1.84
CA LEU A 715 -31.89 -18.17 0.47
C LEU A 715 -33.12 -19.05 0.34
N ASN A 716 -34.29 -18.44 0.25
CA ASN A 716 -35.50 -19.15 -0.15
C ASN A 716 -35.61 -19.02 -1.65
N PRO A 717 -35.45 -20.09 -2.43
CA PRO A 717 -35.36 -19.95 -3.90
C PRO A 717 -36.59 -19.32 -4.51
N LYS A 718 -37.76 -19.93 -4.29
CA LYS A 718 -38.97 -19.44 -4.92
C LYS A 718 -39.29 -18.02 -4.49
N ARG A 719 -39.10 -17.71 -3.20
CA ARG A 719 -39.29 -16.34 -2.73
C ARG A 719 -38.31 -15.38 -3.39
N TYR A 720 -37.05 -15.81 -3.55
CA TYR A 720 -36.05 -14.95 -4.16
C TYR A 720 -36.42 -14.61 -5.59
N GLN A 721 -36.84 -15.62 -6.38
CA GLN A 721 -37.25 -15.32 -7.74
C GLN A 721 -38.57 -14.55 -7.79
N GLN A 722 -39.45 -14.75 -6.80
CA GLN A 722 -40.65 -13.94 -6.72
C GLN A 722 -40.31 -12.47 -6.56
N THR A 723 -39.38 -12.16 -5.65
CA THR A 723 -38.94 -10.78 -5.47
C THR A 723 -38.24 -10.25 -6.72
N LEU A 724 -37.42 -11.09 -7.36
CA LEU A 724 -36.71 -10.67 -8.56
C LEU A 724 -37.69 -10.32 -9.68
N GLU A 725 -38.71 -11.15 -9.87
CA GLU A 725 -39.66 -10.93 -10.97
C GLU A 725 -40.62 -9.79 -10.65
N ALA A 726 -41.00 -9.62 -9.38
CA ALA A 726 -41.89 -8.53 -9.00
C ALA A 726 -41.24 -7.18 -9.29
N CYS A 727 -39.96 -7.04 -8.95
CA CYS A 727 -39.22 -5.82 -9.25
C CYS A 727 -38.88 -5.70 -10.73
N ALA A 728 -39.11 -6.75 -11.52
CA ALA A 728 -38.79 -6.77 -12.95
C ALA A 728 -37.31 -6.52 -13.20
N LEU A 729 -36.45 -7.04 -12.34
CA LEU A 729 -35.01 -6.97 -12.58
C LEU A 729 -34.56 -7.90 -13.70
N LEU A 730 -35.41 -8.87 -14.08
CA LEU A 730 -35.04 -9.82 -15.13
C LEU A 730 -34.67 -9.12 -16.42
N ALA A 731 -35.37 -8.04 -16.77
CA ALA A 731 -35.02 -7.28 -17.96
C ALA A 731 -33.58 -6.77 -17.90
N ASP A 732 -33.19 -6.24 -16.74
CA ASP A 732 -31.79 -5.88 -16.54
C ASP A 732 -30.92 -7.11 -16.33
N LEU A 733 -31.48 -8.16 -15.71
CA LEU A 733 -30.68 -9.33 -15.36
C LEU A 733 -30.13 -10.01 -16.61
N GLU A 734 -30.93 -10.08 -17.67
CA GLU A 734 -30.46 -10.71 -18.91
C GLU A 734 -29.24 -10.00 -19.48
N MET A 735 -29.07 -8.70 -19.21
CA MET A 735 -27.88 -8.00 -19.66
C MET A 735 -26.64 -8.48 -18.91
N LEU A 736 -26.78 -8.77 -17.62
CA LEU A 736 -25.64 -9.15 -16.81
C LEU A 736 -25.01 -10.44 -17.34
N PRO A 737 -23.71 -10.46 -17.62
CA PRO A 737 -23.06 -11.68 -18.13
C PRO A 737 -23.21 -12.85 -17.17
N GLY A 738 -22.78 -12.68 -15.92
CA GLY A 738 -22.91 -13.72 -14.93
C GLY A 738 -24.27 -13.82 -14.28
N GLY A 739 -25.22 -12.99 -14.70
CA GLY A 739 -26.54 -13.02 -14.10
C GLY A 739 -26.53 -12.51 -12.67
N ASP A 740 -27.34 -13.16 -11.82
CA ASP A 740 -27.43 -12.76 -10.42
C ASP A 740 -26.11 -12.93 -9.68
N GLN A 741 -25.18 -13.70 -10.23
CA GLN A 741 -23.88 -13.90 -9.62
C GLN A 741 -22.83 -12.92 -10.13
N THR A 742 -23.21 -11.96 -10.96
CA THR A 742 -22.27 -10.96 -11.45
C THR A 742 -21.79 -10.08 -10.30
N GLU A 743 -20.51 -9.70 -10.35
CA GLU A 743 -19.99 -8.73 -9.41
C GLU A 743 -20.69 -7.39 -9.59
N ILE A 744 -20.95 -6.71 -8.47
CA ILE A 744 -21.71 -5.46 -8.46
C ILE A 744 -20.92 -4.41 -7.70
N GLY A 745 -21.13 -3.15 -8.09
CA GLY A 745 -20.56 -2.03 -7.37
C GLY A 745 -19.34 -1.42 -8.03
N GLU A 746 -18.42 -0.91 -7.21
CA GLU A 746 -17.19 -0.31 -7.72
C GLU A 746 -16.34 -1.31 -8.49
N LYS A 747 -16.54 -2.61 -8.26
CA LYS A 747 -15.76 -3.62 -8.94
C LYS A 747 -16.01 -3.61 -10.44
N GLY A 748 -17.25 -3.36 -10.87
CA GLY A 748 -17.59 -3.49 -12.27
C GLY A 748 -18.55 -2.45 -12.82
N ILE A 749 -19.61 -2.93 -13.46
CA ILE A 749 -20.51 -2.06 -14.21
C ILE A 749 -21.18 -1.07 -13.27
N ASN A 750 -21.18 0.21 -13.67
CA ASN A 750 -21.88 1.26 -12.95
C ASN A 750 -23.36 1.20 -13.34
N LEU A 751 -24.10 0.34 -12.65
CA LEU A 751 -25.54 0.25 -12.89
C LEU A 751 -26.20 1.58 -12.60
N SER A 752 -27.14 1.96 -13.47
CA SER A 752 -27.79 3.26 -13.36
C SER A 752 -28.56 3.36 -12.05
N GLY A 753 -28.69 4.61 -11.57
CA GLY A 753 -29.51 4.84 -10.39
C GLY A 753 -30.92 4.34 -10.58
N GLY A 754 -31.45 4.43 -11.80
CA GLY A 754 -32.74 3.84 -12.11
C GLY A 754 -32.73 2.32 -12.02
N GLN A 755 -31.55 1.72 -11.94
CA GLN A 755 -31.45 0.28 -11.75
C GLN A 755 -31.08 -0.05 -10.30
N ARG A 756 -30.15 0.71 -9.73
CA ARG A 756 -29.78 0.48 -8.34
C ARG A 756 -30.94 0.73 -7.40
N GLN A 757 -31.84 1.66 -7.74
CA GLN A 757 -33.04 1.84 -6.94
C GLN A 757 -33.91 0.59 -6.97
N ARG A 758 -34.04 -0.04 -8.14
CA ARG A 758 -34.75 -1.30 -8.21
C ARG A 758 -34.07 -2.37 -7.36
N VAL A 759 -32.74 -2.41 -7.41
CA VAL A 759 -32.01 -3.39 -6.62
C VAL A 759 -32.27 -3.19 -5.13
N SER A 760 -32.23 -1.93 -4.67
CA SER A 760 -32.48 -1.65 -3.26
C SER A 760 -33.91 -2.01 -2.87
N LEU A 761 -34.88 -1.69 -3.74
CA LEU A 761 -36.26 -2.04 -3.45
C LEU A 761 -36.45 -3.55 -3.38
N ALA A 762 -35.79 -4.29 -4.26
CA ALA A 762 -35.84 -5.75 -4.20
C ALA A 762 -35.23 -6.25 -2.90
N ARG A 763 -34.11 -5.65 -2.47
CA ARG A 763 -33.55 -5.98 -1.18
C ARG A 763 -34.57 -5.78 -0.07
N ALA A 764 -35.25 -4.65 -0.08
CA ALA A 764 -36.24 -4.35 0.95
C ALA A 764 -37.37 -5.36 0.95
N VAL A 765 -37.98 -5.59 -0.21
CA VAL A 765 -39.16 -6.44 -0.26
C VAL A 765 -38.80 -7.89 0.09
N TYR A 766 -37.63 -8.35 -0.37
CA TYR A 766 -37.22 -9.70 -0.03
C TYR A 766 -37.00 -9.84 1.47
N SER A 767 -36.42 -8.81 2.09
CA SER A 767 -36.11 -8.83 3.51
C SER A 767 -37.38 -8.80 4.36
N ASP A 768 -38.54 -8.84 3.69
CA ASP A 768 -39.88 -9.08 4.25
C ASP A 768 -40.07 -8.47 5.62
N ALA A 769 -39.60 -7.24 5.81
CA ALA A 769 -39.81 -6.57 7.08
C ALA A 769 -41.29 -6.22 7.24
N ASP A 770 -41.64 -5.74 8.44
CA ASP A 770 -43.03 -5.43 8.75
C ASP A 770 -43.39 -3.97 8.52
N ILE A 771 -42.41 -3.09 8.37
CA ILE A 771 -42.65 -1.68 8.07
C ILE A 771 -41.67 -1.26 6.99
N PHE A 772 -42.16 -0.65 5.93
CA PHE A 772 -41.35 -0.20 4.82
C PHE A 772 -41.30 1.32 4.78
N LEU A 773 -40.10 1.86 4.65
CA LEU A 773 -39.90 3.30 4.47
C LEU A 773 -39.26 3.51 3.10
N LEU A 774 -39.86 4.39 2.31
CA LEU A 774 -39.41 4.65 0.94
C LEU A 774 -39.16 6.14 0.80
N ASP A 775 -37.94 6.50 0.42
CA ASP A 775 -37.53 7.89 0.27
C ASP A 775 -37.21 8.14 -1.21
N ASP A 776 -38.24 8.52 -1.98
CA ASP A 776 -38.14 8.79 -3.40
C ASP A 776 -37.38 7.67 -4.12
N PRO A 777 -37.92 6.45 -4.17
CA PRO A 777 -37.18 5.34 -4.76
C PRO A 777 -37.28 5.24 -6.27
N LEU A 778 -37.96 6.17 -6.93
CA LEU A 778 -38.20 6.11 -8.36
C LEU A 778 -37.76 7.40 -9.04
N SER A 779 -36.63 7.96 -8.62
CA SER A 779 -36.15 9.21 -9.19
C SER A 779 -35.68 9.01 -10.62
N ALA A 780 -34.87 7.98 -10.87
CA ALA A 780 -34.36 7.67 -12.19
C ALA A 780 -35.06 6.46 -12.81
N VAL A 781 -36.17 6.03 -12.23
CA VAL A 781 -36.95 4.92 -12.73
C VAL A 781 -38.09 5.48 -13.57
N ASP A 782 -38.15 5.08 -14.84
CA ASP A 782 -39.09 5.68 -15.77
C ASP A 782 -40.53 5.30 -15.39
N SER A 783 -41.47 6.08 -15.94
CA SER A 783 -42.88 5.93 -15.55
C SER A 783 -43.43 4.55 -15.92
N HIS A 784 -43.11 4.07 -17.13
CA HIS A 784 -43.73 2.84 -17.61
C HIS A 784 -43.34 1.65 -16.74
N VAL A 785 -42.12 1.65 -16.20
CA VAL A 785 -41.72 0.59 -15.30
C VAL A 785 -42.10 0.89 -13.86
N ALA A 786 -42.10 2.17 -13.47
CA ALA A 786 -42.44 2.53 -12.09
C ALA A 786 -43.90 2.17 -11.78
N LYS A 787 -44.80 2.38 -12.74
CA LYS A 787 -46.19 2.02 -12.50
C LYS A 787 -46.34 0.53 -12.24
N HIS A 788 -45.65 -0.30 -13.03
CA HIS A 788 -45.71 -1.74 -12.81
C HIS A 788 -45.06 -2.13 -11.49
N ILE A 789 -43.99 -1.43 -11.10
CA ILE A 789 -43.38 -1.68 -9.79
C ILE A 789 -44.39 -1.44 -8.68
N PHE A 790 -45.08 -0.30 -8.74
CA PHE A 790 -46.08 -0.01 -7.73
C PHE A 790 -47.21 -1.04 -7.75
N ASP A 791 -47.68 -1.42 -8.94
CA ASP A 791 -48.78 -2.36 -9.03
C ASP A 791 -48.40 -3.73 -8.46
N HIS A 792 -47.17 -4.19 -8.74
CA HIS A 792 -46.78 -5.51 -8.29
C HIS A 792 -46.24 -5.54 -6.87
N VAL A 793 -45.86 -4.40 -6.31
CA VAL A 793 -45.16 -4.40 -5.03
C VAL A 793 -45.87 -3.55 -3.98
N ILE A 794 -45.98 -2.25 -4.23
CA ILE A 794 -46.26 -1.29 -3.17
C ILE A 794 -47.73 -1.34 -2.77
N GLY A 795 -48.63 -1.07 -3.71
CA GLY A 795 -50.01 -0.89 -3.38
C GLY A 795 -50.66 -2.17 -2.89
N PRO A 796 -51.93 -2.06 -2.46
CA PRO A 796 -52.65 -3.26 -2.04
C PRO A 796 -52.74 -4.32 -3.12
N GLU A 797 -52.82 -3.90 -4.38
CA GLU A 797 -52.71 -4.83 -5.50
C GLU A 797 -51.33 -5.46 -5.58
N GLY A 798 -50.35 -4.90 -4.88
CA GLY A 798 -49.01 -5.45 -4.85
C GLY A 798 -48.86 -6.53 -3.80
N VAL A 799 -47.60 -6.96 -3.61
CA VAL A 799 -47.30 -8.03 -2.67
C VAL A 799 -47.38 -7.56 -1.22
N LEU A 800 -47.29 -6.26 -0.97
CA LEU A 800 -47.15 -5.71 0.37
C LEU A 800 -48.48 -5.28 0.97
N ALA A 801 -49.54 -6.07 0.76
CA ALA A 801 -50.87 -5.67 1.24
C ALA A 801 -50.90 -5.57 2.76
N GLY A 802 -50.30 -6.53 3.46
CA GLY A 802 -50.33 -6.54 4.90
C GLY A 802 -49.12 -5.93 5.57
N LYS A 803 -48.64 -4.80 5.03
CA LYS A 803 -47.46 -4.14 5.54
C LYS A 803 -47.76 -2.67 5.83
N THR A 804 -47.14 -2.13 6.88
CA THR A 804 -47.30 -0.74 7.25
C THR A 804 -46.31 0.08 6.42
N ARG A 805 -46.65 0.23 5.14
CA ARG A 805 -45.78 0.88 4.17
C ARG A 805 -45.84 2.39 4.30
N VAL A 806 -44.69 3.04 4.14
CA VAL A 806 -44.57 4.48 4.15
C VAL A 806 -43.82 4.92 2.91
N LEU A 807 -44.28 6.00 2.28
CA LEU A 807 -43.74 6.46 1.01
C LEU A 807 -43.42 7.94 1.06
N VAL A 808 -42.34 8.32 0.38
CA VAL A 808 -42.00 9.70 0.10
C VAL A 808 -41.91 9.84 -1.41
N THR A 809 -42.67 10.79 -1.97
CA THR A 809 -42.84 10.83 -3.41
C THR A 809 -42.83 12.27 -3.92
N HIS A 810 -42.48 12.41 -5.20
CA HIS A 810 -42.69 13.61 -5.96
C HIS A 810 -43.64 13.40 -7.12
N GLY A 811 -44.18 12.18 -7.28
CA GLY A 811 -45.05 11.87 -8.38
C GLY A 811 -46.49 12.32 -8.13
N ILE A 812 -47.34 12.02 -9.12
CA ILE A 812 -48.73 12.43 -9.10
C ILE A 812 -49.67 11.23 -9.22
N SER A 813 -49.48 10.41 -10.25
CA SER A 813 -50.37 9.27 -10.47
C SER A 813 -50.30 8.23 -9.36
N PHE A 814 -49.27 8.29 -8.52
CA PHE A 814 -49.20 7.38 -7.38
C PHE A 814 -50.19 7.77 -6.29
N LEU A 815 -50.56 9.04 -6.24
CA LEU A 815 -51.39 9.55 -5.16
C LEU A 815 -52.79 8.95 -5.11
N PRO A 816 -53.56 8.88 -6.21
CA PRO A 816 -54.97 8.49 -6.07
C PRO A 816 -55.21 7.13 -5.45
N GLN A 817 -54.34 6.14 -5.72
CA GLN A 817 -54.54 4.81 -5.17
C GLN A 817 -54.01 4.66 -3.76
N THR A 818 -53.37 5.68 -3.21
CA THR A 818 -52.85 5.62 -1.85
C THR A 818 -53.99 5.57 -0.84
N ASP A 819 -53.80 4.80 0.23
CA ASP A 819 -54.79 4.68 1.28
C ASP A 819 -54.83 5.90 2.20
N PHE A 820 -53.74 6.64 2.31
CA PHE A 820 -53.64 7.67 3.34
C PHE A 820 -52.52 8.65 3.00
N ILE A 821 -52.84 9.94 2.99
CA ILE A 821 -51.90 10.99 2.58
C ILE A 821 -51.69 11.96 3.73
N ILE A 822 -50.44 12.37 3.93
CA ILE A 822 -50.09 13.48 4.81
C ILE A 822 -49.32 14.51 4.00
N VAL A 823 -49.79 15.73 4.03
CA VAL A 823 -49.07 16.84 3.40
C VAL A 823 -48.09 17.40 4.40
N LEU A 824 -47.01 17.99 3.90
CA LEU A 824 -45.99 18.58 4.75
C LEU A 824 -45.47 19.84 4.07
N ALA A 825 -45.07 20.82 4.87
CA ALA A 825 -44.61 22.10 4.35
C ALA A 825 -43.85 22.83 5.44
N ASP A 826 -42.66 23.34 5.10
CA ASP A 826 -41.82 24.09 6.03
C ASP A 826 -41.51 23.30 7.29
N GLY A 827 -41.48 21.97 7.16
CA GLY A 827 -41.26 21.13 8.32
C GLY A 827 -42.37 21.19 9.35
N GLN A 828 -43.59 21.49 8.92
CA GLN A 828 -44.74 21.52 9.80
C GLN A 828 -45.92 20.93 9.06
N VAL A 829 -46.54 19.89 9.64
CA VAL A 829 -47.71 19.30 9.02
C VAL A 829 -48.84 20.32 8.98
N SER A 830 -49.64 20.25 7.92
CA SER A 830 -50.76 21.18 7.74
C SER A 830 -52.08 20.50 7.43
N GLU A 831 -52.09 19.23 7.04
CA GLU A 831 -53.33 18.50 6.79
C GLU A 831 -53.03 17.01 6.83
N MET A 832 -54.08 16.20 6.87
CA MET A 832 -53.94 14.76 6.99
C MET A 832 -55.28 14.12 6.65
N GLY A 833 -55.21 12.92 6.08
CA GLY A 833 -56.41 12.16 5.79
C GLY A 833 -56.35 11.45 4.45
N PRO A 834 -57.45 10.79 4.08
CA PRO A 834 -57.51 10.09 2.79
C PRO A 834 -57.53 11.08 1.63
N TYR A 835 -57.23 10.53 0.45
CA TYR A 835 -57.06 11.39 -0.73
C TYR A 835 -58.32 12.18 -1.09
N PRO A 836 -59.53 11.60 -1.10
CA PRO A 836 -60.71 12.43 -1.38
C PRO A 836 -60.91 13.54 -0.38
N ALA A 837 -60.52 13.34 0.87
CA ALA A 837 -60.62 14.42 1.87
C ALA A 837 -59.76 15.61 1.50
N LEU A 838 -58.68 15.38 0.76
CA LEU A 838 -57.80 16.45 0.30
C LEU A 838 -58.18 16.98 -1.08
N LEU A 839 -58.89 16.18 -1.89
CA LEU A 839 -59.30 16.64 -3.22
C LEU A 839 -60.24 17.83 -3.13
N GLN A 840 -61.31 17.71 -2.35
CA GLN A 840 -62.32 18.76 -2.31
C GLN A 840 -61.85 19.97 -1.50
N ARG A 841 -61.00 19.75 -0.50
CA ARG A 841 -60.52 20.87 0.30
C ARG A 841 -59.64 21.81 -0.52
N ASN A 842 -58.65 21.24 -1.21
CA ASN A 842 -57.70 22.02 -2.02
C ASN A 842 -57.11 23.18 -1.24
N GLY A 843 -56.66 22.88 -0.03
CA GLY A 843 -56.01 23.88 0.80
C GLY A 843 -54.50 23.71 0.77
N SER A 844 -53.95 23.07 1.81
CA SER A 844 -52.52 22.75 1.80
C SER A 844 -52.17 21.81 0.67
N PHE A 845 -53.04 20.81 0.40
CA PHE A 845 -52.79 19.89 -0.70
C PHE A 845 -52.66 20.63 -2.04
N ALA A 846 -53.35 21.77 -2.17
CA ALA A 846 -53.30 22.52 -3.42
C ALA A 846 -51.89 23.02 -3.74
N ASN A 847 -51.07 23.26 -2.72
CA ASN A 847 -49.74 23.79 -2.97
C ASN A 847 -48.92 22.82 -3.83
N PHE A 848 -48.94 21.54 -3.49
CA PHE A 848 -48.23 20.56 -4.29
C PHE A 848 -49.07 20.04 -5.45
N LEU A 849 -50.38 20.25 -5.41
CA LEU A 849 -51.19 20.01 -6.61
C LEU A 849 -50.76 20.94 -7.73
N CYS A 850 -50.39 22.17 -7.38
CA CYS A 850 -49.92 23.14 -8.36
C CYS A 850 -48.42 23.06 -8.61
N ASN A 851 -47.63 22.68 -7.59
CA ASN A 851 -46.18 22.63 -7.72
C ASN A 851 -45.73 21.64 -8.78
N TYR A 852 -46.00 20.35 -8.56
CA TYR A 852 -45.54 19.31 -9.48
C TYR A 852 -46.71 18.53 -10.07
N ILE A 951 4.54 -14.82 -12.52
CA ILE A 951 4.90 -14.59 -11.13
C ILE A 951 6.34 -15.05 -10.90
N GLY A 952 6.89 -15.78 -11.86
CA GLY A 952 8.25 -16.25 -11.75
C GLY A 952 9.25 -15.11 -11.72
N THR A 953 10.48 -15.45 -11.35
CA THR A 953 11.53 -14.45 -11.24
C THR A 953 11.82 -13.83 -12.60
N VAL A 954 12.24 -12.56 -12.56
CA VAL A 954 12.52 -11.83 -13.79
C VAL A 954 13.80 -12.36 -14.41
N GLU A 955 13.78 -12.57 -15.72
CA GLU A 955 14.96 -13.07 -16.41
C GLU A 955 16.01 -11.96 -16.53
N LEU A 956 17.27 -12.38 -16.61
CA LEU A 956 18.39 -11.44 -16.50
C LEU A 956 18.36 -10.40 -17.61
N SER A 957 17.83 -10.75 -18.79
CA SER A 957 17.86 -9.85 -19.93
C SER A 957 17.31 -8.48 -19.57
N VAL A 958 16.21 -8.44 -18.81
CA VAL A 958 15.57 -7.18 -18.45
C VAL A 958 16.58 -6.23 -17.81
N PHE A 959 17.38 -6.76 -16.88
CA PHE A 959 18.41 -5.94 -16.24
C PHE A 959 19.29 -5.28 -17.28
N TRP A 960 19.81 -6.07 -18.22
CA TRP A 960 20.64 -5.50 -19.28
C TRP A 960 19.91 -4.39 -20.00
N ASP A 961 18.63 -4.61 -20.30
CA ASP A 961 17.85 -3.59 -20.99
C ASP A 961 17.83 -2.30 -20.20
N TYR A 962 17.62 -2.40 -18.88
CA TYR A 962 17.66 -1.20 -18.05
C TYR A 962 19.00 -0.50 -18.17
N ALA A 963 20.09 -1.28 -18.18
CA ALA A 963 21.40 -0.69 -18.35
C ALA A 963 21.50 0.07 -19.67
N LYS A 964 20.94 -0.51 -20.73
CA LYS A 964 20.94 0.17 -22.02
C LYS A 964 20.20 1.50 -21.92
N ALA A 965 19.16 1.56 -21.08
CA ALA A 965 18.48 2.83 -20.84
C ALA A 965 19.41 3.83 -20.16
N VAL A 966 20.19 3.36 -19.19
CA VAL A 966 21.06 4.28 -18.45
C VAL A 966 22.22 4.73 -19.34
N GLY A 967 22.60 3.93 -20.33
CA GLY A 967 23.75 4.25 -21.14
C GLY A 967 24.97 3.46 -20.70
N LEU A 968 25.43 2.54 -21.56
CA LEU A 968 26.55 1.68 -21.19
C LEU A 968 27.78 2.48 -20.81
N CYS A 969 28.00 3.64 -21.43
CA CYS A 969 29.14 4.47 -21.07
C CYS A 969 29.09 4.94 -19.62
N THR A 970 27.92 4.90 -18.99
CA THR A 970 27.77 5.23 -17.59
C THR A 970 27.73 3.99 -16.69
N THR A 971 26.91 3.00 -17.05
CA THR A 971 26.79 1.81 -16.23
C THR A 971 28.06 0.96 -16.24
N LEU A 972 29.00 1.22 -17.15
CA LEU A 972 30.32 0.62 -17.05
C LEU A 972 31.31 1.54 -16.35
N ALA A 973 30.88 2.74 -15.97
CA ALA A 973 31.70 3.66 -15.18
C ALA A 973 31.27 3.70 -13.73
N ILE A 974 30.42 2.78 -13.30
CA ILE A 974 29.95 2.70 -11.92
C ILE A 974 30.48 1.45 -11.23
N CYS A 975 30.21 0.27 -11.79
CA CYS A 975 30.76 -0.96 -11.25
C CYS A 975 32.28 -0.88 -11.16
N LEU A 976 32.93 -0.33 -12.19
CA LEU A 976 34.36 -0.10 -12.15
C LEU A 976 34.72 0.87 -11.03
N LEU A 977 33.94 1.93 -10.87
CA LEU A 977 34.27 2.93 -9.86
C LEU A 977 33.98 2.42 -8.46
N TYR A 978 32.94 1.60 -8.28
CA TYR A 978 32.76 0.92 -7.01
C TYR A 978 33.89 -0.05 -6.71
N VAL A 979 34.40 -0.74 -7.73
CA VAL A 979 35.59 -1.57 -7.53
C VAL A 979 36.73 -0.70 -7.03
N GLY A 980 36.90 0.48 -7.62
CA GLY A 980 37.92 1.40 -7.16
C GLY A 980 37.73 1.80 -5.72
N GLN A 981 36.49 2.11 -5.32
CA GLN A 981 36.27 2.56 -3.95
C GLN A 981 36.47 1.42 -2.95
N SER A 982 36.08 0.20 -3.33
CA SER A 982 36.34 -0.95 -2.46
C SER A 982 37.84 -1.17 -2.31
N ALA A 983 38.59 -1.02 -3.40
CA ALA A 983 40.04 -1.11 -3.31
C ALA A 983 40.59 -0.04 -2.39
N ALA A 984 40.05 1.18 -2.48
CA ALA A 984 40.52 2.26 -1.61
C ALA A 984 40.27 1.96 -0.14
N ALA A 985 39.07 1.45 0.19
CA ALA A 985 38.77 1.15 1.59
C ALA A 985 39.61 -0.01 2.11
N ILE A 986 39.75 -1.08 1.31
CA ILE A 986 40.55 -2.21 1.76
C ILE A 986 42.01 -1.81 1.92
N GLY A 987 42.52 -0.94 1.03
CA GLY A 987 43.85 -0.42 1.18
C GLY A 987 44.03 0.43 2.42
N ALA A 988 43.05 1.28 2.73
CA ALA A 988 43.12 2.07 3.95
C ALA A 988 43.18 1.17 5.18
N ASN A 989 42.37 0.10 5.21
CA ASN A 989 42.34 -0.74 6.39
C ASN A 989 43.62 -1.58 6.51
N VAL A 990 44.11 -2.17 5.41
CA VAL A 990 45.38 -2.89 5.46
C VAL A 990 46.56 -1.95 5.64
N TRP A 991 46.36 -0.65 5.48
CA TRP A 991 47.40 0.31 5.86
C TRP A 991 47.34 0.62 7.35
N LEU A 992 46.14 0.71 7.91
CA LEU A 992 46.02 0.87 9.37
C LEU A 992 46.62 -0.35 10.08
N SER A 993 46.43 -1.54 9.51
CA SER A 993 47.03 -2.73 10.10
C SER A 993 48.56 -2.64 10.12
N ALA A 994 49.16 -2.16 9.03
CA ALA A 994 50.61 -1.99 9.00
C ALA A 994 51.07 -0.81 9.83
N TRP A 995 50.17 0.11 10.17
CA TRP A 995 50.51 1.16 11.13
C TRP A 995 50.60 0.58 12.53
N THR A 996 49.63 -0.28 12.89
CA THR A 996 49.58 -0.78 14.26
C THR A 996 50.84 -1.55 14.63
N ASN A 997 51.28 -2.48 13.76
CA ASN A 997 52.38 -3.36 14.12
C ASN A 997 53.71 -2.63 14.24
N ASP A 998 53.82 -1.41 13.72
CA ASP A 998 55.08 -0.70 13.77
C ASP A 998 55.47 -0.35 15.20
N ALA A 999 54.49 -0.12 16.08
CA ALA A 999 54.77 0.36 17.42
C ALA A 999 55.41 -0.70 18.33
N MET A 1000 55.70 -1.89 17.81
CA MET A 1000 56.25 -2.94 18.67
C MET A 1000 57.69 -2.62 19.09
N ALA A 1001 58.56 -2.23 18.14
CA ALA A 1001 59.90 -1.78 18.51
C ALA A 1001 60.37 -0.61 17.66
N ASP A 1002 59.45 0.26 17.24
CA ASP A 1002 59.79 1.40 16.40
C ASP A 1002 60.77 2.31 17.15
N SER A 1003 62.02 2.35 16.69
CA SER A 1003 63.02 3.22 17.28
C SER A 1003 62.99 4.64 16.70
N ARG A 1004 62.15 4.88 15.69
CA ARG A 1004 61.93 6.21 15.12
C ARG A 1004 60.43 6.44 15.09
N GLN A 1005 59.89 6.93 16.21
CA GLN A 1005 58.44 7.08 16.34
C GLN A 1005 57.86 8.23 15.52
N ASN A 1006 58.71 9.15 15.05
CA ASN A 1006 58.21 10.28 14.26
C ASN A 1006 57.48 9.81 13.00
N ASN A 1007 57.73 8.58 12.55
CA ASN A 1007 57.03 8.03 11.41
C ASN A 1007 55.52 8.07 11.60
N THR A 1008 55.04 8.04 12.83
CA THR A 1008 53.60 8.06 13.06
C THR A 1008 52.97 9.38 12.62
N SER A 1009 53.76 10.42 12.36
CA SER A 1009 53.23 11.65 11.82
C SER A 1009 52.93 11.55 10.33
N LEU A 1010 53.46 10.55 9.65
CA LEU A 1010 53.27 10.38 8.21
C LEU A 1010 52.07 9.49 7.89
N ARG A 1011 52.06 8.28 8.46
CA ARG A 1011 51.05 7.29 8.10
C ARG A 1011 49.65 7.87 8.19
N LEU A 1012 49.35 8.50 9.34
CA LEU A 1012 48.03 9.09 9.54
C LEU A 1012 47.66 9.98 8.37
N GLY A 1013 48.58 10.87 7.98
CA GLY A 1013 48.40 11.70 6.82
C GLY A 1013 47.91 10.93 5.61
N VAL A 1014 48.70 9.95 5.16
CA VAL A 1014 48.32 9.23 3.94
C VAL A 1014 47.01 8.50 4.17
N TYR A 1015 46.73 8.11 5.43
CA TYR A 1015 45.46 7.49 5.74
C TYR A 1015 44.30 8.34 5.23
N ALA A 1016 44.35 9.64 5.56
CA ALA A 1016 43.35 10.55 5.01
C ALA A 1016 43.34 10.51 3.50
N ALA A 1017 44.52 10.68 2.89
CA ALA A 1017 44.61 10.67 1.44
C ALA A 1017 44.46 9.28 0.86
N LEU A 1018 44.18 8.28 1.70
CA LEU A 1018 43.82 6.95 1.22
C LEU A 1018 42.35 6.64 1.45
N GLY A 1019 41.64 7.46 2.22
CA GLY A 1019 40.23 7.23 2.43
C GLY A 1019 39.36 8.41 2.06
N ILE A 1020 39.92 9.61 2.08
CA ILE A 1020 39.22 10.76 1.52
C ILE A 1020 38.90 10.49 0.06
N LEU A 1021 39.85 9.88 -0.65
CA LEU A 1021 39.57 9.37 -1.99
C LEU A 1021 38.37 8.43 -1.95
N GLN A 1022 38.35 7.49 -1.01
CA GLN A 1022 37.18 6.63 -0.84
C GLN A 1022 35.98 7.44 -0.35
N GLY A 1023 36.23 8.54 0.36
CA GLY A 1023 35.18 9.46 0.70
C GLY A 1023 34.83 10.44 -0.38
N PHE A 1024 35.49 10.33 -1.53
CA PHE A 1024 35.21 11.14 -2.70
C PHE A 1024 34.99 10.31 -3.95
N LEU A 1025 35.47 9.07 -4.00
CA LEU A 1025 35.18 8.15 -5.08
C LEU A 1025 33.96 7.28 -4.79
N VAL A 1026 33.01 7.79 -4.02
CA VAL A 1026 31.70 7.16 -3.91
C VAL A 1026 30.65 8.23 -4.17
N MET A 1027 31.02 9.50 -3.95
CA MET A 1027 30.19 10.60 -4.41
C MET A 1027 30.13 10.65 -5.92
N LEU A 1028 31.27 10.43 -6.57
CA LEU A 1028 31.33 10.37 -8.02
C LEU A 1028 30.59 9.15 -8.56
N ALA A 1029 30.22 8.21 -7.70
CA ALA A 1029 29.35 7.11 -8.10
C ALA A 1029 27.89 7.44 -7.85
N ALA A 1030 27.58 8.01 -6.69
CA ALA A 1030 26.19 8.29 -6.34
C ALA A 1030 25.60 9.39 -7.22
N MET A 1031 26.34 10.49 -7.41
CA MET A 1031 25.87 11.54 -8.30
C MET A 1031 25.67 11.02 -9.71
N ALA A 1032 26.64 10.27 -10.22
CA ALA A 1032 26.56 9.76 -11.59
C ALA A 1032 25.41 8.77 -11.74
N MET A 1033 25.15 7.97 -10.71
CA MET A 1033 24.05 7.02 -10.81
C MET A 1033 22.70 7.70 -10.69
N ALA A 1034 22.60 8.76 -9.88
CA ALA A 1034 21.35 9.52 -9.85
C ALA A 1034 21.09 10.17 -11.21
N ALA A 1035 22.13 10.76 -11.81
CA ALA A 1035 21.96 11.33 -13.14
C ALA A 1035 21.58 10.26 -14.16
N GLY A 1036 22.23 9.09 -14.09
CA GLY A 1036 21.88 8.02 -14.99
C GLY A 1036 20.46 7.53 -14.79
N GLY A 1037 20.00 7.49 -13.54
CA GLY A 1037 18.64 7.09 -13.26
C GLY A 1037 17.62 8.05 -13.85
N ILE A 1038 17.84 9.35 -13.65
CA ILE A 1038 16.88 10.31 -14.20
C ILE A 1038 16.93 10.29 -15.72
N GLN A 1039 18.12 10.13 -16.30
CA GLN A 1039 18.22 10.05 -17.76
C GLN A 1039 17.53 8.81 -18.31
N ALA A 1040 17.69 7.68 -17.62
CA ALA A 1040 17.02 6.46 -18.06
C ALA A 1040 15.51 6.59 -17.93
N ALA A 1041 15.04 7.24 -16.87
CA ALA A 1041 13.61 7.49 -16.74
C ALA A 1041 13.11 8.37 -17.87
N ARG A 1042 13.87 9.41 -18.22
CA ARG A 1042 13.49 10.27 -19.34
C ARG A 1042 13.39 9.48 -20.62
N VAL A 1043 14.43 8.71 -20.96
CA VAL A 1043 14.43 7.95 -22.20
C VAL A 1043 13.32 6.91 -22.23
N LEU A 1044 13.11 6.19 -21.13
CA LEU A 1044 12.08 5.16 -21.05
C LEU A 1044 10.68 5.75 -21.19
N HIS A 1045 10.40 6.85 -20.48
CA HIS A 1045 9.09 7.48 -20.64
C HIS A 1045 8.91 8.02 -22.05
N GLN A 1046 9.94 8.64 -22.61
CA GLN A 1046 9.85 9.14 -23.97
C GLN A 1046 9.52 8.03 -24.94
N ALA A 1047 10.23 6.91 -24.85
CA ALA A 1047 9.94 5.80 -25.75
C ALA A 1047 8.53 5.27 -25.54
N LEU A 1048 8.13 5.04 -24.28
CA LEU A 1048 6.82 4.46 -24.02
C LEU A 1048 5.70 5.35 -24.54
N LEU A 1049 5.74 6.64 -24.23
CA LEU A 1049 4.70 7.55 -24.68
C LEU A 1049 4.76 7.77 -26.19
N HIS A 1050 5.92 8.21 -26.69
CA HIS A 1050 6.15 8.43 -28.11
C HIS A 1050 5.83 7.20 -28.96
N ASN A 1051 5.73 6.02 -28.36
CA ASN A 1051 5.26 4.85 -29.09
C ASN A 1051 3.80 4.54 -28.84
N LYS A 1052 3.26 4.92 -27.68
CA LYS A 1052 1.90 4.52 -27.34
C LYS A 1052 0.86 5.34 -28.09
N ILE A 1053 1.12 6.63 -28.32
CA ILE A 1053 0.20 7.44 -29.11
C ILE A 1053 0.09 6.90 -30.53
N ARG A 1054 1.23 6.53 -31.12
CA ARG A 1054 1.27 5.99 -32.46
C ARG A 1054 0.64 4.61 -32.57
N SER A 1055 0.32 3.97 -31.45
CA SER A 1055 -0.31 2.66 -31.50
C SER A 1055 -1.67 2.75 -32.19
N PRO A 1056 -2.04 1.75 -32.99
CA PRO A 1056 -3.30 1.82 -33.72
C PRO A 1056 -4.50 1.82 -32.79
N GLN A 1057 -5.65 2.17 -33.36
CA GLN A 1057 -6.88 2.31 -32.58
C GLN A 1057 -7.29 1.00 -31.94
N SER A 1058 -7.00 -0.13 -32.58
CA SER A 1058 -7.43 -1.43 -32.05
C SER A 1058 -6.90 -1.66 -30.64
N PHE A 1059 -5.68 -1.19 -30.36
CA PHE A 1059 -5.10 -1.38 -29.04
C PHE A 1059 -5.95 -0.71 -27.98
N PHE A 1060 -6.32 0.56 -28.19
CA PHE A 1060 -7.19 1.24 -27.25
C PHE A 1060 -8.60 0.67 -27.26
N ASP A 1061 -9.02 0.06 -28.37
CA ASP A 1061 -10.32 -0.60 -28.41
C ASP A 1061 -10.36 -1.80 -27.46
N THR A 1062 -9.31 -2.61 -27.46
CA THR A 1062 -9.29 -3.80 -26.61
C THR A 1062 -8.81 -3.52 -25.20
N THR A 1063 -8.00 -2.48 -25.01
CA THR A 1063 -7.40 -2.23 -23.71
C THR A 1063 -8.34 -1.42 -22.82
N PRO A 1064 -8.57 -1.85 -21.59
CA PRO A 1064 -9.33 -1.03 -20.64
C PRO A 1064 -8.50 0.15 -20.14
N SER A 1065 -8.61 1.28 -20.84
CA SER A 1065 -7.72 2.43 -20.77
C SER A 1065 -7.18 2.73 -19.37
N GLY A 1066 -7.99 2.50 -18.34
CA GLY A 1066 -7.50 2.65 -16.98
C GLY A 1066 -6.22 1.88 -16.70
N ARG A 1067 -6.08 0.69 -17.30
CA ARG A 1067 -4.84 -0.06 -17.15
C ARG A 1067 -3.66 0.70 -17.77
N ILE A 1068 -3.84 1.26 -18.97
CA ILE A 1068 -2.80 2.10 -19.55
C ILE A 1068 -2.52 3.27 -18.62
N LEU A 1069 -3.55 3.74 -17.92
CA LEU A 1069 -3.41 4.89 -17.03
C LEU A 1069 -2.69 4.54 -15.73
N ASN A 1070 -2.67 3.27 -15.33
CA ASN A 1070 -1.87 2.93 -14.15
C ASN A 1070 -0.39 3.17 -14.42
N CYS A 1071 0.07 2.83 -15.62
CA CYS A 1071 1.32 3.37 -16.13
C CYS A 1071 1.14 4.86 -16.39
N PHE A 1072 2.25 5.60 -16.30
CA PHE A 1072 2.28 7.05 -16.20
C PHE A 1072 1.83 7.50 -14.82
N SER A 1073 1.42 6.54 -13.98
CA SER A 1073 1.01 6.80 -12.61
C SER A 1073 1.81 6.00 -11.61
N LYS A 1074 1.84 4.68 -11.73
CA LYS A 1074 2.53 3.81 -10.78
C LYS A 1074 3.75 3.15 -11.40
N ASP A 1075 3.59 2.47 -12.54
CA ASP A 1075 4.67 1.70 -13.12
C ASP A 1075 5.70 2.55 -13.80
N ILE A 1076 5.64 3.87 -13.65
CA ILE A 1076 6.74 4.73 -14.10
C ILE A 1076 7.25 5.63 -12.99
N TYR A 1077 6.45 5.92 -11.97
CA TYR A 1077 6.98 6.49 -10.74
C TYR A 1077 7.98 5.55 -10.09
N VAL A 1078 7.67 4.25 -10.11
CA VAL A 1078 8.56 3.24 -9.56
C VAL A 1078 9.90 3.27 -10.30
N VAL A 1079 9.84 3.21 -11.63
CA VAL A 1079 11.05 3.29 -12.43
C VAL A 1079 11.76 4.61 -12.21
N ASP A 1080 11.01 5.66 -11.93
CA ASP A 1080 11.60 6.99 -11.83
C ASP A 1080 12.42 7.15 -10.56
N GLU A 1081 11.79 7.03 -9.38
CA GLU A 1081 12.54 7.44 -8.20
C GLU A 1081 12.44 6.49 -7.00
N VAL A 1082 12.05 5.24 -7.19
CA VAL A 1082 12.22 4.27 -6.11
C VAL A 1082 12.94 3.05 -6.64
N LEU A 1083 13.67 3.23 -7.74
CA LEU A 1083 14.52 2.17 -8.27
C LEU A 1083 15.97 2.59 -8.45
N ALA A 1084 16.26 3.89 -8.62
CA ALA A 1084 17.65 4.30 -8.67
C ALA A 1084 18.30 4.27 -7.29
N PRO A 1085 17.69 4.83 -6.23
CA PRO A 1085 18.29 4.63 -4.89
C PRO A 1085 18.40 3.17 -4.50
N VAL A 1086 17.49 2.31 -4.96
CA VAL A 1086 17.62 0.89 -4.66
C VAL A 1086 18.84 0.31 -5.37
N ILE A 1087 19.10 0.74 -6.60
CA ILE A 1087 20.35 0.36 -7.27
C ILE A 1087 21.54 0.82 -6.44
N LEU A 1088 21.52 2.08 -6.00
CA LEU A 1088 22.61 2.60 -5.19
C LEU A 1088 22.86 1.73 -3.98
N MET A 1089 21.81 1.42 -3.22
CA MET A 1089 22.02 0.76 -1.95
C MET A 1089 22.35 -0.73 -2.14
N LEU A 1090 21.75 -1.38 -3.14
CA LEU A 1090 22.13 -2.75 -3.45
C LEU A 1090 23.59 -2.84 -3.87
N LEU A 1091 23.96 -2.12 -4.93
CA LEU A 1091 25.33 -2.10 -5.41
C LEU A 1091 26.29 -1.51 -4.39
N ASN A 1092 25.77 -0.91 -3.33
CA ASN A 1092 26.62 -0.33 -2.29
C ASN A 1092 26.90 -1.36 -1.20
N SER A 1093 25.86 -2.05 -0.73
CA SER A 1093 26.04 -3.13 0.22
C SER A 1093 26.86 -4.26 -0.38
N PHE A 1094 26.69 -4.52 -1.67
CA PHE A 1094 27.47 -5.60 -2.28
C PHE A 1094 28.97 -5.31 -2.21
N PHE A 1095 29.37 -4.08 -2.52
CA PHE A 1095 30.78 -3.72 -2.45
C PHE A 1095 31.24 -3.41 -1.04
N ASN A 1096 30.32 -3.22 -0.10
CA ASN A 1096 30.68 -3.22 1.31
C ASN A 1096 30.95 -4.60 1.85
N ALA A 1097 30.33 -5.63 1.27
CA ALA A 1097 30.57 -7.00 1.68
C ALA A 1097 31.72 -7.67 0.95
N ILE A 1098 31.92 -7.35 -0.33
CA ILE A 1098 33.10 -7.87 -1.02
C ILE A 1098 34.37 -7.32 -0.39
N SER A 1099 34.36 -6.07 0.05
CA SER A 1099 35.53 -5.52 0.73
C SER A 1099 35.88 -6.36 1.95
N THR A 1100 34.88 -6.74 2.74
CA THR A 1100 35.14 -7.56 3.93
C THR A 1100 35.64 -8.95 3.54
N LEU A 1101 34.93 -9.61 2.62
CA LEU A 1101 35.31 -10.97 2.25
C LEU A 1101 36.64 -11.02 1.51
N VAL A 1102 37.17 -9.90 1.05
CA VAL A 1102 38.49 -9.89 0.44
C VAL A 1102 39.54 -9.50 1.48
N VAL A 1103 39.18 -8.61 2.41
CA VAL A 1103 40.17 -8.16 3.38
C VAL A 1103 40.49 -9.26 4.38
N ILE A 1104 39.47 -10.02 4.80
CA ILE A 1104 39.74 -11.15 5.69
C ILE A 1104 40.63 -12.18 4.99
N MET A 1105 40.31 -12.48 3.73
CA MET A 1105 41.13 -13.41 2.95
C MET A 1105 42.57 -12.93 2.86
N ALA A 1106 42.76 -11.69 2.43
CA ALA A 1106 44.11 -11.14 2.26
C ALA A 1106 44.87 -11.08 3.57
N SER A 1107 44.17 -10.93 4.70
CA SER A 1107 44.86 -10.86 5.98
C SER A 1107 45.28 -12.26 6.45
N THR A 1108 44.36 -13.21 6.43
CA THR A 1108 44.65 -14.60 6.79
C THR A 1108 44.44 -15.50 5.58
N PRO A 1109 45.44 -15.66 4.73
CA PRO A 1109 45.22 -16.21 3.38
C PRO A 1109 44.85 -17.69 3.33
N LEU A 1110 44.67 -18.34 4.48
CA LEU A 1110 44.57 -19.79 4.47
C LEU A 1110 43.14 -20.33 4.54
N PHE A 1111 42.17 -19.53 4.97
CA PHE A 1111 40.83 -20.10 5.15
C PHE A 1111 40.01 -20.05 3.85
N THR A 1112 40.65 -20.47 2.75
CA THR A 1112 39.95 -20.52 1.48
C THR A 1112 39.00 -21.71 1.40
N VAL A 1113 39.33 -22.81 2.08
CA VAL A 1113 38.47 -23.99 2.04
C VAL A 1113 37.11 -23.69 2.63
N VAL A 1114 37.07 -23.00 3.78
CA VAL A 1114 35.81 -22.80 4.48
C VAL A 1114 34.87 -21.85 3.75
N ILE A 1115 35.38 -21.02 2.85
CA ILE A 1115 34.49 -20.08 2.16
C ILE A 1115 33.58 -20.81 1.18
N LEU A 1116 33.92 -22.04 0.81
CA LEU A 1116 33.03 -22.79 -0.08
C LEU A 1116 31.69 -23.11 0.57
N PRO A 1117 31.62 -23.71 1.76
CA PRO A 1117 30.30 -23.82 2.42
C PRO A 1117 29.68 -22.47 2.72
N LEU A 1118 30.48 -21.50 3.13
CA LEU A 1118 30.01 -20.17 3.50
C LEU A 1118 29.47 -19.44 2.28
N ALA A 1119 29.52 -20.07 1.12
CA ALA A 1119 28.91 -19.56 -0.10
C ALA A 1119 27.77 -20.44 -0.59
N VAL A 1120 27.96 -21.76 -0.60
CA VAL A 1120 26.89 -22.64 -1.10
C VAL A 1120 25.67 -22.57 -0.17
N LEU A 1121 25.88 -22.62 1.13
CA LEU A 1121 24.75 -22.55 2.06
C LEU A 1121 24.06 -21.20 1.93
N TYR A 1122 24.84 -20.13 1.79
CA TYR A 1122 24.28 -18.79 1.69
C TYR A 1122 23.42 -18.64 0.43
N THR A 1123 23.94 -19.11 -0.72
CA THR A 1123 23.14 -18.99 -1.93
C THR A 1123 21.90 -19.89 -1.88
N LEU A 1124 22.00 -21.06 -1.24
CA LEU A 1124 20.84 -21.91 -1.11
C LEU A 1124 19.74 -21.23 -0.30
N VAL A 1125 20.09 -20.71 0.88
CA VAL A 1125 19.07 -20.07 1.71
C VAL A 1125 18.54 -18.81 1.03
N GLN A 1126 19.41 -18.08 0.32
CA GLN A 1126 18.93 -16.89 -0.38
C GLN A 1126 17.95 -17.26 -1.48
N ARG A 1127 18.21 -18.35 -2.20
CA ARG A 1127 17.27 -18.78 -3.23
C ARG A 1127 15.91 -19.15 -2.63
N PHE A 1128 15.93 -19.93 -1.55
CA PHE A 1128 14.67 -20.33 -0.93
C PHE A 1128 13.88 -19.12 -0.44
N TYR A 1129 14.56 -18.19 0.22
CA TYR A 1129 13.89 -16.98 0.69
C TYR A 1129 13.37 -16.16 -0.48
N ALA A 1130 14.19 -15.97 -1.52
CA ALA A 1130 13.77 -15.16 -2.65
C ALA A 1130 12.53 -15.75 -3.31
N ALA A 1131 12.35 -17.06 -3.23
CA ALA A 1131 11.10 -17.65 -3.66
C ALA A 1131 9.97 -17.30 -2.70
N THR A 1132 10.10 -17.71 -1.43
CA THR A 1132 8.96 -17.69 -0.52
C THR A 1132 8.54 -16.28 -0.13
N SER A 1133 9.49 -15.43 0.23
CA SER A 1133 9.17 -14.06 0.62
C SER A 1133 8.56 -13.28 -0.54
N ARG A 1134 9.05 -13.49 -1.77
CA ARG A 1134 8.42 -12.85 -2.92
C ARG A 1134 6.98 -13.31 -3.08
N GLN A 1135 6.76 -14.62 -3.00
CA GLN A 1135 5.42 -15.15 -3.14
C GLN A 1135 4.49 -14.55 -2.10
N LEU A 1136 4.95 -14.48 -0.84
CA LEU A 1136 4.13 -13.94 0.23
C LEU A 1136 3.89 -12.44 0.07
N LYS A 1137 4.90 -11.71 -0.42
CA LYS A 1137 4.70 -10.29 -0.68
C LYS A 1137 3.59 -10.08 -1.68
N ARG A 1138 3.61 -10.85 -2.77
CA ARG A 1138 2.54 -10.73 -3.75
C ARG A 1138 1.19 -11.07 -3.13
N LEU A 1139 1.14 -12.19 -2.40
CA LEU A 1139 -0.12 -12.68 -1.86
C LEU A 1139 -0.66 -11.80 -0.74
N GLU A 1140 0.17 -10.94 -0.16
CA GLU A 1140 -0.31 -9.98 0.82
C GLU A 1140 -0.73 -8.66 0.16
N SER A 1141 0.02 -8.22 -0.85
CA SER A 1141 -0.38 -7.03 -1.58
C SER A 1141 -1.72 -7.23 -2.26
N VAL A 1142 -2.01 -8.46 -2.71
CA VAL A 1142 -3.31 -8.71 -3.33
C VAL A 1142 -4.45 -8.45 -2.35
N SER A 1143 -4.34 -8.93 -1.12
CA SER A 1143 -5.44 -8.92 -0.18
C SER A 1143 -5.42 -7.73 0.79
N ARG A 1144 -4.42 -6.87 0.71
CA ARG A 1144 -4.43 -5.68 1.57
C ARG A 1144 -5.61 -4.77 1.24
N SER A 1145 -5.78 -4.45 -0.04
CA SER A 1145 -6.79 -3.46 -0.43
C SER A 1145 -8.23 -3.84 -0.06
N PRO A 1146 -8.70 -5.09 -0.23
CA PRO A 1146 -10.12 -5.37 0.05
C PRO A 1146 -10.58 -4.96 1.43
N ILE A 1147 -9.68 -4.82 2.40
CA ILE A 1147 -10.08 -4.26 3.70
C ILE A 1147 -10.57 -2.84 3.52
N TYR A 1148 -9.72 -1.98 2.96
CA TYR A 1148 -10.07 -0.58 2.76
C TYR A 1148 -11.25 -0.45 1.83
N SER A 1149 -11.35 -1.32 0.82
CA SER A 1149 -12.50 -1.31 -0.06
C SER A 1149 -13.78 -1.74 0.63
N HIS A 1150 -13.69 -2.61 1.64
CA HIS A 1150 -14.88 -2.93 2.42
C HIS A 1150 -15.26 -1.78 3.33
N PHE A 1151 -14.27 -1.06 3.84
CA PHE A 1151 -14.52 0.26 4.38
C PHE A 1151 -14.82 1.21 3.23
N SER A 1152 -15.26 2.42 3.56
CA SER A 1152 -15.72 3.40 2.57
C SER A 1152 -16.97 2.90 1.87
N GLU A 1153 -17.42 1.70 2.25
CA GLU A 1153 -18.68 1.14 1.80
C GLU A 1153 -19.63 0.95 2.96
N THR A 1154 -19.14 0.99 4.20
CA THR A 1154 -19.96 0.91 5.38
C THR A 1154 -20.24 2.27 6.01
N VAL A 1155 -19.32 3.23 5.88
CA VAL A 1155 -19.56 4.57 6.39
C VAL A 1155 -20.67 5.25 5.58
N THR A 1156 -20.59 5.16 4.25
CA THR A 1156 -21.63 5.74 3.41
C THR A 1156 -22.97 5.06 3.66
N GLY A 1157 -22.97 3.73 3.76
CA GLY A 1157 -24.18 2.99 4.03
C GLY A 1157 -24.41 2.80 5.52
N ALA A 1158 -23.98 3.75 6.33
CA ALA A 1158 -24.13 3.63 7.77
C ALA A 1158 -25.60 3.49 8.16
N SER A 1159 -26.46 4.32 7.56
CA SER A 1159 -27.88 4.24 7.89
C SER A 1159 -28.51 2.98 7.31
N VAL A 1160 -28.11 2.60 6.09
CA VAL A 1160 -28.66 1.39 5.48
C VAL A 1160 -28.23 0.15 6.26
N ILE A 1161 -27.01 0.17 6.82
CA ILE A 1161 -26.57 -0.95 7.64
C ILE A 1161 -27.48 -1.10 8.85
N ARG A 1162 -27.82 0.00 9.49
CA ARG A 1162 -28.83 -0.05 10.53
C ARG A 1162 -30.21 -0.20 9.90
N ALA A 1163 -31.23 -0.23 10.75
CA ALA A 1163 -32.64 -0.41 10.38
C ALA A 1163 -32.90 -1.83 9.91
N TYR A 1164 -31.85 -2.63 9.77
CA TYR A 1164 -31.94 -4.08 9.62
C TYR A 1164 -31.30 -4.80 10.80
N ASN A 1165 -30.87 -4.05 11.82
CA ASN A 1165 -30.07 -4.48 12.96
C ASN A 1165 -29.01 -5.49 12.53
N ARG A 1166 -28.49 -5.30 11.32
CA ARG A 1166 -27.43 -6.12 10.76
C ARG A 1166 -26.05 -5.59 11.11
N SER A 1167 -25.97 -4.46 11.82
CA SER A 1167 -24.69 -3.93 12.24
C SER A 1167 -23.88 -4.99 13.00
N ARG A 1168 -24.52 -5.66 13.96
CA ARG A 1168 -23.84 -6.67 14.75
C ARG A 1168 -23.27 -7.77 13.86
N ASP A 1169 -24.08 -8.28 12.93
CA ASP A 1169 -23.57 -9.25 11.97
C ASP A 1169 -23.02 -8.55 10.75
N PHE A 1170 -22.18 -7.55 10.99
CA PHE A 1170 -21.44 -6.91 9.91
C PHE A 1170 -20.00 -6.59 10.29
N GLU A 1171 -19.63 -6.62 11.57
CA GLU A 1171 -18.22 -6.59 11.92
C GLU A 1171 -17.57 -7.92 11.60
N ILE A 1172 -18.34 -9.01 11.68
CA ILE A 1172 -17.84 -10.36 11.47
C ILE A 1172 -17.51 -10.56 10.00
N ILE A 1173 -17.82 -9.56 9.18
CA ILE A 1173 -17.36 -9.52 7.80
C ILE A 1173 -16.15 -8.61 7.73
N SER A 1174 -16.12 -7.58 8.58
CA SER A 1174 -14.93 -6.74 8.63
C SER A 1174 -13.74 -7.48 9.23
N ASP A 1175 -13.93 -8.19 10.34
CA ASP A 1175 -12.79 -8.82 10.98
C ASP A 1175 -12.30 -10.05 10.22
N THR A 1176 -13.19 -10.76 9.52
CA THR A 1176 -12.72 -11.86 8.71
C THR A 1176 -11.89 -11.37 7.52
N LYS A 1177 -12.17 -10.16 7.04
CA LYS A 1177 -11.43 -9.62 5.92
C LYS A 1177 -10.08 -9.04 6.34
N VAL A 1178 -9.87 -8.78 7.63
CA VAL A 1178 -8.52 -8.47 8.10
C VAL A 1178 -7.82 -9.72 8.58
N ASP A 1179 -8.56 -10.75 8.96
CA ASP A 1179 -7.95 -12.05 9.25
C ASP A 1179 -7.37 -12.66 7.98
N ALA A 1180 -8.07 -12.50 6.86
CA ALA A 1180 -7.54 -12.96 5.57
C ALA A 1180 -6.35 -12.14 5.12
N ASN A 1181 -6.06 -11.02 5.77
CA ASN A 1181 -4.83 -10.27 5.54
C ASN A 1181 -3.73 -10.73 6.50
N GLN A 1182 -4.08 -10.89 7.77
CA GLN A 1182 -3.11 -11.34 8.77
C GLN A 1182 -2.53 -12.69 8.40
N ARG A 1183 -3.37 -13.65 8.00
CA ARG A 1183 -2.83 -14.97 7.68
C ARG A 1183 -1.92 -14.94 6.46
N SER A 1184 -1.72 -13.78 5.84
CA SER A 1184 -0.71 -13.62 4.80
C SER A 1184 0.30 -12.55 5.19
N CYS A 1185 0.35 -12.17 6.46
CA CYS A 1185 1.35 -11.22 6.94
C CYS A 1185 2.08 -11.73 8.18
N TYR A 1186 1.61 -12.81 8.79
CA TYR A 1186 2.41 -13.49 9.81
C TYR A 1186 3.55 -14.25 9.15
N PRO A 1187 3.30 -15.17 8.21
CA PRO A 1187 4.41 -15.95 7.66
C PRO A 1187 5.47 -15.09 7.02
N TYR A 1188 5.11 -13.93 6.46
CA TYR A 1188 6.13 -13.00 5.98
C TYR A 1188 7.05 -12.56 7.11
N ILE A 1189 6.50 -12.34 8.30
CA ILE A 1189 7.32 -12.00 9.46
C ILE A 1189 8.15 -13.18 9.94
N ILE A 1190 7.68 -14.41 9.75
CA ILE A 1190 8.43 -15.58 10.16
C ILE A 1190 8.98 -16.27 8.92
N SER A 1191 9.15 -15.49 7.85
CA SER A 1191 9.98 -15.88 6.73
C SER A 1191 11.12 -14.92 6.48
N ASN A 1192 11.07 -13.72 7.07
CA ASN A 1192 12.21 -12.83 7.10
C ASN A 1192 13.09 -13.08 8.31
N ARG A 1193 12.71 -14.05 9.15
CA ARG A 1193 13.52 -14.49 10.28
C ARG A 1193 14.28 -15.77 9.96
N TRP A 1194 13.58 -16.79 9.46
CA TRP A 1194 14.23 -18.05 9.13
C TRP A 1194 15.37 -17.85 8.14
N LEU A 1195 15.33 -16.77 7.35
CA LEU A 1195 16.52 -16.33 6.65
C LEU A 1195 17.61 -15.90 7.61
N SER A 1196 17.29 -15.00 8.53
CA SER A 1196 18.32 -14.41 9.38
C SER A 1196 18.76 -15.34 10.49
N ILE A 1197 18.37 -16.61 10.42
CA ILE A 1197 19.05 -17.66 11.17
C ILE A 1197 19.96 -18.49 10.27
N GLY A 1198 19.64 -18.63 9.00
CA GLY A 1198 20.55 -19.19 8.02
C GLY A 1198 21.50 -18.18 7.40
N VAL A 1199 21.60 -17.00 8.00
CA VAL A 1199 22.53 -15.97 7.57
C VAL A 1199 23.42 -15.59 8.74
N GLU A 1200 22.79 -15.26 9.86
CA GLU A 1200 23.52 -14.94 11.07
C GLU A 1200 24.15 -16.17 11.73
N PHE A 1201 24.04 -17.30 11.04
CA PHE A 1201 24.83 -18.49 11.29
C PHE A 1201 26.08 -18.55 10.44
N VAL A 1202 25.98 -18.23 9.15
CA VAL A 1202 27.15 -18.08 8.31
C VAL A 1202 28.01 -16.92 8.80
N GLY A 1203 27.37 -15.79 9.11
CA GLY A 1203 28.08 -14.61 9.55
C GLY A 1203 28.69 -14.75 10.92
N ASN A 1204 28.59 -15.94 11.49
CA ASN A 1204 29.27 -16.27 12.74
C ASN A 1204 30.21 -17.44 12.61
N CYS A 1205 29.92 -18.39 11.71
CA CYS A 1205 30.96 -19.32 11.30
C CYS A 1205 32.15 -18.60 10.69
N VAL A 1206 31.91 -17.45 10.04
CA VAL A 1206 33.01 -16.67 9.51
C VAL A 1206 33.79 -15.94 10.61
N VAL A 1207 33.19 -15.78 11.79
CA VAL A 1207 33.93 -15.26 12.93
C VAL A 1207 34.73 -16.37 13.60
N LEU A 1208 34.11 -17.54 13.77
CA LEU A 1208 34.82 -18.68 14.31
C LEU A 1208 36.02 -19.04 13.45
N PHE A 1209 35.83 -19.10 12.13
CA PHE A 1209 36.90 -19.52 11.24
C PHE A 1209 37.87 -18.39 10.91
N ALA A 1210 37.58 -17.16 11.35
CA ALA A 1210 38.59 -16.12 11.31
C ALA A 1210 39.47 -16.18 12.54
N ALA A 1211 38.86 -16.20 13.73
CA ALA A 1211 39.65 -16.24 14.96
C ALA A 1211 40.42 -17.55 15.09
N LEU A 1212 39.77 -18.68 14.81
CA LEU A 1212 40.43 -19.98 14.94
C LEU A 1212 41.59 -20.12 13.97
N PHE A 1213 41.41 -19.65 12.73
CA PHE A 1213 42.51 -19.71 11.77
C PHE A 1213 43.59 -18.68 12.07
N ALA A 1214 43.26 -17.57 12.72
CA ALA A 1214 44.30 -16.69 13.22
C ALA A 1214 45.14 -17.39 14.27
N VAL A 1215 44.48 -18.11 15.18
CA VAL A 1215 45.20 -18.81 16.25
C VAL A 1215 46.03 -19.95 15.68
N ILE A 1216 45.48 -20.71 14.74
CA ILE A 1216 46.20 -21.85 14.16
C ILE A 1216 47.45 -21.41 13.43
N GLY A 1217 47.53 -20.14 13.03
CA GLY A 1217 48.71 -19.60 12.39
C GLY A 1217 49.33 -18.49 13.20
N ARG A 1218 49.36 -18.66 14.53
CA ARG A 1218 49.84 -17.61 15.41
C ARG A 1218 51.30 -17.26 15.12
N SER A 1219 52.15 -18.26 14.92
CA SER A 1219 53.57 -18.00 14.77
C SER A 1219 53.90 -17.20 13.51
N SER A 1220 53.02 -17.20 12.51
CA SER A 1220 53.29 -16.56 11.24
C SER A 1220 52.63 -15.19 11.09
N LEU A 1221 51.91 -14.73 12.11
CA LEU A 1221 51.17 -13.48 12.01
C LEU A 1221 51.63 -12.50 13.08
N ASN A 1222 50.95 -11.36 13.12
CA ASN A 1222 51.21 -10.27 14.06
C ASN A 1222 49.86 -9.78 14.59
N PRO A 1223 49.87 -9.04 15.71
CA PRO A 1223 48.60 -8.55 16.24
C PRO A 1223 47.80 -7.69 15.27
N GLY A 1224 48.47 -6.90 14.42
CA GLY A 1224 47.74 -6.02 13.53
C GLY A 1224 46.85 -6.78 12.55
N LEU A 1225 47.41 -7.76 11.86
CA LEU A 1225 46.63 -8.50 10.87
C LEU A 1225 45.50 -9.28 11.51
N VAL A 1226 45.71 -9.84 12.71
CA VAL A 1226 44.63 -10.58 13.36
C VAL A 1226 43.53 -9.62 13.82
N GLY A 1227 43.91 -8.47 14.38
CA GLY A 1227 42.92 -7.48 14.74
C GLY A 1227 42.09 -7.06 13.55
N LEU A 1228 42.74 -6.85 12.40
CA LEU A 1228 42.01 -6.56 11.18
C LEU A 1228 41.07 -7.70 10.80
N SER A 1229 41.59 -8.92 10.74
CA SER A 1229 40.82 -10.05 10.24
C SER A 1229 39.65 -10.41 11.12
N VAL A 1230 39.70 -10.07 12.40
CA VAL A 1230 38.59 -10.41 13.29
C VAL A 1230 37.65 -9.23 13.39
N SER A 1231 38.19 -8.01 13.35
CA SER A 1231 37.35 -6.84 13.51
C SER A 1231 36.38 -6.65 12.35
N TYR A 1232 36.75 -7.09 11.15
CA TYR A 1232 35.85 -7.04 10.01
C TYR A 1232 35.09 -8.34 9.79
N SER A 1233 35.54 -9.45 10.37
CA SER A 1233 34.71 -10.64 10.33
C SER A 1233 33.49 -10.48 11.22
N LEU A 1234 33.66 -9.81 12.36
CA LEU A 1234 32.56 -9.52 13.25
C LEU A 1234 31.53 -8.59 12.60
N GLN A 1235 31.94 -7.84 11.58
CA GLN A 1235 31.09 -6.82 10.97
C GLN A 1235 30.31 -7.35 9.76
N VAL A 1236 30.61 -8.55 9.29
CA VAL A 1236 30.04 -8.98 8.02
C VAL A 1236 28.62 -9.51 8.20
N THR A 1237 28.28 -10.04 9.37
CA THR A 1237 26.94 -10.61 9.53
C THR A 1237 25.84 -9.57 9.47
N PHE A 1238 26.19 -8.29 9.42
CA PHE A 1238 25.22 -7.22 9.15
C PHE A 1238 25.28 -6.76 7.70
N ALA A 1239 26.47 -6.59 7.15
CA ALA A 1239 26.61 -6.20 5.75
C ALA A 1239 26.39 -7.36 4.80
N LEU A 1240 25.90 -8.47 5.32
CA LEU A 1240 25.50 -9.60 4.48
C LEU A 1240 24.06 -10.00 4.71
N ASN A 1241 23.42 -9.54 5.78
CA ASN A 1241 21.97 -9.58 5.91
C ASN A 1241 21.32 -8.32 5.36
N TRP A 1242 22.11 -7.30 5.08
CA TRP A 1242 21.66 -6.07 4.44
C TRP A 1242 21.76 -6.15 2.94
N MET A 1243 22.44 -7.17 2.41
CA MET A 1243 22.55 -7.41 0.99
C MET A 1243 21.52 -8.41 0.50
N ILE A 1244 20.64 -8.86 1.39
CA ILE A 1244 19.47 -9.63 1.01
C ILE A 1244 18.17 -8.86 1.24
N ARG A 1245 18.21 -7.93 2.21
CA ARG A 1245 17.03 -7.09 2.52
C ARG A 1245 16.74 -6.20 1.31
N MET A 1246 17.66 -6.17 0.34
CA MET A 1246 17.48 -5.36 -0.87
C MET A 1246 17.63 -6.15 -2.16
N MET A 1247 18.54 -7.13 -2.21
CA MET A 1247 18.65 -7.96 -3.40
C MET A 1247 17.40 -8.80 -3.61
N SER A 1248 16.54 -8.90 -2.60
CA SER A 1248 15.21 -9.48 -2.76
C SER A 1248 14.12 -8.43 -2.64
N ASP A 1249 14.50 -7.16 -2.58
CA ASP A 1249 13.57 -6.04 -2.69
C ASP A 1249 13.60 -5.40 -4.08
N LEU A 1250 14.78 -5.32 -4.68
CA LEU A 1250 14.88 -4.90 -6.07
C LEU A 1250 14.16 -5.87 -6.99
N GLU A 1251 14.14 -7.15 -6.65
CA GLU A 1251 13.48 -8.14 -7.49
C GLU A 1251 11.97 -7.89 -7.59
N SER A 1252 11.41 -7.11 -6.67
CA SER A 1252 10.00 -6.75 -6.74
C SER A 1252 9.77 -5.33 -7.25
N ASN A 1253 10.82 -4.64 -7.69
CA ASN A 1253 10.69 -3.32 -8.29
C ASN A 1253 11.20 -3.25 -9.72
N ILE A 1254 12.14 -4.12 -10.11
CA ILE A 1254 12.57 -4.19 -11.50
C ILE A 1254 11.43 -4.62 -12.40
N VAL A 1255 10.42 -5.28 -11.86
CA VAL A 1255 9.28 -5.74 -12.64
C VAL A 1255 8.62 -4.57 -13.36
N ALA A 1256 8.64 -3.39 -12.74
CA ALA A 1256 8.12 -2.19 -13.39
C ALA A 1256 8.74 -2.00 -14.76
N VAL A 1257 10.07 -2.07 -14.84
CA VAL A 1257 10.75 -1.94 -16.13
C VAL A 1257 10.20 -2.97 -17.10
N GLU A 1258 10.01 -4.21 -16.63
CA GLU A 1258 9.41 -5.25 -17.46
C GLU A 1258 8.13 -4.76 -18.10
N ARG A 1259 7.22 -4.19 -17.31
CA ARG A 1259 5.96 -3.72 -17.86
C ARG A 1259 6.20 -2.59 -18.86
N VAL A 1260 7.11 -1.66 -18.55
CA VAL A 1260 7.37 -0.57 -19.48
C VAL A 1260 8.07 -1.05 -20.74
N LYS A 1261 8.44 -2.33 -20.80
CA LYS A 1261 8.91 -2.92 -22.04
C LYS A 1261 7.85 -3.76 -22.73
N GLU A 1262 6.85 -4.25 -21.99
CA GLU A 1262 5.76 -4.97 -22.62
C GLU A 1262 4.79 -4.01 -23.31
N TYR A 1263 4.59 -2.82 -22.73
CA TYR A 1263 3.74 -1.82 -23.35
C TYR A 1263 4.54 -1.02 -24.37
N SER A 1264 5.19 -1.72 -25.30
CA SER A 1264 5.92 -1.08 -26.39
C SER A 1264 5.93 -2.05 -27.57
N LYS A 1265 6.73 -1.72 -28.58
CA LYS A 1265 6.88 -2.50 -29.81
C LYS A 1265 5.54 -3.04 -30.30
N THR A 1266 4.58 -2.14 -30.48
CA THR A 1266 3.20 -2.50 -30.74
C THR A 1266 2.73 -2.02 -32.12
N GLU A 1267 3.57 -2.23 -33.14
CA GLU A 1267 3.19 -2.08 -34.55
C GLU A 1267 2.56 -0.70 -34.81
N THR A 1268 3.42 0.32 -34.68
CA THR A 1268 2.98 1.70 -34.95
C THR A 1268 2.29 1.82 -36.31
N GLU A 1269 2.85 1.18 -37.34
CA GLU A 1269 2.26 1.07 -38.68
C GLU A 1269 1.71 2.39 -39.20
N ALA A 1270 2.22 3.52 -38.72
CA ALA A 1270 1.72 4.85 -39.07
C ALA A 1270 2.89 5.75 -39.44
N PRO A 1271 3.52 5.54 -40.60
CA PRO A 1271 4.58 6.46 -41.03
C PRO A 1271 3.99 7.80 -41.43
N TRP A 1272 4.16 8.80 -40.57
CA TRP A 1272 3.51 10.09 -40.80
C TRP A 1272 4.19 10.88 -41.92
N VAL A 1273 5.48 10.66 -42.14
CA VAL A 1273 6.28 11.45 -43.06
C VAL A 1273 7.01 10.53 -44.02
N VAL A 1274 6.76 10.68 -45.32
CA VAL A 1274 7.43 9.89 -46.35
C VAL A 1274 8.01 10.84 -47.40
N GLU A 1275 8.46 12.02 -46.96
CA GLU A 1275 8.75 13.19 -47.79
C GLU A 1275 9.32 12.87 -49.17
N GLY A 1276 10.18 11.85 -49.25
CA GLY A 1276 10.70 11.43 -50.55
C GLY A 1276 9.59 11.13 -51.55
N SER A 1277 8.41 10.78 -51.07
CA SER A 1277 7.27 10.44 -51.92
C SER A 1277 6.01 11.17 -51.46
N ARG A 1278 6.16 12.47 -51.20
CA ARG A 1278 5.00 13.32 -50.96
C ARG A 1278 4.11 13.36 -52.22
N PRO A 1279 2.79 13.36 -52.06
CA PRO A 1279 1.93 13.65 -53.20
C PRO A 1279 2.02 15.12 -53.55
N PRO A 1280 1.73 15.50 -54.80
CA PRO A 1280 1.63 16.91 -55.13
C PRO A 1280 0.52 17.56 -54.30
N GLU A 1281 0.82 18.74 -53.76
CA GLU A 1281 -0.07 19.34 -52.78
C GLU A 1281 -1.23 20.05 -53.46
N GLY A 1282 -2.08 20.65 -52.63
CA GLY A 1282 -3.23 21.38 -53.12
C GLY A 1282 -4.25 20.53 -53.84
N TRP A 1283 -4.62 19.38 -53.25
CA TRP A 1283 -5.70 18.63 -53.87
C TRP A 1283 -6.87 18.39 -52.91
N PRO A 1284 -7.27 19.37 -52.11
CA PRO A 1284 -8.69 19.49 -51.74
C PRO A 1284 -9.54 20.03 -52.88
N PRO A 1285 -9.11 21.09 -53.60
CA PRO A 1285 -10.05 21.74 -54.53
C PRO A 1285 -10.59 20.83 -55.61
N ARG A 1286 -9.79 19.86 -56.08
CA ARG A 1286 -10.31 18.91 -57.06
C ARG A 1286 -11.47 18.09 -56.48
N GLY A 1287 -11.31 17.61 -55.25
CA GLY A 1287 -12.39 16.98 -54.52
C GLY A 1287 -13.00 15.75 -55.15
N GLU A 1288 -12.16 14.82 -55.62
CA GLU A 1288 -12.63 13.59 -56.23
C GLU A 1288 -12.33 12.42 -55.29
N VAL A 1289 -13.34 11.60 -55.03
CA VAL A 1289 -13.22 10.42 -54.18
C VAL A 1289 -13.59 9.21 -55.02
N GLU A 1290 -12.70 8.21 -55.06
CA GLU A 1290 -12.90 7.03 -55.90
C GLU A 1290 -12.45 5.79 -55.13
N PHE A 1291 -13.40 4.97 -54.68
CA PHE A 1291 -13.02 3.67 -54.15
C PHE A 1291 -12.81 2.68 -55.29
N ARG A 1292 -11.91 1.73 -55.09
CA ARG A 1292 -11.68 0.67 -56.07
C ARG A 1292 -11.60 -0.65 -55.31
N ASN A 1293 -12.71 -1.40 -55.32
CA ASN A 1293 -12.88 -2.71 -54.68
C ASN A 1293 -12.17 -2.78 -53.34
N TYR A 1294 -12.30 -1.72 -52.54
CA TYR A 1294 -11.57 -1.59 -51.29
C TYR A 1294 -12.23 -2.48 -50.23
N SER A 1295 -11.49 -3.47 -49.75
CA SER A 1295 -11.99 -4.44 -48.79
C SER A 1295 -11.19 -4.33 -47.50
N VAL A 1296 -11.88 -4.23 -46.37
CA VAL A 1296 -11.23 -3.92 -45.10
C VAL A 1296 -11.92 -4.69 -43.99
N ARG A 1297 -11.18 -4.99 -42.93
CA ARG A 1297 -11.70 -5.60 -41.73
C ARG A 1297 -11.01 -4.98 -40.52
N TYR A 1298 -11.62 -5.17 -39.35
CA TYR A 1298 -11.09 -4.59 -38.12
C TYR A 1298 -9.65 -5.04 -37.86
N ARG A 1299 -9.46 -6.34 -37.65
CA ARG A 1299 -8.16 -6.89 -37.30
C ARG A 1299 -7.94 -8.19 -38.05
N PRO A 1300 -6.68 -8.57 -38.28
CA PRO A 1300 -6.41 -9.89 -38.87
C PRO A 1300 -7.00 -10.99 -38.01
N GLY A 1301 -7.94 -11.74 -38.59
CA GLY A 1301 -8.68 -12.76 -37.88
C GLY A 1301 -10.07 -12.34 -37.45
N LEU A 1302 -10.43 -11.07 -37.61
CA LEU A 1302 -11.77 -10.59 -37.27
C LEU A 1302 -12.67 -10.61 -38.50
N ASP A 1303 -13.94 -10.27 -38.27
CA ASP A 1303 -14.93 -10.33 -39.32
C ASP A 1303 -14.65 -9.29 -40.40
N LEU A 1304 -15.07 -9.60 -41.62
CA LEU A 1304 -14.84 -8.72 -42.77
C LEU A 1304 -15.89 -7.62 -42.78
N VAL A 1305 -15.45 -6.39 -42.58
CA VAL A 1305 -16.39 -5.26 -42.46
C VAL A 1305 -16.89 -4.84 -43.84
N LEU A 1306 -15.98 -4.63 -44.78
CA LEU A 1306 -16.32 -4.10 -46.10
C LEU A 1306 -15.89 -5.10 -47.16
N ARG A 1307 -16.67 -5.16 -48.24
CA ARG A 1307 -16.50 -6.17 -49.29
C ARG A 1307 -16.43 -5.49 -50.65
N ASP A 1308 -15.21 -5.15 -51.07
CA ASP A 1308 -14.92 -4.64 -52.42
C ASP A 1308 -15.85 -3.48 -52.80
N LEU A 1309 -15.71 -2.39 -52.06
CA LEU A 1309 -16.52 -1.19 -52.29
C LEU A 1309 -15.87 -0.33 -53.36
N SER A 1310 -16.69 0.14 -54.30
CA SER A 1310 -16.25 1.06 -55.33
C SER A 1310 -17.26 2.21 -55.43
N LEU A 1311 -16.76 3.41 -55.74
CA LEU A 1311 -17.62 4.58 -55.77
C LEU A 1311 -17.03 5.62 -56.72
N HIS A 1312 -17.88 6.56 -57.13
CA HIS A 1312 -17.53 7.59 -58.09
C HIS A 1312 -18.09 8.91 -57.59
N VAL A 1313 -17.22 9.74 -57.02
CA VAL A 1313 -17.63 10.99 -56.38
C VAL A 1313 -16.82 12.14 -56.96
N HIS A 1314 -17.51 13.23 -57.27
CA HIS A 1314 -16.90 14.46 -57.77
C HIS A 1314 -16.99 15.54 -56.69
N GLY A 1315 -16.47 16.72 -57.02
CA GLY A 1315 -16.43 17.80 -56.04
C GLY A 1315 -17.82 18.31 -55.71
N GLY A 1316 -18.03 18.64 -54.44
CA GLY A 1316 -19.26 19.26 -53.97
C GLY A 1316 -20.46 18.34 -53.92
N GLU A 1317 -20.32 17.07 -54.25
CA GLU A 1317 -21.45 16.14 -54.27
C GLU A 1317 -21.82 15.76 -52.85
N LYS A 1318 -22.81 16.45 -52.28
CA LYS A 1318 -23.30 16.12 -50.96
C LYS A 1318 -23.94 14.73 -51.00
N VAL A 1319 -23.32 13.77 -50.33
CA VAL A 1319 -23.72 12.37 -50.40
C VAL A 1319 -23.88 11.82 -49.00
N GLY A 1320 -25.00 11.14 -48.75
CA GLY A 1320 -25.24 10.47 -47.50
C GLY A 1320 -25.30 8.96 -47.72
N ILE A 1321 -24.86 8.21 -46.71
CA ILE A 1321 -24.86 6.75 -46.76
C ILE A 1321 -26.08 6.25 -46.02
N VAL A 1322 -26.89 5.43 -46.68
CA VAL A 1322 -28.11 4.89 -46.09
C VAL A 1322 -28.02 3.37 -46.14
N GLY A 1323 -28.77 2.73 -45.24
CA GLY A 1323 -28.73 1.29 -45.11
C GLY A 1323 -29.37 0.91 -43.79
N ARG A 1324 -28.98 -0.25 -43.30
CA ARG A 1324 -29.43 -0.67 -41.98
C ARG A 1324 -28.59 0.01 -40.92
N THR A 1325 -29.25 0.68 -39.97
CA THR A 1325 -28.54 1.37 -38.91
C THR A 1325 -27.83 0.36 -38.02
N GLY A 1326 -26.53 0.57 -37.81
CA GLY A 1326 -25.69 -0.39 -37.13
C GLY A 1326 -24.84 -1.25 -38.04
N ALA A 1327 -24.91 -1.04 -39.36
CA ALA A 1327 -24.09 -1.81 -40.28
C ALA A 1327 -22.62 -1.43 -40.22
N GLY A 1328 -22.28 -0.28 -39.66
CA GLY A 1328 -20.89 0.11 -39.52
C GLY A 1328 -20.41 1.13 -40.52
N LYS A 1329 -21.25 2.13 -40.83
CA LYS A 1329 -20.79 3.24 -41.66
C LYS A 1329 -19.68 4.02 -40.96
N SER A 1330 -19.71 4.04 -39.62
CA SER A 1330 -18.60 4.60 -38.86
C SER A 1330 -17.29 3.93 -39.21
N SER A 1331 -17.32 2.63 -39.51
CA SER A 1331 -16.12 1.95 -39.98
C SER A 1331 -15.63 2.56 -41.29
N MET A 1332 -16.56 2.89 -42.19
CA MET A 1332 -16.18 3.52 -43.44
C MET A 1332 -15.58 4.91 -43.20
N THR A 1333 -16.15 5.66 -42.25
CA THR A 1333 -15.55 6.94 -41.88
C THR A 1333 -14.13 6.76 -41.36
N LEU A 1334 -13.93 5.75 -40.51
CA LEU A 1334 -12.59 5.45 -40.03
C LEU A 1334 -11.65 5.08 -41.16
N CYS A 1335 -12.16 4.35 -42.16
CA CYS A 1335 -11.34 3.97 -43.31
C CYS A 1335 -10.89 5.20 -44.09
N LEU A 1336 -11.78 6.18 -44.25
CA LEU A 1336 -11.40 7.40 -44.96
C LEU A 1336 -10.17 8.07 -44.37
N PHE A 1337 -9.98 7.97 -43.05
CA PHE A 1337 -8.78 8.48 -42.41
C PHE A 1337 -7.76 7.40 -42.10
N ARG A 1338 -7.92 6.21 -42.71
CA ARG A 1338 -7.01 5.08 -42.51
C ARG A 1338 -6.83 4.76 -41.04
N ILE A 1339 -7.96 4.60 -40.34
CA ILE A 1339 -7.91 4.01 -39.01
C ILE A 1339 -7.90 2.49 -39.13
N LEU A 1340 -8.41 1.97 -40.25
CA LEU A 1340 -8.43 0.54 -40.53
C LEU A 1340 -7.93 0.35 -41.95
N GLU A 1341 -7.02 -0.60 -42.13
CA GLU A 1341 -6.30 -0.74 -43.39
C GLU A 1341 -6.85 -1.90 -44.22
N ALA A 1342 -6.93 -1.68 -45.53
CA ALA A 1342 -7.55 -2.65 -46.42
C ALA A 1342 -6.70 -3.89 -46.59
N ALA A 1343 -7.37 -5.01 -46.84
CA ALA A 1343 -6.71 -6.23 -47.32
C ALA A 1343 -6.83 -6.41 -48.82
N LYS A 1344 -7.64 -5.60 -49.49
CA LYS A 1344 -7.85 -5.67 -50.93
C LYS A 1344 -8.50 -4.37 -51.38
N GLY A 1345 -8.12 -3.92 -52.58
CA GLY A 1345 -8.62 -2.66 -53.09
C GLY A 1345 -7.94 -1.48 -52.44
N GLU A 1346 -8.43 -0.28 -52.79
CA GLU A 1346 -7.80 0.93 -52.28
C GLU A 1346 -8.74 2.12 -52.48
N ILE A 1347 -8.29 3.28 -51.99
CA ILE A 1347 -9.04 4.53 -52.09
C ILE A 1347 -8.15 5.54 -52.79
N ARG A 1348 -8.61 6.04 -53.94
CA ARG A 1348 -7.85 6.99 -54.74
C ARG A 1348 -8.57 8.33 -54.67
N ILE A 1349 -7.83 9.37 -54.30
CA ILE A 1349 -8.37 10.72 -54.14
C ILE A 1349 -7.64 11.60 -55.15
N ASP A 1350 -8.37 12.13 -56.13
CA ASP A 1350 -7.79 13.00 -57.16
C ASP A 1350 -6.64 12.32 -57.88
N GLY A 1351 -6.76 11.01 -58.09
CA GLY A 1351 -5.67 10.24 -58.63
C GLY A 1351 -4.57 9.91 -57.64
N LEU A 1352 -4.78 10.19 -56.36
CA LEU A 1352 -3.80 9.91 -55.32
C LEU A 1352 -4.37 8.90 -54.34
N ASN A 1353 -3.64 7.81 -54.13
CA ASN A 1353 -4.06 6.76 -53.21
C ASN A 1353 -3.91 7.25 -51.76
N VAL A 1354 -4.55 6.52 -50.85
CA VAL A 1354 -4.38 6.80 -49.43
C VAL A 1354 -3.23 6.03 -48.80
N ALA A 1355 -2.81 4.92 -49.41
CA ALA A 1355 -1.78 4.07 -48.85
C ALA A 1355 -0.37 4.49 -49.22
N ASP A 1356 -0.21 5.55 -50.01
CA ASP A 1356 1.10 6.03 -50.45
C ASP A 1356 1.34 7.45 -49.95
N ILE A 1357 0.83 7.77 -48.76
CA ILE A 1357 0.95 9.09 -48.19
C ILE A 1357 1.04 8.95 -46.67
N GLY A 1358 1.81 9.85 -46.05
CA GLY A 1358 1.87 9.87 -44.60
C GLY A 1358 0.51 10.21 -44.00
N LEU A 1359 0.25 9.64 -42.82
CA LEU A 1359 -1.09 9.75 -42.23
C LEU A 1359 -1.48 11.19 -41.99
N HIS A 1360 -0.55 12.02 -41.54
CA HIS A 1360 -0.91 13.37 -41.13
C HIS A 1360 -1.21 14.26 -42.34
N ASP A 1361 -0.42 14.14 -43.41
CA ASP A 1361 -0.74 14.91 -44.61
C ASP A 1361 -2.09 14.50 -45.17
N LEU A 1362 -2.43 13.21 -45.04
CA LEU A 1362 -3.76 12.74 -45.43
C LEU A 1362 -4.84 13.42 -44.59
N ARG A 1363 -4.79 13.21 -43.27
CA ARG A 1363 -5.87 13.65 -42.39
C ARG A 1363 -5.96 15.18 -42.27
N SER A 1364 -4.89 15.90 -42.60
CA SER A 1364 -4.94 17.36 -42.49
C SER A 1364 -5.79 17.98 -43.58
N GLN A 1365 -5.81 17.40 -44.77
CA GLN A 1365 -6.55 17.97 -45.90
C GLN A 1365 -8.02 17.60 -45.87
N LEU A 1366 -8.49 16.86 -44.88
CA LEU A 1366 -9.90 16.54 -44.72
C LEU A 1366 -10.46 17.28 -43.52
N THR A 1367 -11.73 17.02 -43.23
CA THR A 1367 -12.44 17.71 -42.17
C THR A 1367 -13.52 16.80 -41.60
N ILE A 1368 -13.59 16.72 -40.28
CA ILE A 1368 -14.44 15.75 -39.59
C ILE A 1368 -15.28 16.47 -38.54
N ILE A 1369 -16.50 15.97 -38.34
CA ILE A 1369 -17.30 16.27 -37.17
C ILE A 1369 -17.51 14.97 -36.39
N PRO A 1370 -16.74 14.75 -35.33
CA PRO A 1370 -16.88 13.49 -34.59
C PRO A 1370 -18.27 13.33 -34.00
N GLN A 1371 -18.70 12.06 -33.89
CA GLN A 1371 -20.03 11.78 -33.35
C GLN A 1371 -20.14 12.23 -31.90
N ASP A 1372 -19.03 12.28 -31.17
CA ASP A 1372 -18.99 12.83 -29.82
C ASP A 1372 -18.02 14.00 -29.80
N PRO A 1373 -18.51 15.24 -29.94
CA PRO A 1373 -17.60 16.39 -29.87
C PRO A 1373 -17.01 16.52 -28.48
N ILE A 1374 -15.70 16.31 -28.40
CA ILE A 1374 -15.01 16.37 -27.12
C ILE A 1374 -14.43 17.76 -26.98
N LEU A 1375 -14.12 18.13 -25.73
CA LEU A 1375 -13.60 19.44 -25.40
C LEU A 1375 -12.36 19.23 -24.54
N PHE A 1376 -11.18 19.46 -25.11
CA PHE A 1376 -9.95 19.28 -24.37
C PHE A 1376 -9.90 20.21 -23.17
N SER A 1377 -9.59 19.64 -22.01
CA SER A 1377 -9.66 20.39 -20.75
C SER A 1377 -8.65 21.54 -20.76
N GLY A 1378 -9.16 22.76 -20.59
CA GLY A 1378 -8.32 23.93 -20.57
C GLY A 1378 -8.91 25.12 -21.31
N THR A 1379 -8.05 25.94 -21.90
CA THR A 1379 -8.51 27.12 -22.61
C THR A 1379 -9.19 26.74 -23.92
N LEU A 1380 -9.92 27.70 -24.49
CA LEU A 1380 -10.46 27.55 -25.83
C LEU A 1380 -9.41 27.77 -26.90
N ARG A 1381 -8.30 28.43 -26.56
CA ARG A 1381 -7.25 28.71 -27.54
C ARG A 1381 -6.75 27.44 -28.19
N MET A 1382 -6.35 26.46 -27.37
CA MET A 1382 -5.88 25.19 -27.92
C MET A 1382 -7.04 24.33 -28.41
N ASN A 1383 -8.18 24.38 -27.71
CA ASN A 1383 -9.33 23.58 -28.13
C ASN A 1383 -9.85 23.99 -29.51
N LEU A 1384 -9.46 25.16 -30.01
CA LEU A 1384 -9.68 25.48 -31.41
C LEU A 1384 -8.42 25.35 -32.25
N ASP A 1385 -7.25 25.60 -31.67
CA ASP A 1385 -5.99 25.52 -32.41
C ASP A 1385 -4.84 25.25 -31.44
N PRO A 1386 -4.54 23.98 -31.15
CA PRO A 1386 -3.40 23.70 -30.27
C PRO A 1386 -2.10 24.25 -30.81
N PHE A 1387 -1.91 24.19 -32.13
CA PHE A 1387 -0.73 24.78 -32.75
C PHE A 1387 -0.74 26.29 -32.66
N GLY A 1388 -1.90 26.91 -32.41
CA GLY A 1388 -1.99 28.36 -32.40
C GLY A 1388 -1.63 29.00 -33.72
N SER A 1389 -1.77 28.26 -34.82
CA SER A 1389 -1.38 28.75 -36.14
C SER A 1389 -2.44 29.61 -36.80
N TYR A 1390 -3.60 29.78 -36.17
CA TYR A 1390 -4.67 30.59 -36.72
C TYR A 1390 -4.79 31.86 -35.89
N SER A 1391 -4.88 33.00 -36.58
CA SER A 1391 -4.81 34.29 -35.91
C SER A 1391 -6.07 34.56 -35.09
N GLU A 1392 -5.97 35.55 -34.21
CA GLU A 1392 -7.08 35.91 -33.34
C GLU A 1392 -8.29 36.37 -34.15
N GLU A 1393 -8.05 37.16 -35.21
CA GLU A 1393 -9.15 37.66 -36.03
C GLU A 1393 -9.90 36.51 -36.70
N ASP A 1394 -9.16 35.54 -37.26
CA ASP A 1394 -9.79 34.38 -37.88
C ASP A 1394 -10.65 33.63 -36.89
N ILE A 1395 -10.11 33.40 -35.69
CA ILE A 1395 -10.83 32.60 -34.69
C ILE A 1395 -12.09 33.31 -34.24
N TRP A 1396 -12.00 34.62 -33.98
CA TRP A 1396 -13.18 35.36 -33.57
C TRP A 1396 -14.21 35.40 -34.70
N TRP A 1397 -13.76 35.56 -35.94
CA TRP A 1397 -14.68 35.52 -37.07
C TRP A 1397 -15.41 34.18 -37.15
N ALA A 1398 -14.68 33.09 -36.96
CA ALA A 1398 -15.31 31.77 -37.08
C ALA A 1398 -16.27 31.50 -35.92
N LEU A 1399 -15.88 31.88 -34.69
CA LEU A 1399 -16.81 31.76 -33.57
C LEU A 1399 -18.06 32.60 -33.79
N GLU A 1400 -17.92 33.75 -34.45
CA GLU A 1400 -19.11 34.47 -34.88
C GLU A 1400 -19.91 33.64 -35.87
N LEU A 1401 -19.24 33.02 -36.84
CA LEU A 1401 -19.91 32.09 -37.73
C LEU A 1401 -20.39 30.85 -36.98
N SER A 1402 -19.73 30.50 -35.87
CA SER A 1402 -20.19 29.39 -35.05
C SER A 1402 -21.46 29.71 -34.28
N HIS A 1403 -21.84 30.98 -34.21
CA HIS A 1403 -23.04 31.43 -33.48
C HIS A 1403 -22.94 31.08 -32.00
N LEU A 1404 -21.73 31.15 -31.45
CA LEU A 1404 -21.49 31.14 -30.01
C LEU A 1404 -20.81 32.41 -29.54
N HIS A 1405 -20.78 33.44 -30.37
CA HIS A 1405 -20.06 34.67 -30.02
C HIS A 1405 -20.65 35.33 -28.78
N THR A 1406 -21.96 35.23 -28.60
CA THR A 1406 -22.60 35.85 -27.45
C THR A 1406 -22.14 35.22 -26.14
N PHE A 1407 -22.17 33.89 -26.08
CA PHE A 1407 -21.82 33.20 -24.84
C PHE A 1407 -20.36 33.41 -24.48
N VAL A 1408 -19.46 33.32 -25.47
CA VAL A 1408 -18.04 33.54 -25.19
C VAL A 1408 -17.77 35.00 -24.83
N SER A 1409 -18.50 35.93 -25.45
CA SER A 1409 -18.35 37.34 -25.11
C SER A 1409 -18.78 37.60 -23.67
N SER A 1410 -19.86 36.94 -23.23
CA SER A 1410 -20.27 37.06 -21.84
C SER A 1410 -19.21 36.52 -20.89
N GLN A 1411 -18.44 35.53 -21.33
CA GLN A 1411 -17.35 35.01 -20.50
C GLN A 1411 -16.28 36.08 -20.32
N PRO A 1412 -15.65 36.15 -19.15
CA PRO A 1412 -14.67 37.21 -18.90
C PRO A 1412 -13.47 37.17 -19.82
N ALA A 1413 -12.78 36.03 -19.85
CA ALA A 1413 -11.55 35.90 -20.62
C ALA A 1413 -11.78 35.48 -22.06
N GLY A 1414 -13.01 35.11 -22.43
CA GLY A 1414 -13.29 34.69 -23.78
C GLY A 1414 -12.58 33.41 -24.18
N LEU A 1415 -11.61 33.51 -25.09
CA LEU A 1415 -10.90 32.34 -25.56
C LEU A 1415 -10.05 31.69 -24.47
N ASP A 1416 -9.78 32.42 -23.39
CA ASP A 1416 -9.01 31.88 -22.28
C ASP A 1416 -9.90 31.25 -21.22
N PHE A 1417 -11.19 31.09 -21.50
CA PHE A 1417 -12.09 30.41 -20.57
C PHE A 1417 -11.64 28.97 -20.36
N GLN A 1418 -11.77 28.50 -19.13
CA GLN A 1418 -11.29 27.18 -18.76
C GLN A 1418 -12.39 26.14 -18.93
N CYS A 1419 -12.04 25.03 -19.59
CA CYS A 1419 -12.97 23.93 -19.82
C CYS A 1419 -12.77 22.85 -18.77
N SER A 1420 -13.87 22.36 -18.23
CA SER A 1420 -13.82 21.34 -17.19
C SER A 1420 -13.40 20.00 -17.81
N GLU A 1421 -13.35 18.96 -16.98
CA GLU A 1421 -12.89 17.66 -17.44
C GLU A 1421 -13.92 17.05 -18.38
N GLY A 1422 -13.48 16.73 -19.61
CA GLY A 1422 -14.39 16.22 -20.62
C GLY A 1422 -15.36 17.26 -21.16
N GLY A 1423 -15.03 18.53 -21.02
CA GLY A 1423 -15.92 19.59 -21.49
C GLY A 1423 -17.28 19.58 -20.83
N GLU A 1424 -17.34 19.27 -19.53
CA GLU A 1424 -18.60 19.18 -18.83
C GLU A 1424 -19.20 20.55 -18.50
N ASN A 1425 -18.38 21.60 -18.48
CA ASN A 1425 -18.84 22.92 -18.07
C ASN A 1425 -19.48 23.71 -19.20
N LEU A 1426 -19.57 23.14 -20.40
CA LEU A 1426 -20.28 23.76 -21.51
C LEU A 1426 -21.43 22.86 -21.94
N SER A 1427 -22.50 23.48 -22.44
CA SER A 1427 -23.70 22.72 -22.80
C SER A 1427 -23.44 21.87 -24.03
N VAL A 1428 -24.37 20.95 -24.30
CA VAL A 1428 -24.22 20.02 -25.41
C VAL A 1428 -24.14 20.78 -26.73
N GLY A 1429 -25.12 21.66 -26.97
CA GLY A 1429 -25.11 22.45 -28.18
C GLY A 1429 -23.83 23.26 -28.32
N GLN A 1430 -23.29 23.74 -27.20
CA GLN A 1430 -21.99 24.39 -27.24
C GLN A 1430 -20.90 23.41 -27.68
N ARG A 1431 -20.99 22.15 -27.27
CA ARG A 1431 -19.99 21.18 -27.74
C ARG A 1431 -20.06 20.97 -29.25
N GLN A 1432 -21.27 20.79 -29.80
CA GLN A 1432 -21.34 20.64 -31.25
C GLN A 1432 -20.92 21.93 -31.97
N LEU A 1433 -21.24 23.08 -31.40
CA LEU A 1433 -20.80 24.33 -32.03
C LEU A 1433 -19.28 24.46 -31.97
N VAL A 1434 -18.65 23.97 -30.90
CA VAL A 1434 -17.21 23.98 -30.80
C VAL A 1434 -16.59 23.07 -31.86
N CYS A 1435 -17.14 21.85 -32.02
CA CYS A 1435 -16.55 20.94 -32.99
C CYS A 1435 -16.74 21.46 -34.41
N LEU A 1436 -17.91 22.04 -34.71
CA LEU A 1436 -18.08 22.62 -36.04
C LEU A 1436 -17.21 23.85 -36.23
N ALA A 1437 -16.90 24.58 -35.16
CA ALA A 1437 -15.92 25.66 -35.26
C ALA A 1437 -14.54 25.12 -35.58
N ARG A 1438 -14.15 24.02 -34.94
CA ARG A 1438 -12.90 23.35 -35.27
C ARG A 1438 -12.87 23.00 -36.75
N ALA A 1439 -13.98 22.47 -37.25
CA ALA A 1439 -14.09 22.17 -38.67
C ALA A 1439 -13.94 23.42 -39.52
N LEU A 1440 -14.59 24.51 -39.10
CA LEU A 1440 -14.60 25.74 -39.89
C LEU A 1440 -13.21 26.35 -40.00
N LEU A 1441 -12.43 26.30 -38.92
CA LEU A 1441 -11.11 26.92 -38.94
C LEU A 1441 -10.25 26.38 -40.08
N ARG A 1442 -10.15 25.06 -40.17
CA ARG A 1442 -9.26 24.45 -41.16
C ARG A 1442 -9.74 24.74 -42.59
N LYS A 1443 -11.04 24.57 -42.84
CA LYS A 1443 -11.68 25.00 -44.08
C LYS A 1443 -11.02 24.34 -45.30
N SER A 1444 -11.17 23.03 -45.36
CA SER A 1444 -10.72 22.27 -46.52
C SER A 1444 -11.85 22.22 -47.55
N ARG A 1445 -11.67 21.40 -48.59
CA ARG A 1445 -12.68 21.24 -49.63
C ARG A 1445 -13.40 19.91 -49.55
N ILE A 1446 -13.12 19.09 -48.54
CA ILE A 1446 -13.79 17.80 -48.36
C ILE A 1446 -14.34 17.76 -46.94
N LEU A 1447 -15.60 17.36 -46.82
CA LEU A 1447 -16.23 17.18 -45.52
C LEU A 1447 -16.80 15.77 -45.43
N VAL A 1448 -16.70 15.19 -44.24
CA VAL A 1448 -17.33 13.91 -43.93
C VAL A 1448 -18.00 14.02 -42.56
N LEU A 1449 -19.32 14.15 -42.54
CA LEU A 1449 -20.05 14.26 -41.29
C LEU A 1449 -20.17 12.90 -40.65
N ASP A 1450 -20.16 12.86 -39.32
CA ASP A 1450 -20.24 11.62 -38.56
C ASP A 1450 -21.25 11.77 -37.42
N GLU A 1451 -22.52 11.48 -37.73
CA GLU A 1451 -23.56 11.17 -36.73
C GLU A 1451 -23.55 12.16 -35.56
N ALA A 1452 -23.89 13.41 -35.88
CA ALA A 1452 -23.96 14.47 -34.87
C ALA A 1452 -25.33 14.53 -34.19
N THR A 1453 -26.09 13.44 -34.21
CA THR A 1453 -27.43 13.41 -33.62
C THR A 1453 -27.66 12.12 -32.83
N ALA A 1454 -26.64 11.68 -32.09
CA ALA A 1454 -26.79 10.49 -31.25
C ALA A 1454 -27.83 10.70 -30.17
N ALA A 1455 -27.53 11.58 -29.21
CA ALA A 1455 -28.47 12.02 -28.19
C ALA A 1455 -28.37 13.52 -28.02
N ILE A 1456 -28.30 14.23 -29.14
CA ILE A 1456 -27.99 15.66 -29.19
C ILE A 1456 -29.27 16.43 -29.46
N ASP A 1457 -29.45 17.55 -28.76
CA ASP A 1457 -30.68 18.31 -28.83
C ASP A 1457 -30.97 18.79 -30.24
N LEU A 1458 -32.26 18.76 -30.62
CA LEU A 1458 -32.67 19.13 -31.96
C LEU A 1458 -32.66 20.63 -32.19
N GLU A 1459 -32.86 21.43 -31.13
CA GLU A 1459 -32.95 22.87 -31.30
C GLU A 1459 -31.65 23.44 -31.86
N THR A 1460 -30.51 22.96 -31.37
CA THR A 1460 -29.24 23.34 -31.98
C THR A 1460 -28.89 22.47 -33.18
N ASP A 1461 -29.51 21.30 -33.32
CA ASP A 1461 -29.29 20.49 -34.51
C ASP A 1461 -29.78 21.20 -35.76
N ASN A 1462 -30.90 21.91 -35.65
CA ASN A 1462 -31.37 22.72 -36.77
C ASN A 1462 -30.32 23.75 -37.16
N LEU A 1463 -29.73 24.43 -36.16
CA LEU A 1463 -28.69 25.41 -36.46
C LEU A 1463 -27.48 24.76 -37.11
N ILE A 1464 -27.08 23.59 -36.61
CA ILE A 1464 -25.93 22.89 -37.18
C ILE A 1464 -26.17 22.56 -38.64
N GLN A 1465 -27.34 21.97 -38.93
CA GLN A 1465 -27.66 21.60 -40.30
C GLN A 1465 -27.74 22.83 -41.20
N ALA A 1466 -28.39 23.89 -40.74
CA ALA A 1466 -28.49 25.11 -41.52
C ALA A 1466 -27.12 25.69 -41.83
N THR A 1467 -26.25 25.75 -40.82
CA THR A 1467 -24.91 26.29 -41.02
C THR A 1467 -24.14 25.45 -42.03
N ILE A 1468 -24.06 24.14 -41.80
CA ILE A 1468 -23.27 23.29 -42.69
C ILE A 1468 -23.84 23.33 -44.09
N ARG A 1469 -25.14 23.60 -44.25
CA ARG A 1469 -25.66 23.91 -45.57
C ARG A 1469 -25.11 25.23 -46.09
N THR A 1470 -24.97 26.24 -45.22
CA THR A 1470 -24.60 27.57 -45.70
C THR A 1470 -23.12 27.66 -46.07
N GLN A 1471 -22.22 27.50 -45.10
CA GLN A 1471 -20.81 27.76 -45.40
C GLN A 1471 -20.16 26.64 -46.19
N PHE A 1472 -20.71 25.44 -46.19
CA PHE A 1472 -20.11 24.29 -46.87
C PHE A 1472 -20.78 23.99 -48.20
N ASP A 1473 -21.16 25.03 -48.95
CA ASP A 1473 -21.76 24.83 -50.27
C ASP A 1473 -20.74 24.51 -51.34
N THR A 1474 -19.44 24.61 -51.05
CA THR A 1474 -18.39 24.39 -52.03
C THR A 1474 -17.41 23.30 -51.57
N CYS A 1475 -17.93 22.26 -50.91
CA CYS A 1475 -17.10 21.17 -50.42
C CYS A 1475 -17.87 19.87 -50.53
N THR A 1476 -17.18 18.82 -50.97
CA THR A 1476 -17.77 17.48 -50.96
C THR A 1476 -18.09 17.08 -49.53
N VAL A 1477 -19.31 16.61 -49.30
CA VAL A 1477 -19.81 16.37 -47.95
C VAL A 1477 -20.37 14.95 -47.87
N LEU A 1478 -19.85 14.17 -46.93
CA LEU A 1478 -20.44 12.89 -46.55
C LEU A 1478 -21.30 13.07 -45.32
N THR A 1479 -22.11 12.05 -45.03
CA THR A 1479 -23.02 12.11 -43.90
C THR A 1479 -23.45 10.70 -43.53
N ILE A 1480 -23.46 10.42 -42.23
CA ILE A 1480 -23.92 9.14 -41.70
C ILE A 1480 -25.38 9.26 -41.32
N ALA A 1481 -26.15 8.21 -41.59
CA ALA A 1481 -27.60 8.24 -41.47
C ALA A 1481 -28.01 7.80 -40.07
N HIS A 1482 -28.40 8.76 -39.24
CA HIS A 1482 -29.14 8.49 -38.02
C HIS A 1482 -30.54 9.09 -38.08
N ARG A 1483 -30.93 9.66 -39.21
CA ARG A 1483 -32.22 10.32 -39.36
C ARG A 1483 -32.53 10.41 -40.85
N LEU A 1484 -33.78 10.10 -41.20
CA LEU A 1484 -34.21 10.14 -42.59
C LEU A 1484 -34.85 11.47 -42.97
N ASN A 1485 -35.28 12.27 -42.00
CA ASN A 1485 -35.92 13.55 -42.31
C ASN A 1485 -34.93 14.53 -42.95
N THR A 1486 -33.70 14.58 -42.44
CA THR A 1486 -32.73 15.57 -42.90
C THR A 1486 -31.88 15.08 -44.06
N ILE A 1487 -32.02 13.83 -44.48
CA ILE A 1487 -31.25 13.31 -45.60
C ILE A 1487 -32.07 13.28 -46.89
N MET A 1488 -33.22 13.96 -46.90
CA MET A 1488 -34.01 14.13 -48.12
C MET A 1488 -33.62 15.39 -48.87
N ASP A 1489 -32.40 15.88 -48.68
CA ASP A 1489 -31.97 17.14 -49.26
C ASP A 1489 -30.72 17.04 -50.13
N TYR A 1490 -29.78 16.17 -49.79
CA TYR A 1490 -28.53 16.10 -50.54
C TYR A 1490 -28.77 15.64 -51.98
N THR A 1491 -27.85 16.04 -52.85
CA THR A 1491 -28.00 15.75 -54.28
C THR A 1491 -28.03 14.25 -54.54
N ARG A 1492 -27.12 13.50 -53.92
CA ARG A 1492 -27.02 12.06 -54.15
C ARG A 1492 -26.87 11.34 -52.82
N VAL A 1493 -27.17 10.04 -52.82
CA VAL A 1493 -27.18 9.23 -51.60
C VAL A 1493 -26.61 7.86 -51.92
N LEU A 1494 -25.71 7.39 -51.06
CA LEU A 1494 -25.19 6.02 -51.12
C LEU A 1494 -26.13 5.05 -50.44
N VAL A 1495 -26.36 3.91 -51.07
CA VAL A 1495 -27.09 2.80 -50.44
C VAL A 1495 -26.08 1.69 -50.17
N LEU A 1496 -25.97 1.27 -48.91
CA LEU A 1496 -24.95 0.31 -48.49
C LEU A 1496 -25.59 -0.78 -47.65
N ASP A 1497 -25.10 -2.01 -47.82
CA ASP A 1497 -25.58 -3.17 -47.07
C ASP A 1497 -24.38 -3.88 -46.44
N LYS A 1498 -23.94 -3.38 -45.28
CA LYS A 1498 -22.88 -4.00 -44.47
C LYS A 1498 -21.63 -4.33 -45.26
N GLY A 1499 -21.38 -3.62 -46.36
CA GLY A 1499 -20.18 -3.83 -47.14
C GLY A 1499 -20.39 -3.96 -48.64
N VAL A 1500 -21.62 -3.93 -49.16
CA VAL A 1500 -21.87 -4.01 -50.59
C VAL A 1500 -22.69 -2.79 -51.00
N VAL A 1501 -22.20 -2.07 -52.01
CA VAL A 1501 -22.89 -0.88 -52.49
C VAL A 1501 -24.11 -1.29 -53.33
N ALA A 1502 -25.15 -0.47 -53.30
CA ALA A 1502 -26.31 -0.68 -54.14
C ALA A 1502 -26.46 0.41 -55.21
N GLU A 1503 -26.49 1.68 -54.83
CA GLU A 1503 -26.68 2.74 -55.82
C GLU A 1503 -26.28 4.09 -55.23
N PHE A 1504 -26.06 5.04 -56.15
CA PHE A 1504 -25.90 6.48 -55.90
C PHE A 1504 -27.12 7.16 -56.51
N ASP A 1505 -28.07 7.59 -55.68
CA ASP A 1505 -29.25 8.24 -56.26
C ASP A 1505 -29.91 9.16 -55.24
N SER A 1506 -30.86 9.97 -55.74
CA SER A 1506 -31.62 10.91 -54.92
C SER A 1506 -32.73 10.21 -54.17
N PRO A 1507 -33.06 10.69 -52.96
CA PRO A 1507 -34.11 10.04 -52.17
C PRO A 1507 -35.46 9.99 -52.86
N ALA A 1508 -35.76 10.97 -53.72
CA ALA A 1508 -37.02 10.93 -54.44
C ALA A 1508 -37.08 9.74 -55.39
N ASN A 1509 -35.96 9.44 -56.07
CA ASN A 1509 -35.88 8.30 -56.97
C ASN A 1509 -35.66 6.97 -56.23
N LEU A 1510 -34.96 6.98 -55.10
CA LEU A 1510 -34.69 5.74 -54.38
C LEU A 1510 -35.96 5.09 -53.88
N ILE A 1511 -36.90 5.87 -53.34
CA ILE A 1511 -38.15 5.30 -52.87
C ILE A 1511 -38.98 4.77 -54.03
N ALA A 1512 -38.84 5.38 -55.21
CA ALA A 1512 -39.59 4.92 -56.37
C ALA A 1512 -39.20 3.50 -56.75
N ALA A 1513 -37.91 3.17 -56.69
CA ALA A 1513 -37.47 1.83 -57.01
C ALA A 1513 -37.96 0.79 -56.01
N ARG A 1514 -38.42 1.24 -54.83
CA ARG A 1514 -39.00 0.37 -53.81
C ARG A 1514 -37.99 -0.69 -53.36
N GLY A 1515 -36.86 -0.20 -52.85
CA GLY A 1515 -35.80 -1.07 -52.37
C GLY A 1515 -35.61 -1.02 -50.86
N ILE A 1516 -34.38 -1.26 -50.41
CA ILE A 1516 -34.08 -1.20 -48.98
C ILE A 1516 -34.25 0.23 -48.46
N PHE A 1517 -33.81 1.20 -49.26
CA PHE A 1517 -33.98 2.60 -48.87
C PHE A 1517 -35.45 2.94 -48.65
N TYR A 1518 -36.31 2.55 -49.60
CA TYR A 1518 -37.73 2.80 -49.44
C TYR A 1518 -38.29 2.06 -48.23
N GLY A 1519 -37.85 0.82 -48.01
CA GLY A 1519 -38.32 0.08 -46.86
C GLY A 1519 -38.00 0.76 -45.54
N MET A 1520 -36.77 1.25 -45.40
CA MET A 1520 -36.39 1.90 -44.15
C MET A 1520 -36.99 3.29 -44.04
N ALA A 1521 -37.22 3.97 -45.16
CA ALA A 1521 -37.92 5.26 -45.10
C ALA A 1521 -39.37 5.07 -44.69
N ARG A 1522 -39.99 3.97 -45.11
CA ARG A 1522 -41.35 3.66 -44.71
C ARG A 1522 -41.43 3.18 -43.28
N ASP A 1523 -40.42 2.45 -42.81
CA ASP A 1523 -40.41 1.98 -41.43
C ASP A 1523 -40.36 3.14 -40.44
N ALA A 1524 -39.90 4.31 -40.88
CA ALA A 1524 -39.90 5.51 -40.07
C ALA A 1524 -41.19 6.31 -40.17
N GLY A 1525 -42.18 5.80 -40.91
CA GLY A 1525 -43.43 6.52 -41.08
C GLY A 1525 -43.36 7.68 -42.05
N LEU A 1526 -42.36 7.68 -42.94
CA LEU A 1526 -42.19 8.75 -43.90
C LEU A 1526 -42.27 8.29 -45.36
N ALA A 1527 -42.14 6.99 -45.63
CA ALA A 1527 -42.22 6.44 -46.98
C ALA A 1527 -41.17 7.03 -47.92
#